data_2JNS
#
_entry.id   2JNS
#
_cell.length_a   1.000
_cell.length_b   1.000
_cell.length_c   1.000
_cell.angle_alpha   90.00
_cell.angle_beta   90.00
_cell.angle_gamma   90.00
#
_symmetry.space_group_name_H-M   'P 1'
#
_entity_poly.entity_id   1
_entity_poly.type   'polypeptide(L)'
_entity_poly.pdbx_seq_one_letter_code
;GSSGSSGESEEEDKCKPMSYEEKRQLSLDINKLPGEKLGRVVHIIQSREPSLKNSNPDEIEIDFETLKPSTLRELERYVT
SCLRKKRKPQ
;
_entity_poly.pdbx_strand_id   A
#
# COMPACT_ATOMS: atom_id res chain seq x y z
N GLY A 1 24.08 -0.17 -28.16
CA GLY A 1 24.95 -0.71 -29.23
C GLY A 1 25.65 0.47 -29.87
N SER A 2 25.76 0.51 -31.19
CA SER A 2 26.39 1.64 -31.90
C SER A 2 25.63 2.94 -31.58
N SER A 3 24.35 2.80 -31.26
CA SER A 3 23.40 3.84 -30.90
C SER A 3 22.64 3.33 -29.66
N GLY A 4 21.88 4.22 -29.03
CA GLY A 4 21.06 4.00 -27.85
C GLY A 4 20.29 5.30 -27.59
N SER A 5 19.30 5.29 -26.69
CA SER A 5 18.48 6.45 -26.33
C SER A 5 17.73 6.16 -25.03
N SER A 6 17.27 7.22 -24.37
CA SER A 6 16.51 7.20 -23.13
C SER A 6 15.41 8.26 -23.22
N GLY A 7 14.69 8.51 -22.13
CA GLY A 7 13.60 9.49 -22.06
C GLY A 7 12.29 8.86 -21.55
N GLU A 8 12.34 7.62 -21.08
CA GLU A 8 11.16 6.91 -20.57
C GLU A 8 10.84 7.47 -19.18
N SER A 9 9.58 7.85 -18.97
CA SER A 9 9.07 8.41 -17.73
C SER A 9 9.03 7.40 -16.57
N GLU A 10 9.30 6.12 -16.80
CA GLU A 10 9.25 5.11 -15.75
C GLU A 10 10.26 5.41 -14.63
N GLU A 11 11.52 5.67 -15.02
CA GLU A 11 12.62 5.92 -14.10
C GLU A 11 12.47 7.17 -13.22
N GLU A 12 11.84 8.23 -13.71
CA GLU A 12 11.65 9.47 -12.97
C GLU A 12 10.44 9.47 -12.03
N ASP A 13 9.58 8.43 -12.06
CA ASP A 13 8.38 8.38 -11.21
C ASP A 13 8.20 7.04 -10.48
N LYS A 14 9.30 6.29 -10.33
CA LYS A 14 9.38 4.98 -9.68
C LYS A 14 8.54 4.90 -8.41
N CYS A 15 8.67 5.87 -7.50
CA CYS A 15 7.90 5.95 -6.26
C CYS A 15 8.20 7.26 -5.54
N LYS A 16 7.20 8.14 -5.41
CA LYS A 16 7.35 9.42 -4.71
C LYS A 16 7.44 9.15 -3.18
N PRO A 17 8.00 10.06 -2.37
CA PRO A 17 8.12 9.90 -0.92
C PRO A 17 6.75 9.87 -0.24
N MET A 18 6.70 9.48 1.03
CA MET A 18 5.46 9.39 1.81
C MET A 18 5.65 10.20 3.08
N SER A 19 4.81 11.20 3.27
CA SER A 19 4.83 12.07 4.43
C SER A 19 4.27 11.36 5.66
N TYR A 20 4.44 11.94 6.84
CA TYR A 20 3.91 11.37 8.08
C TYR A 20 2.38 11.29 7.97
N GLU A 21 1.77 12.32 7.39
CA GLU A 21 0.32 12.40 7.19
C GLU A 21 -0.18 11.31 6.25
N GLU A 22 0.62 10.90 5.25
CA GLU A 22 0.26 9.86 4.30
C GLU A 22 0.20 8.55 5.08
N LYS A 23 1.30 8.25 5.78
CA LYS A 23 1.44 7.05 6.57
C LYS A 23 0.29 6.96 7.58
N ARG A 24 -0.04 8.07 8.26
CA ARG A 24 -1.13 8.07 9.21
C ARG A 24 -2.46 7.86 8.49
N GLN A 25 -2.77 8.58 7.41
CA GLN A 25 -4.03 8.42 6.67
C GLN A 25 -4.21 6.96 6.25
N LEU A 26 -3.16 6.33 5.75
CA LEU A 26 -3.18 4.94 5.33
C LEU A 26 -3.58 4.05 6.52
N SER A 27 -3.13 4.38 7.74
CA SER A 27 -3.45 3.66 8.96
C SER A 27 -4.96 3.74 9.21
N LEU A 28 -5.60 4.90 9.02
CA LEU A 28 -7.03 5.07 9.26
C LEU A 28 -7.79 4.12 8.36
N ASP A 29 -7.56 4.18 7.04
CA ASP A 29 -8.26 3.33 6.08
C ASP A 29 -7.96 1.85 6.37
N ILE A 30 -6.74 1.50 6.81
CA ILE A 30 -6.38 0.13 7.16
C ILE A 30 -7.26 -0.27 8.34
N ASN A 31 -7.47 0.62 9.31
CA ASN A 31 -8.28 0.40 10.51
C ASN A 31 -9.77 0.24 10.16
N LYS A 32 -10.20 0.58 8.93
CA LYS A 32 -11.58 0.42 8.50
C LYS A 32 -11.78 -0.95 7.85
N LEU A 33 -10.72 -1.73 7.60
CA LEU A 33 -10.84 -3.03 6.96
C LEU A 33 -11.40 -4.12 7.86
N PRO A 34 -12.27 -4.99 7.31
CA PRO A 34 -12.81 -6.10 8.07
C PRO A 34 -11.66 -7.09 8.30
N GLY A 35 -11.74 -7.91 9.35
CA GLY A 35 -10.72 -8.89 9.70
C GLY A 35 -10.24 -9.75 8.53
N GLU A 36 -11.16 -10.37 7.77
CA GLU A 36 -10.80 -11.22 6.63
C GLU A 36 -10.09 -10.45 5.52
N LYS A 37 -10.25 -9.12 5.43
CA LYS A 37 -9.57 -8.32 4.40
C LYS A 37 -8.33 -7.65 4.96
N LEU A 38 -8.20 -7.52 6.28
CA LEU A 38 -7.05 -6.90 6.91
C LEU A 38 -5.83 -7.81 6.79
N GLY A 39 -5.94 -9.12 6.98
CA GLY A 39 -4.81 -10.04 6.85
C GLY A 39 -4.20 -10.08 5.44
N ARG A 40 -4.78 -9.36 4.47
CA ARG A 40 -4.21 -9.29 3.13
C ARG A 40 -3.22 -8.12 3.06
N VAL A 41 -3.32 -7.16 3.99
CA VAL A 41 -2.47 -5.98 4.11
C VAL A 41 -1.04 -6.47 4.37
N VAL A 42 -0.84 -7.29 5.40
CA VAL A 42 0.48 -7.84 5.77
C VAL A 42 1.20 -8.51 4.59
N HIS A 43 0.47 -9.19 3.70
CA HIS A 43 1.04 -9.86 2.53
C HIS A 43 1.67 -8.84 1.58
N ILE A 44 1.20 -7.60 1.58
CA ILE A 44 1.76 -6.55 0.73
C ILE A 44 3.16 -6.24 1.25
N ILE A 45 3.36 -6.16 2.57
CA ILE A 45 4.69 -5.90 3.11
C ILE A 45 5.60 -7.06 2.73
N GLN A 46 5.16 -8.33 2.83
CA GLN A 46 6.01 -9.47 2.46
C GLN A 46 6.47 -9.37 1.00
N SER A 47 5.71 -8.68 0.15
CA SER A 47 6.04 -8.49 -1.26
C SER A 47 7.24 -7.54 -1.40
N ARG A 48 7.59 -6.78 -0.36
CA ARG A 48 8.68 -5.83 -0.32
C ARG A 48 9.78 -6.25 0.63
N GLU A 49 9.45 -6.97 1.69
CA GLU A 49 10.38 -7.41 2.70
C GLU A 49 10.64 -8.91 2.59
N PRO A 50 11.71 -9.34 1.91
CA PRO A 50 12.01 -10.76 1.83
C PRO A 50 12.33 -11.28 3.23
N SER A 51 12.82 -10.41 4.11
CA SER A 51 13.14 -10.71 5.49
C SER A 51 11.90 -11.06 6.31
N LEU A 52 10.70 -10.67 5.87
CA LEU A 52 9.41 -10.92 6.52
C LEU A 52 8.57 -11.96 5.76
N LYS A 53 9.00 -12.45 4.60
CA LYS A 53 8.26 -13.43 3.79
C LYS A 53 8.11 -14.83 4.41
N ASN A 54 8.73 -15.11 5.56
CA ASN A 54 8.66 -16.42 6.22
C ASN A 54 8.08 -16.28 7.63
N SER A 55 7.49 -15.12 7.95
CA SER A 55 6.89 -14.81 9.23
C SER A 55 5.37 -14.98 9.15
N ASN A 56 4.73 -15.16 10.30
CA ASN A 56 3.27 -15.33 10.38
C ASN A 56 2.60 -13.97 10.16
N PRO A 57 1.40 -13.87 9.59
CA PRO A 57 0.74 -12.59 9.36
C PRO A 57 0.36 -11.89 10.66
N ASP A 58 0.26 -12.65 11.75
CA ASP A 58 -0.09 -12.22 13.10
C ASP A 58 1.16 -11.96 13.97
N GLU A 59 2.35 -12.05 13.39
CA GLU A 59 3.64 -11.82 14.07
C GLU A 59 4.38 -10.65 13.37
N ILE A 60 3.77 -10.02 12.36
CA ILE A 60 4.32 -8.90 11.61
C ILE A 60 3.61 -7.62 11.99
N GLU A 61 4.34 -6.71 12.63
CA GLU A 61 3.84 -5.40 13.02
C GLU A 61 4.11 -4.47 11.83
N ILE A 62 3.22 -3.53 11.56
CA ILE A 62 3.35 -2.60 10.46
C ILE A 62 3.89 -1.29 11.04
N ASP A 63 5.18 -1.07 10.81
CA ASP A 63 6.01 0.06 11.22
C ASP A 63 6.21 0.97 10.01
N PHE A 64 5.39 2.02 9.90
CA PHE A 64 5.44 2.95 8.76
C PHE A 64 6.73 3.76 8.78
N GLU A 65 7.32 3.78 9.96
CA GLU A 65 8.52 4.42 10.35
C GLU A 65 9.79 3.69 9.87
N THR A 66 9.70 2.40 9.47
CA THR A 66 10.87 1.67 8.97
C THR A 66 10.63 1.21 7.53
N LEU A 67 9.36 1.11 7.12
CA LEU A 67 9.00 0.67 5.78
C LEU A 67 9.32 1.73 4.74
N LYS A 68 9.52 1.27 3.50
CA LYS A 68 9.85 2.14 2.38
C LYS A 68 8.61 2.84 1.83
N PRO A 69 8.79 4.01 1.18
CA PRO A 69 7.70 4.77 0.59
C PRO A 69 6.94 3.97 -0.47
N SER A 70 7.64 3.14 -1.24
CA SER A 70 7.06 2.32 -2.28
C SER A 70 6.06 1.32 -1.69
N THR A 71 6.40 0.73 -0.54
CA THR A 71 5.55 -0.24 0.14
C THR A 71 4.22 0.40 0.51
N LEU A 72 4.28 1.60 1.09
CA LEU A 72 3.10 2.34 1.50
C LEU A 72 2.23 2.64 0.27
N ARG A 73 2.82 3.01 -0.88
CA ARG A 73 2.04 3.30 -2.08
C ARG A 73 1.25 2.06 -2.54
N GLU A 74 1.79 0.86 -2.36
CA GLU A 74 1.08 -0.36 -2.74
C GLU A 74 -0.07 -0.61 -1.75
N LEU A 75 0.18 -0.42 -0.46
CA LEU A 75 -0.79 -0.60 0.60
C LEU A 75 -1.95 0.39 0.40
N GLU A 76 -1.63 1.65 0.10
CA GLU A 76 -2.59 2.72 -0.16
C GLU A 76 -3.52 2.34 -1.32
N ARG A 77 -2.99 1.68 -2.36
CA ARG A 77 -3.78 1.26 -3.49
C ARG A 77 -4.79 0.21 -3.06
N TYR A 78 -4.38 -0.72 -2.21
CA TYR A 78 -5.25 -1.78 -1.72
C TYR A 78 -6.47 -1.20 -1.00
N VAL A 79 -6.27 -0.29 -0.04
CA VAL A 79 -7.37 0.30 0.70
C VAL A 79 -8.24 1.19 -0.18
N THR A 80 -7.65 2.09 -0.95
CA THR A 80 -8.40 3.02 -1.79
C THR A 80 -9.17 2.30 -2.91
N SER A 81 -8.75 1.10 -3.32
CA SER A 81 -9.45 0.30 -4.33
C SER A 81 -10.42 -0.68 -3.66
N CYS A 82 -10.37 -0.84 -2.33
CA CYS A 82 -11.25 -1.72 -1.55
C CYS A 82 -12.47 -0.90 -1.14
N LEU A 83 -12.23 0.22 -0.46
CA LEU A 83 -13.25 1.14 0.04
C LEU A 83 -13.87 1.98 -1.07
N ARG A 84 -13.20 2.11 -2.21
CA ARG A 84 -13.63 2.90 -3.36
C ARG A 84 -13.15 2.20 -4.64
N LYS A 85 -13.56 2.67 -5.81
CA LYS A 85 -13.19 2.14 -7.13
C LYS A 85 -13.47 3.22 -8.17
N LYS A 86 -13.01 3.02 -9.42
CA LYS A 86 -13.19 3.97 -10.51
C LYS A 86 -13.83 3.24 -11.68
N ARG A 87 -15.17 3.18 -11.73
CA ARG A 87 -15.87 2.52 -12.83
C ARG A 87 -17.17 3.26 -13.10
N LYS A 88 -17.53 3.41 -14.37
CA LYS A 88 -18.75 4.05 -14.83
C LYS A 88 -19.40 3.08 -15.81
N PRO A 89 -20.10 2.05 -15.32
CA PRO A 89 -20.76 1.08 -16.17
C PRO A 89 -22.01 1.70 -16.80
N GLN A 90 -22.65 0.95 -17.70
CA GLN A 90 -23.88 1.30 -18.39
C GLN A 90 -24.64 -0.02 -18.33
N GLY A 1 20.55 27.05 -29.85
CA GLY A 1 19.34 26.73 -29.07
C GLY A 1 19.66 25.58 -28.13
N SER A 2 18.65 24.83 -27.69
CA SER A 2 18.81 23.68 -26.80
C SER A 2 19.85 22.74 -27.43
N SER A 3 20.92 22.44 -26.71
CA SER A 3 22.01 21.58 -27.16
C SER A 3 22.32 20.63 -26.00
N GLY A 4 22.83 19.43 -26.29
CA GLY A 4 23.15 18.46 -25.25
C GLY A 4 21.90 17.87 -24.59
N SER A 5 20.71 18.07 -25.18
CA SER A 5 19.42 17.58 -24.71
C SER A 5 19.46 16.06 -24.53
N SER A 6 19.62 15.58 -23.30
CA SER A 6 19.69 14.17 -22.91
C SER A 6 19.50 14.08 -21.39
N GLY A 7 19.48 12.86 -20.85
CA GLY A 7 19.33 12.55 -19.43
C GLY A 7 17.87 12.22 -19.08
N GLU A 8 17.68 11.38 -18.07
CA GLU A 8 16.39 10.92 -17.56
C GLU A 8 16.56 10.55 -16.07
N SER A 9 15.45 10.42 -15.34
CA SER A 9 15.37 10.04 -13.93
C SER A 9 14.18 9.08 -13.71
N GLU A 10 13.66 8.49 -14.79
CA GLU A 10 12.53 7.56 -14.76
C GLU A 10 12.74 6.41 -13.77
N GLU A 11 13.93 5.81 -13.85
CA GLU A 11 14.39 4.69 -13.04
C GLU A 11 14.97 5.16 -11.70
N GLU A 12 15.08 6.47 -11.47
CA GLU A 12 15.64 7.04 -10.24
C GLU A 12 14.55 7.52 -9.27
N ASP A 13 13.45 8.06 -9.78
CA ASP A 13 12.33 8.58 -8.97
C ASP A 13 11.10 7.68 -9.12
N LYS A 14 11.32 6.37 -9.15
CA LYS A 14 10.30 5.31 -9.30
C LYS A 14 9.11 5.37 -8.33
N CYS A 15 9.23 6.08 -7.22
CA CYS A 15 8.20 6.27 -6.20
C CYS A 15 8.45 7.64 -5.56
N LYS A 16 7.43 8.18 -4.89
CA LYS A 16 7.49 9.46 -4.20
C LYS A 16 7.62 9.20 -2.70
N PRO A 17 8.20 10.13 -1.94
CA PRO A 17 8.35 9.96 -0.50
C PRO A 17 6.96 10.05 0.13
N MET A 18 6.76 9.33 1.24
CA MET A 18 5.49 9.29 1.97
C MET A 18 5.59 10.17 3.22
N SER A 19 4.72 11.16 3.33
CA SER A 19 4.70 12.07 4.47
C SER A 19 3.97 11.40 5.64
N TYR A 20 4.15 11.98 6.83
CA TYR A 20 3.54 11.55 8.07
C TYR A 20 2.03 11.52 7.90
N GLU A 21 1.49 12.52 7.24
CA GLU A 21 0.07 12.71 6.97
C GLU A 21 -0.48 11.57 6.12
N GLU A 22 0.28 11.16 5.12
CA GLU A 22 -0.09 10.08 4.22
C GLU A 22 -0.03 8.77 4.97
N LYS A 23 1.08 8.50 5.67
CA LYS A 23 1.28 7.30 6.47
C LYS A 23 0.12 7.12 7.47
N ARG A 24 -0.27 8.20 8.16
CA ARG A 24 -1.35 8.19 9.14
C ARG A 24 -2.67 7.94 8.43
N GLN A 25 -3.01 8.70 7.39
CA GLN A 25 -4.27 8.51 6.68
C GLN A 25 -4.42 7.08 6.17
N LEU A 26 -3.35 6.50 5.64
CA LEU A 26 -3.33 5.12 5.13
C LEU A 26 -3.74 4.18 6.26
N SER A 27 -3.18 4.40 7.45
CA SER A 27 -3.46 3.60 8.64
C SER A 27 -4.95 3.73 9.01
N LEU A 28 -5.54 4.93 8.94
CA LEU A 28 -6.95 5.14 9.26
C LEU A 28 -7.80 4.31 8.30
N ASP A 29 -7.50 4.34 7.01
CA ASP A 29 -8.24 3.57 6.01
C ASP A 29 -8.06 2.07 6.26
N ILE A 30 -6.88 1.64 6.73
CA ILE A 30 -6.59 0.25 7.04
C ILE A 30 -7.48 -0.16 8.22
N ASN A 31 -7.60 0.70 9.25
CA ASN A 31 -8.40 0.44 10.44
C ASN A 31 -9.87 0.23 10.11
N LYS A 32 -10.38 0.73 8.98
CA LYS A 32 -11.78 0.57 8.58
C LYS A 32 -12.05 -0.81 7.96
N LEU A 33 -11.05 -1.69 7.84
CA LEU A 33 -11.22 -3.01 7.26
C LEU A 33 -11.53 -4.09 8.29
N PRO A 34 -12.21 -5.17 7.85
CA PRO A 34 -12.53 -6.31 8.70
C PRO A 34 -11.24 -7.12 8.87
N GLY A 35 -11.15 -7.97 9.90
CA GLY A 35 -9.97 -8.79 10.13
C GLY A 35 -9.68 -9.70 8.94
N GLU A 36 -10.73 -10.24 8.30
CA GLU A 36 -10.61 -11.11 7.14
C GLU A 36 -9.91 -10.41 5.95
N LYS A 37 -9.93 -9.07 5.88
CA LYS A 37 -9.25 -8.35 4.79
C LYS A 37 -7.96 -7.72 5.29
N LEU A 38 -7.85 -7.45 6.60
CA LEU A 38 -6.64 -6.87 7.19
C LEU A 38 -5.53 -7.88 6.98
N GLY A 39 -5.77 -9.17 7.23
CA GLY A 39 -4.78 -10.22 7.06
C GLY A 39 -4.23 -10.37 5.63
N ARG A 40 -4.74 -9.64 4.64
CA ARG A 40 -4.24 -9.66 3.27
C ARG A 40 -3.25 -8.50 3.08
N VAL A 41 -3.34 -7.46 3.92
CA VAL A 41 -2.46 -6.30 3.88
C VAL A 41 -1.03 -6.77 4.14
N VAL A 42 -0.83 -7.65 5.13
CA VAL A 42 0.49 -8.17 5.48
C VAL A 42 1.21 -8.81 4.29
N HIS A 43 0.48 -9.42 3.36
CA HIS A 43 1.04 -10.08 2.19
C HIS A 43 1.63 -9.08 1.21
N ILE A 44 1.17 -7.81 1.21
CA ILE A 44 1.69 -6.81 0.31
C ILE A 44 3.15 -6.54 0.71
N ILE A 45 3.36 -6.24 2.01
CA ILE A 45 4.67 -5.97 2.57
C ILE A 45 5.57 -7.19 2.37
N GLN A 46 5.08 -8.43 2.49
CA GLN A 46 5.89 -9.62 2.30
C GLN A 46 6.50 -9.68 0.89
N SER A 47 5.95 -8.96 -0.09
CA SER A 47 6.51 -8.94 -1.45
C SER A 47 7.69 -7.96 -1.49
N ARG A 48 7.81 -7.03 -0.54
CA ARG A 48 8.89 -6.05 -0.43
C ARG A 48 9.96 -6.53 0.54
N GLU A 49 9.57 -7.18 1.62
CA GLU A 49 10.45 -7.68 2.67
C GLU A 49 10.67 -9.19 2.54
N PRO A 50 11.73 -9.64 1.85
CA PRO A 50 12.00 -11.07 1.71
C PRO A 50 12.26 -11.76 3.05
N SER A 51 12.60 -11.02 4.12
CA SER A 51 12.83 -11.59 5.44
C SER A 51 11.48 -11.88 6.09
N LEU A 52 10.63 -10.86 6.20
CA LEU A 52 9.30 -10.96 6.80
C LEU A 52 8.40 -11.89 5.98
N LYS A 53 8.75 -12.20 4.74
CA LYS A 53 7.98 -13.12 3.90
C LYS A 53 7.91 -14.49 4.58
N ASN A 54 8.96 -14.88 5.30
CA ASN A 54 9.04 -16.16 5.99
C ASN A 54 8.55 -16.08 7.44
N SER A 55 7.87 -15.00 7.83
CA SER A 55 7.32 -14.77 9.17
C SER A 55 5.81 -15.01 9.12
N ASN A 56 5.19 -15.31 10.27
CA ASN A 56 3.75 -15.54 10.37
C ASN A 56 3.05 -14.18 10.25
N PRO A 57 1.83 -14.06 9.70
CA PRO A 57 1.18 -12.76 9.56
C PRO A 57 0.83 -12.14 10.92
N ASP A 58 0.47 -12.97 11.90
CA ASP A 58 0.10 -12.51 13.23
C ASP A 58 1.32 -11.97 14.00
N GLU A 59 2.54 -12.20 13.52
CA GLU A 59 3.79 -11.76 14.16
C GLU A 59 4.36 -10.48 13.54
N ILE A 60 3.85 -10.07 12.37
CA ILE A 60 4.35 -8.90 11.67
C ILE A 60 3.58 -7.64 12.08
N GLU A 61 4.28 -6.75 12.78
CA GLU A 61 3.79 -5.46 13.26
C GLU A 61 3.85 -4.45 12.10
N ILE A 62 2.76 -3.72 11.84
CA ILE A 62 2.70 -2.71 10.78
C ILE A 62 3.34 -1.46 11.35
N ASP A 63 4.41 -0.96 10.72
CA ASP A 63 5.05 0.25 11.15
C ASP A 63 5.26 1.12 9.93
N PHE A 64 4.94 2.40 10.00
CA PHE A 64 5.07 3.29 8.85
C PHE A 64 6.42 3.98 8.82
N GLU A 65 7.18 3.85 9.91
CA GLU A 65 8.47 4.47 10.04
C GLU A 65 9.63 3.63 9.48
N THR A 66 9.45 2.31 9.35
CA THR A 66 10.48 1.42 8.82
C THR A 66 10.19 0.99 7.38
N LEU A 67 8.91 0.93 7.00
CA LEU A 67 8.51 0.52 5.67
C LEU A 67 8.96 1.55 4.64
N LYS A 68 9.49 1.08 3.51
CA LYS A 68 9.94 1.96 2.44
C LYS A 68 8.75 2.69 1.84
N PRO A 69 8.96 3.86 1.19
CA PRO A 69 7.88 4.62 0.58
C PRO A 69 7.16 3.80 -0.47
N SER A 70 7.92 3.04 -1.25
CA SER A 70 7.41 2.18 -2.30
C SER A 70 6.45 1.12 -1.74
N THR A 71 6.73 0.62 -0.54
CA THR A 71 5.91 -0.38 0.12
C THR A 71 4.54 0.24 0.41
N LEU A 72 4.52 1.37 1.12
CA LEU A 72 3.28 2.07 1.48
C LEU A 72 2.49 2.48 0.26
N ARG A 73 3.14 2.84 -0.86
CA ARG A 73 2.44 3.25 -2.07
C ARG A 73 1.49 2.17 -2.59
N GLU A 74 1.78 0.88 -2.33
CA GLU A 74 0.90 -0.20 -2.76
C GLU A 74 -0.22 -0.41 -1.75
N LEU A 75 0.05 -0.16 -0.46
CA LEU A 75 -0.91 -0.31 0.63
C LEU A 75 -2.04 0.68 0.39
N GLU A 76 -1.67 1.92 0.06
CA GLU A 76 -2.59 3.02 -0.23
C GLU A 76 -3.49 2.63 -1.40
N ARG A 77 -2.89 2.00 -2.42
CA ARG A 77 -3.61 1.59 -3.60
C ARG A 77 -4.67 0.56 -3.23
N TYR A 78 -4.35 -0.40 -2.37
CA TYR A 78 -5.26 -1.45 -1.95
C TYR A 78 -6.45 -0.84 -1.19
N VAL A 79 -6.22 -0.02 -0.15
CA VAL A 79 -7.32 0.62 0.59
C VAL A 79 -8.22 1.39 -0.37
N THR A 80 -7.61 2.22 -1.23
CA THR A 80 -8.32 3.03 -2.23
C THR A 80 -9.12 2.12 -3.19
N SER A 81 -8.78 0.85 -3.34
CA SER A 81 -9.46 -0.07 -4.24
C SER A 81 -10.64 -0.80 -3.57
N CYS A 82 -10.61 -0.94 -2.24
CA CYS A 82 -11.66 -1.60 -1.47
C CYS A 82 -12.69 -0.58 -0.97
N LEU A 83 -12.27 0.65 -0.69
CA LEU A 83 -13.12 1.72 -0.21
C LEU A 83 -13.80 2.45 -1.35
N ARG A 84 -13.02 3.01 -2.27
CA ARG A 84 -13.52 3.77 -3.41
C ARG A 84 -13.93 2.84 -4.54
N LYS A 85 -14.85 3.29 -5.40
CA LYS A 85 -15.28 2.45 -6.52
C LYS A 85 -14.29 2.56 -7.69
N LYS A 86 -13.92 3.79 -8.08
CA LYS A 86 -12.98 3.97 -9.18
C LYS A 86 -11.55 3.85 -8.67
N ARG A 87 -10.58 3.64 -9.56
CA ARG A 87 -9.17 3.51 -9.21
C ARG A 87 -8.31 3.98 -10.38
N LYS A 88 -7.09 4.43 -10.08
CA LYS A 88 -6.12 4.90 -11.04
C LYS A 88 -4.77 4.28 -10.65
N PRO A 89 -4.49 3.03 -11.05
CA PRO A 89 -3.23 2.35 -10.76
C PRO A 89 -2.16 2.91 -11.71
N GLN A 90 -1.02 2.23 -11.85
CA GLN A 90 0.06 2.62 -12.75
C GLN A 90 0.47 1.34 -13.44
N GLY A 1 4.39 -10.60 -32.58
CA GLY A 1 2.96 -10.59 -32.23
C GLY A 1 2.58 -9.20 -31.75
N SER A 2 1.40 -9.07 -31.14
CA SER A 2 0.91 -7.80 -30.64
C SER A 2 1.75 -7.35 -29.43
N SER A 3 1.93 -8.24 -28.45
CA SER A 3 2.72 -7.98 -27.24
C SER A 3 4.20 -7.98 -27.61
N GLY A 4 5.03 -7.31 -26.82
CA GLY A 4 6.46 -7.24 -27.10
C GLY A 4 7.25 -6.33 -26.15
N SER A 5 6.78 -6.12 -24.92
CA SER A 5 7.39 -5.29 -23.87
C SER A 5 8.93 -5.28 -23.97
N SER A 6 9.57 -6.43 -23.74
CA SER A 6 11.03 -6.60 -23.80
C SER A 6 11.80 -5.70 -22.82
N GLY A 7 11.14 -5.25 -21.75
CA GLY A 7 11.70 -4.41 -20.71
C GLY A 7 10.78 -3.24 -20.46
N GLU A 8 11.34 -2.03 -20.57
CA GLU A 8 10.69 -0.73 -20.39
C GLU A 8 9.95 -0.59 -19.04
N SER A 9 10.27 -1.47 -18.09
CA SER A 9 9.71 -1.50 -16.75
C SER A 9 10.34 -0.41 -15.87
N GLU A 10 11.32 0.33 -16.41
CA GLU A 10 12.03 1.42 -15.75
C GLU A 10 11.10 2.60 -15.47
N GLU A 11 9.93 2.67 -16.10
CA GLU A 11 8.97 3.73 -15.89
C GLU A 11 7.87 3.24 -14.95
N GLU A 12 7.57 1.94 -14.96
CA GLU A 12 6.55 1.35 -14.11
C GLU A 12 6.98 1.47 -12.65
N ASP A 13 8.21 1.08 -12.31
CA ASP A 13 8.68 1.16 -10.93
C ASP A 13 9.13 2.58 -10.53
N LYS A 14 8.15 3.46 -10.36
CA LYS A 14 8.31 4.84 -9.93
C LYS A 14 7.45 5.01 -8.69
N CYS A 15 7.83 5.92 -7.82
CA CYS A 15 7.14 6.21 -6.57
C CYS A 15 7.50 7.63 -6.14
N LYS A 16 6.95 8.02 -5.00
CA LYS A 16 7.13 9.32 -4.35
C LYS A 16 7.33 9.07 -2.86
N PRO A 17 8.00 9.98 -2.14
CA PRO A 17 8.19 9.85 -0.71
C PRO A 17 6.81 10.05 -0.08
N MET A 18 6.62 9.53 1.13
CA MET A 18 5.36 9.60 1.86
C MET A 18 5.59 10.39 3.14
N SER A 19 4.73 11.37 3.43
CA SER A 19 4.84 12.18 4.64
C SER A 19 4.04 11.53 5.77
N TYR A 20 4.20 12.04 7.00
CA TYR A 20 3.51 11.53 8.17
C TYR A 20 1.99 11.55 8.02
N GLU A 21 1.39 12.61 7.47
CA GLU A 21 -0.06 12.64 7.34
C GLU A 21 -0.55 11.54 6.40
N GLU A 22 0.23 11.20 5.38
CA GLU A 22 -0.11 10.16 4.40
C GLU A 22 0.01 8.81 5.06
N LYS A 23 1.11 8.58 5.77
CA LYS A 23 1.38 7.33 6.47
C LYS A 23 0.23 7.05 7.42
N ARG A 24 -0.12 8.06 8.22
CA ARG A 24 -1.21 7.98 9.17
C ARG A 24 -2.51 7.73 8.43
N GLN A 25 -2.87 8.51 7.41
CA GLN A 25 -4.11 8.29 6.67
C GLN A 25 -4.25 6.84 6.20
N LEU A 26 -3.17 6.24 5.69
CA LEU A 26 -3.20 4.85 5.23
C LEU A 26 -3.62 3.93 6.38
N SER A 27 -3.08 4.17 7.58
CA SER A 27 -3.37 3.41 8.78
C SER A 27 -4.86 3.53 9.12
N LEU A 28 -5.45 4.74 9.07
CA LEU A 28 -6.86 4.94 9.36
C LEU A 28 -7.75 4.15 8.42
N ASP A 29 -7.44 4.16 7.13
CA ASP A 29 -8.21 3.43 6.14
C ASP A 29 -8.00 1.92 6.37
N ILE A 30 -6.80 1.48 6.76
CA ILE A 30 -6.51 0.08 7.06
C ILE A 30 -7.42 -0.38 8.23
N ASN A 31 -7.67 0.50 9.20
CA ASN A 31 -8.52 0.19 10.35
C ASN A 31 -9.97 -0.04 9.91
N LYS A 32 -10.39 0.47 8.75
CA LYS A 32 -11.75 0.28 8.23
C LYS A 32 -11.94 -1.11 7.61
N LEU A 33 -10.85 -1.79 7.23
CA LEU A 33 -10.93 -3.12 6.63
C LEU A 33 -11.38 -4.16 7.67
N PRO A 34 -12.18 -5.16 7.27
CA PRO A 34 -12.62 -6.20 8.18
C PRO A 34 -11.44 -7.12 8.52
N GLY A 35 -11.51 -7.79 9.67
CA GLY A 35 -10.46 -8.69 10.14
C GLY A 35 -10.15 -9.74 9.08
N GLU A 36 -11.18 -10.37 8.49
CA GLU A 36 -11.03 -11.40 7.47
C GLU A 36 -10.28 -10.95 6.20
N LYS A 37 -10.23 -9.64 5.89
CA LYS A 37 -9.51 -9.14 4.71
C LYS A 37 -8.20 -8.48 5.11
N LEU A 38 -8.02 -8.11 6.37
CA LEU A 38 -6.81 -7.46 6.85
C LEU A 38 -5.57 -8.25 6.49
N GLY A 39 -5.56 -9.57 6.62
CA GLY A 39 -4.40 -10.41 6.30
C GLY A 39 -3.95 -10.30 4.85
N ARG A 40 -4.73 -9.70 3.93
CA ARG A 40 -4.24 -9.54 2.57
C ARG A 40 -3.26 -8.37 2.55
N VAL A 41 -3.39 -7.41 3.47
CA VAL A 41 -2.55 -6.23 3.59
C VAL A 41 -1.11 -6.65 3.88
N VAL A 42 -0.88 -7.46 4.93
CA VAL A 42 0.47 -7.92 5.30
C VAL A 42 1.19 -8.60 4.14
N HIS A 43 0.45 -9.32 3.28
CA HIS A 43 1.04 -10.01 2.14
C HIS A 43 1.67 -8.99 1.18
N ILE A 44 1.18 -7.75 1.12
CA ILE A 44 1.74 -6.72 0.27
C ILE A 44 3.12 -6.36 0.84
N ILE A 45 3.24 -6.17 2.16
CA ILE A 45 4.54 -5.86 2.76
C ILE A 45 5.47 -7.05 2.54
N GLN A 46 5.01 -8.29 2.71
CA GLN A 46 5.84 -9.48 2.51
C GLN A 46 6.41 -9.53 1.08
N SER A 47 5.78 -8.87 0.10
CA SER A 47 6.29 -8.83 -1.27
C SER A 47 7.56 -7.97 -1.30
N ARG A 48 7.66 -6.97 -0.43
CA ARG A 48 8.78 -6.05 -0.32
C ARG A 48 9.81 -6.48 0.70
N GLU A 49 9.41 -7.24 1.71
CA GLU A 49 10.28 -7.71 2.78
C GLU A 49 10.46 -9.23 2.70
N PRO A 50 11.41 -9.74 1.89
CA PRO A 50 11.64 -11.18 1.77
C PRO A 50 12.01 -11.83 3.11
N SER A 51 12.57 -11.05 4.05
CA SER A 51 12.98 -11.46 5.38
C SER A 51 11.76 -11.69 6.31
N LEU A 52 10.60 -11.10 5.98
CA LEU A 52 9.37 -11.22 6.74
C LEU A 52 8.36 -12.11 6.03
N LYS A 53 8.64 -12.53 4.78
CA LYS A 53 7.74 -13.37 4.01
C LYS A 53 7.48 -14.73 4.67
N ASN A 54 8.46 -15.29 5.39
CA ASN A 54 8.32 -16.60 6.05
C ASN A 54 7.84 -16.49 7.50
N SER A 55 7.44 -15.31 7.96
CA SER A 55 6.97 -15.11 9.32
C SER A 55 5.44 -14.99 9.31
N ASN A 56 4.79 -15.32 10.43
CA ASN A 56 3.33 -15.25 10.53
C ASN A 56 2.88 -13.79 10.37
N PRO A 57 1.65 -13.55 9.92
CA PRO A 57 1.14 -12.20 9.73
C PRO A 57 1.03 -11.46 11.05
N ASP A 58 0.45 -12.10 12.07
CA ASP A 58 0.24 -11.51 13.39
C ASP A 58 1.57 -11.28 14.11
N GLU A 59 2.69 -11.81 13.61
CA GLU A 59 4.01 -11.63 14.19
C GLU A 59 4.72 -10.45 13.50
N ILE A 60 4.12 -9.90 12.43
CA ILE A 60 4.63 -8.78 11.65
C ILE A 60 3.85 -7.54 12.10
N GLU A 61 4.50 -6.71 12.90
CA GLU A 61 3.95 -5.47 13.44
C GLU A 61 4.21 -4.38 12.40
N ILE A 62 3.22 -3.53 12.12
CA ILE A 62 3.35 -2.45 11.13
C ILE A 62 3.89 -1.18 11.78
N ASP A 63 4.80 -0.50 11.09
CA ASP A 63 5.36 0.76 11.52
C ASP A 63 5.68 1.49 10.22
N PHE A 64 5.11 2.67 10.02
CA PHE A 64 5.28 3.44 8.81
C PHE A 64 6.60 4.21 8.81
N GLU A 65 7.36 4.03 9.87
CA GLU A 65 8.63 4.66 10.11
C GLU A 65 9.83 3.81 9.71
N THR A 66 9.62 2.54 9.37
CA THR A 66 10.69 1.63 8.96
C THR A 66 10.41 1.08 7.55
N LEU A 67 9.16 1.12 7.09
CA LEU A 67 8.81 0.64 5.76
C LEU A 67 9.23 1.65 4.71
N LYS A 68 9.59 1.15 3.53
CA LYS A 68 9.99 1.98 2.40
C LYS A 68 8.76 2.75 1.93
N PRO A 69 8.92 3.98 1.40
CA PRO A 69 7.79 4.76 0.91
C PRO A 69 7.06 4.01 -0.20
N SER A 70 7.81 3.31 -1.06
CA SER A 70 7.23 2.54 -2.16
C SER A 70 6.39 1.37 -1.63
N THR A 71 6.65 0.83 -0.43
CA THR A 71 5.85 -0.26 0.12
C THR A 71 4.45 0.34 0.37
N LEU A 72 4.41 1.51 1.00
CA LEU A 72 3.17 2.22 1.32
C LEU A 72 2.40 2.52 0.05
N ARG A 73 3.06 2.78 -1.08
CA ARG A 73 2.34 3.04 -2.32
C ARG A 73 1.51 1.85 -2.78
N GLU A 74 1.91 0.61 -2.45
CA GLU A 74 1.13 -0.56 -2.82
C GLU A 74 -0.03 -0.74 -1.82
N LEU A 75 0.17 -0.32 -0.56
CA LEU A 75 -0.85 -0.41 0.48
C LEU A 75 -1.95 0.62 0.20
N GLU A 76 -1.59 1.84 -0.22
CA GLU A 76 -2.53 2.92 -0.52
C GLU A 76 -3.45 2.51 -1.66
N ARG A 77 -2.89 1.78 -2.63
CA ARG A 77 -3.61 1.28 -3.79
C ARG A 77 -4.70 0.32 -3.34
N TYR A 78 -4.37 -0.61 -2.45
CA TYR A 78 -5.32 -1.59 -1.94
C TYR A 78 -6.47 -0.91 -1.19
N VAL A 79 -6.18 -0.04 -0.21
CA VAL A 79 -7.26 0.63 0.52
C VAL A 79 -8.10 1.46 -0.45
N THR A 80 -7.48 2.16 -1.39
CA THR A 80 -8.23 2.95 -2.35
C THR A 80 -9.07 2.04 -3.25
N SER A 81 -8.71 0.79 -3.49
CA SER A 81 -9.51 -0.07 -4.35
C SER A 81 -10.70 -0.63 -3.59
N CYS A 82 -10.46 -1.17 -2.38
CA CYS A 82 -11.53 -1.75 -1.58
C CYS A 82 -12.48 -0.68 -1.05
N LEU A 83 -11.95 0.39 -0.46
CA LEU A 83 -12.72 1.47 0.13
C LEU A 83 -13.11 2.51 -0.91
N ARG A 84 -12.14 3.05 -1.66
CA ARG A 84 -12.30 4.07 -2.71
C ARG A 84 -12.86 5.42 -2.23
N LYS A 85 -13.34 5.52 -1.00
CA LYS A 85 -13.92 6.71 -0.41
C LYS A 85 -12.99 7.92 -0.51
N LYS A 86 -13.58 9.10 -0.70
CA LYS A 86 -12.86 10.36 -0.79
C LYS A 86 -12.11 10.54 0.54
N ARG A 87 -10.87 11.03 0.49
CA ARG A 87 -10.06 11.24 1.69
C ARG A 87 -10.68 12.35 2.54
N LYS A 88 -11.10 12.04 3.77
CA LYS A 88 -11.71 12.96 4.74
C LYS A 88 -12.99 13.65 4.21
N PRO A 89 -13.85 14.20 5.08
CA PRO A 89 -15.06 14.88 4.63
C PRO A 89 -14.64 16.21 3.98
N GLN A 90 -14.69 16.29 2.66
CA GLN A 90 -14.32 17.46 1.89
C GLN A 90 -15.26 17.56 0.71
N GLY A 1 13.35 -9.29 -28.39
CA GLY A 1 12.02 -8.93 -27.87
C GLY A 1 11.36 -7.96 -28.83
N SER A 2 10.49 -7.08 -28.32
CA SER A 2 9.78 -6.08 -29.09
C SER A 2 9.77 -4.78 -28.26
N SER A 3 9.58 -3.64 -28.93
CA SER A 3 9.53 -2.30 -28.38
C SER A 3 8.87 -1.40 -29.43
N GLY A 4 8.68 -0.11 -29.16
CA GLY A 4 8.06 0.84 -30.08
C GLY A 4 7.01 1.74 -29.44
N SER A 5 6.46 1.32 -28.29
CA SER A 5 5.48 2.11 -27.57
C SER A 5 6.17 3.30 -26.91
N SER A 6 5.41 4.12 -26.20
CA SER A 6 5.90 5.29 -25.48
C SER A 6 4.89 5.59 -24.37
N GLY A 7 5.13 6.63 -23.59
CA GLY A 7 4.25 7.04 -22.50
C GLY A 7 4.09 6.04 -21.37
N GLU A 8 4.86 4.95 -21.30
CA GLU A 8 4.76 3.92 -20.29
C GLU A 8 4.74 4.52 -18.86
N SER A 9 3.81 4.07 -18.02
CA SER A 9 3.65 4.50 -16.64
C SER A 9 3.79 3.33 -15.66
N GLU A 10 3.79 2.08 -16.14
CA GLU A 10 3.96 0.91 -15.28
C GLU A 10 5.45 0.59 -15.25
N GLU A 11 6.10 0.65 -16.41
CA GLU A 11 7.51 0.37 -16.64
C GLU A 11 8.43 1.34 -15.93
N GLU A 12 7.94 2.47 -15.44
CA GLU A 12 8.84 3.39 -14.76
C GLU A 12 9.24 2.85 -13.39
N ASP A 13 8.38 2.05 -12.76
CA ASP A 13 8.56 1.42 -11.46
C ASP A 13 9.04 2.37 -10.34
N LYS A 14 8.70 3.67 -10.43
CA LYS A 14 9.05 4.72 -9.46
C LYS A 14 7.86 4.99 -8.55
N CYS A 15 8.12 5.31 -7.27
CA CYS A 15 7.09 5.61 -6.28
C CYS A 15 7.40 6.91 -5.54
N LYS A 16 6.38 7.75 -5.33
CA LYS A 16 6.52 9.00 -4.59
C LYS A 16 6.80 8.69 -3.10
N PRO A 17 7.34 9.64 -2.33
CA PRO A 17 7.59 9.46 -0.91
C PRO A 17 6.26 9.46 -0.15
N MET A 18 6.30 9.18 1.16
CA MET A 18 5.12 9.14 2.02
C MET A 18 5.48 9.81 3.34
N SER A 19 4.89 10.98 3.57
CA SER A 19 5.07 11.79 4.75
C SER A 19 4.30 11.18 5.93
N TYR A 20 4.51 11.70 7.14
CA TYR A 20 3.84 11.22 8.35
C TYR A 20 2.32 11.29 8.20
N GLU A 21 1.82 12.38 7.61
CA GLU A 21 0.40 12.61 7.42
C GLU A 21 -0.17 11.51 6.52
N GLU A 22 0.56 11.13 5.47
CA GLU A 22 0.15 10.09 4.53
C GLU A 22 0.19 8.73 5.21
N LYS A 23 1.26 8.48 5.98
CA LYS A 23 1.42 7.22 6.70
C LYS A 23 0.24 7.01 7.65
N ARG A 24 -0.12 8.06 8.40
CA ARG A 24 -1.23 8.05 9.35
C ARG A 24 -2.54 7.87 8.58
N GLN A 25 -2.77 8.60 7.49
CA GLN A 25 -4.00 8.43 6.70
C GLN A 25 -4.15 6.97 6.27
N LEU A 26 -3.03 6.30 5.94
CA LEU A 26 -3.05 4.89 5.54
C LEU A 26 -3.64 4.06 6.69
N SER A 27 -3.20 4.34 7.92
CA SER A 27 -3.64 3.66 9.14
C SER A 27 -5.16 3.83 9.30
N LEU A 28 -5.69 5.04 9.08
CA LEU A 28 -7.13 5.29 9.20
C LEU A 28 -7.90 4.38 8.25
N ASP A 29 -7.48 4.29 6.97
CA ASP A 29 -8.15 3.43 5.99
C ASP A 29 -7.92 1.95 6.31
N ILE A 30 -6.76 1.59 6.88
CA ILE A 30 -6.45 0.21 7.27
C ILE A 30 -7.54 -0.22 8.25
N ASN A 31 -7.89 0.66 9.20
CA ASN A 31 -8.91 0.42 10.23
C ASN A 31 -10.34 0.36 9.66
N LYS A 32 -10.56 0.75 8.39
CA LYS A 32 -11.89 0.67 7.78
C LYS A 32 -12.07 -0.70 7.15
N LEU A 33 -10.98 -1.38 6.76
CA LEU A 33 -11.08 -2.71 6.17
C LEU A 33 -11.57 -3.69 7.25
N PRO A 34 -12.35 -4.71 6.88
CA PRO A 34 -12.82 -5.70 7.83
C PRO A 34 -11.61 -6.58 8.22
N GLY A 35 -11.64 -7.17 9.42
CA GLY A 35 -10.57 -8.04 9.91
C GLY A 35 -10.30 -9.17 8.93
N GLU A 36 -11.35 -9.72 8.31
CA GLU A 36 -11.23 -10.81 7.34
C GLU A 36 -10.38 -10.41 6.12
N LYS A 37 -10.30 -9.12 5.76
CA LYS A 37 -9.51 -8.63 4.62
C LYS A 37 -8.20 -8.01 5.08
N LEU A 38 -8.10 -7.62 6.35
CA LEU A 38 -6.89 -7.01 6.91
C LEU A 38 -5.71 -7.95 6.76
N GLY A 39 -5.91 -9.26 6.93
CA GLY A 39 -4.85 -10.26 6.78
C GLY A 39 -4.28 -10.34 5.36
N ARG A 40 -4.83 -9.61 4.38
CA ARG A 40 -4.30 -9.60 3.03
C ARG A 40 -3.26 -8.49 2.94
N VAL A 41 -3.49 -7.38 3.63
CA VAL A 41 -2.63 -6.21 3.69
C VAL A 41 -1.20 -6.65 4.03
N VAL A 42 -1.03 -7.49 5.06
CA VAL A 42 0.29 -7.97 5.50
C VAL A 42 1.07 -8.70 4.39
N HIS A 43 0.38 -9.42 3.51
CA HIS A 43 1.00 -10.16 2.42
C HIS A 43 1.62 -9.21 1.40
N ILE A 44 1.11 -7.98 1.32
CA ILE A 44 1.63 -6.99 0.38
C ILE A 44 3.06 -6.64 0.83
N ILE A 45 3.26 -6.36 2.13
CA ILE A 45 4.57 -6.00 2.67
C ILE A 45 5.55 -7.12 2.39
N GLN A 46 5.16 -8.39 2.56
CA GLN A 46 6.07 -9.51 2.31
C GLN A 46 6.65 -9.51 0.88
N SER A 47 6.02 -8.83 -0.09
CA SER A 47 6.54 -8.77 -1.45
C SER A 47 7.60 -7.66 -1.58
N ARG A 48 7.72 -6.74 -0.60
CA ARG A 48 8.68 -5.65 -0.57
C ARG A 48 9.78 -5.91 0.45
N GLU A 49 9.47 -6.58 1.55
CA GLU A 49 10.40 -6.90 2.61
C GLU A 49 10.63 -8.41 2.57
N PRO A 50 11.70 -8.90 1.93
CA PRO A 50 11.95 -10.34 1.84
C PRO A 50 12.21 -10.92 3.24
N SER A 51 12.93 -10.19 4.09
CA SER A 51 13.26 -10.59 5.45
C SER A 51 12.02 -10.87 6.31
N LEU A 52 10.85 -10.35 5.94
CA LEU A 52 9.60 -10.52 6.67
C LEU A 52 8.73 -11.61 6.03
N LYS A 53 9.12 -12.19 4.89
CA LYS A 53 8.37 -13.23 4.20
C LYS A 53 8.31 -14.55 4.96
N ASN A 54 9.21 -14.80 5.90
CA ASN A 54 9.27 -16.04 6.68
C ASN A 54 8.61 -15.90 8.06
N SER A 55 8.01 -14.75 8.36
CA SER A 55 7.33 -14.49 9.63
C SER A 55 5.83 -14.74 9.44
N ASN A 56 5.14 -15.20 10.49
CA ASN A 56 3.68 -15.42 10.44
C ASN A 56 3.05 -14.02 10.34
N PRO A 57 1.87 -13.81 9.73
CA PRO A 57 1.30 -12.48 9.63
C PRO A 57 1.00 -11.86 11.00
N ASP A 58 0.57 -12.68 11.95
CA ASP A 58 0.26 -12.26 13.31
C ASP A 58 1.53 -11.89 14.10
N GLU A 59 2.72 -12.22 13.57
CA GLU A 59 4.02 -11.95 14.19
C GLU A 59 4.72 -10.76 13.50
N ILE A 60 4.16 -10.22 12.41
CA ILE A 60 4.73 -9.10 11.70
C ILE A 60 4.15 -7.82 12.29
N GLU A 61 4.99 -7.07 13.00
CA GLU A 61 4.63 -5.79 13.61
C GLU A 61 4.75 -4.77 12.48
N ILE A 62 3.64 -4.31 11.91
CA ILE A 62 3.65 -3.32 10.83
C ILE A 62 3.98 -1.96 11.44
N ASP A 63 4.95 -1.26 10.87
CA ASP A 63 5.34 0.08 11.28
C ASP A 63 5.64 0.84 10.00
N PHE A 64 5.37 2.13 9.96
CA PHE A 64 5.59 2.95 8.79
C PHE A 64 6.99 3.57 8.83
N GLU A 65 7.67 3.45 9.96
CA GLU A 65 9.01 3.98 10.16
C GLU A 65 10.05 3.18 9.37
N THR A 66 9.87 1.85 9.32
CA THR A 66 10.78 0.92 8.67
C THR A 66 10.37 0.56 7.24
N LEU A 67 9.08 0.73 6.91
CA LEU A 67 8.59 0.41 5.58
C LEU A 67 8.79 1.60 4.64
N LYS A 68 9.42 1.31 3.50
CA LYS A 68 9.70 2.29 2.46
C LYS A 68 8.40 2.88 1.93
N PRO A 69 8.43 4.08 1.34
CA PRO A 69 7.22 4.68 0.81
C PRO A 69 6.65 3.82 -0.32
N SER A 70 7.47 3.11 -1.11
CA SER A 70 6.96 2.25 -2.16
C SER A 70 6.10 1.13 -1.57
N THR A 71 6.44 0.66 -0.38
CA THR A 71 5.72 -0.40 0.29
C THR A 71 4.35 0.14 0.68
N LEU A 72 4.29 1.36 1.21
CA LEU A 72 3.02 1.98 1.61
C LEU A 72 2.18 2.32 0.38
N ARG A 73 2.82 2.65 -0.75
CA ARG A 73 2.16 2.98 -2.00
C ARG A 73 1.28 1.81 -2.44
N GLU A 74 1.77 0.59 -2.24
CA GLU A 74 1.03 -0.61 -2.62
C GLU A 74 -0.17 -0.78 -1.68
N LEU A 75 -0.02 -0.41 -0.40
CA LEU A 75 -1.10 -0.50 0.57
C LEU A 75 -2.19 0.53 0.22
N GLU A 76 -1.76 1.74 -0.15
CA GLU A 76 -2.62 2.87 -0.54
C GLU A 76 -3.52 2.42 -1.68
N ARG A 77 -2.95 1.80 -2.70
CA ARG A 77 -3.68 1.34 -3.86
C ARG A 77 -4.75 0.34 -3.42
N TYR A 78 -4.41 -0.65 -2.60
CA TYR A 78 -5.38 -1.65 -2.15
C TYR A 78 -6.53 -1.00 -1.39
N VAL A 79 -6.30 -0.07 -0.44
CA VAL A 79 -7.40 0.56 0.28
C VAL A 79 -8.23 1.41 -0.67
N THR A 80 -7.62 2.19 -1.56
CA THR A 80 -8.40 3.01 -2.48
C THR A 80 -9.17 2.10 -3.45
N SER A 81 -8.75 0.87 -3.73
CA SER A 81 -9.49 0.01 -4.64
C SER A 81 -10.58 -0.77 -3.90
N CYS A 82 -10.48 -0.96 -2.58
CA CYS A 82 -11.48 -1.70 -1.80
C CYS A 82 -12.54 -0.75 -1.21
N LEU A 83 -12.14 0.46 -0.83
CA LEU A 83 -12.99 1.48 -0.24
C LEU A 83 -13.40 2.51 -1.28
N ARG A 84 -12.39 3.10 -1.96
CA ARG A 84 -12.49 4.15 -2.99
C ARG A 84 -13.04 5.48 -2.47
N LYS A 85 -13.68 5.50 -1.30
CA LYS A 85 -14.27 6.65 -0.62
C LYS A 85 -13.23 7.72 -0.33
N LYS A 86 -12.95 8.64 -1.25
CA LYS A 86 -12.00 9.72 -1.00
C LYS A 86 -12.85 10.81 -0.39
N ARG A 87 -13.18 10.68 0.90
CA ARG A 87 -14.00 11.63 1.60
C ARG A 87 -13.73 11.53 3.09
N LYS A 88 -14.07 12.56 3.85
CA LYS A 88 -13.90 12.62 5.31
C LYS A 88 -15.21 13.12 5.93
N PRO A 89 -16.35 12.41 5.77
CA PRO A 89 -17.61 12.83 6.35
C PRO A 89 -17.48 12.74 7.87
N GLN A 90 -17.52 13.88 8.55
CA GLN A 90 -17.37 13.97 10.00
C GLN A 90 -18.50 14.78 10.57
N GLY A 1 -7.65 13.68 -22.64
CA GLY A 1 -8.72 12.72 -22.34
C GLY A 1 -8.23 11.30 -22.55
N SER A 2 -9.09 10.39 -23.00
CA SER A 2 -8.74 8.99 -23.26
C SER A 2 -7.85 8.85 -24.50
N SER A 3 -7.24 7.67 -24.62
CA SER A 3 -6.36 7.16 -25.67
C SER A 3 -5.66 8.26 -26.50
N GLY A 4 -4.87 9.11 -25.82
CA GLY A 4 -4.15 10.21 -26.45
C GLY A 4 -2.67 9.86 -26.63
N SER A 5 -2.09 9.25 -25.60
CA SER A 5 -0.72 8.79 -25.50
C SER A 5 -0.75 7.49 -24.69
N SER A 6 0.14 6.57 -25.03
CA SER A 6 0.31 5.27 -24.42
C SER A 6 1.60 4.69 -25.02
N GLY A 7 2.44 4.04 -24.20
CA GLY A 7 3.68 3.42 -24.62
C GLY A 7 4.89 3.80 -23.76
N GLU A 8 4.74 4.68 -22.76
CA GLU A 8 5.80 5.11 -21.86
C GLU A 8 5.29 5.04 -20.44
N SER A 9 6.18 4.79 -19.48
CA SER A 9 5.87 4.66 -18.06
C SER A 9 6.77 5.59 -17.22
N GLU A 10 6.82 6.89 -17.53
CA GLU A 10 7.68 7.81 -16.78
C GLU A 10 7.42 7.73 -15.28
N GLU A 11 6.18 7.98 -14.84
CA GLU A 11 5.84 7.95 -13.42
C GLU A 11 5.14 6.66 -13.00
N GLU A 12 4.82 5.77 -13.94
CA GLU A 12 4.18 4.50 -13.63
C GLU A 12 5.23 3.50 -13.12
N ASP A 13 6.51 3.81 -13.32
CA ASP A 13 7.67 3.01 -12.93
C ASP A 13 8.55 3.78 -11.93
N LYS A 14 8.05 4.88 -11.34
CA LYS A 14 8.74 5.71 -10.35
C LYS A 14 7.77 5.97 -9.22
N CYS A 15 8.22 5.87 -7.98
CA CYS A 15 7.37 6.09 -6.81
C CYS A 15 7.59 7.49 -6.26
N LYS A 16 6.77 7.88 -5.29
CA LYS A 16 6.81 9.17 -4.63
C LYS A 16 7.09 8.99 -3.13
N PRO A 17 7.65 10.00 -2.46
CA PRO A 17 7.91 9.94 -1.03
C PRO A 17 6.56 9.98 -0.29
N MET A 18 6.56 9.66 1.00
CA MET A 18 5.36 9.62 1.84
C MET A 18 5.64 10.43 3.09
N SER A 19 4.79 11.41 3.36
CA SER A 19 4.86 12.32 4.50
C SER A 19 4.34 11.63 5.77
N TYR A 20 4.58 12.22 6.94
CA TYR A 20 4.11 11.69 8.21
C TYR A 20 2.59 11.55 8.20
N GLU A 21 1.92 12.56 7.64
CA GLU A 21 0.47 12.61 7.54
C GLU A 21 -0.08 11.53 6.62
N GLU A 22 0.62 11.20 5.53
CA GLU A 22 0.17 10.16 4.61
C GLU A 22 0.28 8.83 5.33
N LYS A 23 1.40 8.60 6.02
CA LYS A 23 1.65 7.38 6.77
C LYS A 23 0.53 7.21 7.81
N ARG A 24 0.17 8.29 8.52
CA ARG A 24 -0.89 8.22 9.52
C ARG A 24 -2.24 8.01 8.87
N GLN A 25 -2.68 8.84 7.92
CA GLN A 25 -3.97 8.70 7.27
C GLN A 25 -4.17 7.28 6.71
N LEU A 26 -3.12 6.67 6.16
CA LEU A 26 -3.19 5.33 5.62
C LEU A 26 -3.58 4.34 6.74
N SER A 27 -3.07 4.54 7.95
CA SER A 27 -3.37 3.69 9.11
C SER A 27 -4.87 3.72 9.38
N LEU A 28 -5.48 4.92 9.34
CA LEU A 28 -6.91 5.08 9.58
C LEU A 28 -7.73 4.29 8.57
N ASP A 29 -7.45 4.42 7.27
CA ASP A 29 -8.22 3.66 6.26
C ASP A 29 -7.90 2.17 6.34
N ILE A 30 -6.68 1.79 6.74
CA ILE A 30 -6.28 0.39 6.88
C ILE A 30 -7.18 -0.22 7.98
N ASN A 31 -7.45 0.53 9.05
CA ASN A 31 -8.30 0.06 10.14
C ASN A 31 -9.75 -0.13 9.68
N LYS A 32 -10.15 0.40 8.52
CA LYS A 32 -11.51 0.21 8.01
C LYS A 32 -11.65 -1.17 7.37
N LEU A 33 -10.56 -1.95 7.25
CA LEU A 33 -10.61 -3.27 6.67
C LEU A 33 -10.94 -4.28 7.77
N PRO A 34 -11.75 -5.30 7.48
CA PRO A 34 -12.11 -6.31 8.46
C PRO A 34 -10.91 -7.23 8.73
N GLY A 35 -10.91 -7.96 9.84
CA GLY A 35 -9.84 -8.89 10.18
C GLY A 35 -9.65 -9.90 9.06
N GLU A 36 -10.76 -10.41 8.49
CA GLU A 36 -10.75 -11.38 7.40
C GLU A 36 -10.01 -10.86 6.15
N LYS A 37 -9.79 -9.54 6.02
CA LYS A 37 -9.07 -8.95 4.90
C LYS A 37 -7.77 -8.29 5.35
N LEU A 38 -7.57 -8.07 6.65
CA LEU A 38 -6.36 -7.46 7.19
C LEU A 38 -5.15 -8.32 6.82
N GLY A 39 -5.27 -9.65 6.85
CA GLY A 39 -4.18 -10.55 6.49
C GLY A 39 -3.68 -10.29 5.05
N ARG A 40 -4.55 -9.77 4.16
CA ARG A 40 -4.16 -9.47 2.78
C ARG A 40 -3.15 -8.33 2.76
N VAL A 41 -3.34 -7.34 3.64
CA VAL A 41 -2.49 -6.16 3.78
C VAL A 41 -1.06 -6.62 4.02
N VAL A 42 -0.81 -7.48 5.00
CA VAL A 42 0.51 -8.00 5.34
C VAL A 42 1.24 -8.60 4.14
N HIS A 43 0.51 -9.27 3.23
CA HIS A 43 1.12 -9.88 2.05
C HIS A 43 1.83 -8.84 1.18
N ILE A 44 1.39 -7.58 1.20
CA ILE A 44 2.00 -6.51 0.43
C ILE A 44 3.39 -6.27 1.04
N ILE A 45 3.48 -6.07 2.37
CA ILE A 45 4.75 -5.86 3.03
C ILE A 45 5.64 -7.08 2.81
N GLN A 46 5.12 -8.31 2.89
CA GLN A 46 5.91 -9.52 2.68
C GLN A 46 6.57 -9.53 1.29
N SER A 47 5.98 -8.85 0.29
CA SER A 47 6.56 -8.80 -1.04
C SER A 47 7.75 -7.83 -1.05
N ARG A 48 7.79 -6.86 -0.15
CA ARG A 48 8.85 -5.87 -0.07
C ARG A 48 9.95 -6.29 0.89
N GLU A 49 9.59 -6.96 1.99
CA GLU A 49 10.48 -7.43 3.05
C GLU A 49 10.64 -8.95 2.88
N PRO A 50 11.63 -9.44 2.11
CA PRO A 50 11.82 -10.88 1.93
C PRO A 50 12.10 -11.60 3.25
N SER A 51 12.67 -10.92 4.25
CA SER A 51 12.98 -11.49 5.55
C SER A 51 11.72 -11.80 6.35
N LEU A 52 10.58 -11.15 6.06
CA LEU A 52 9.31 -11.32 6.76
C LEU A 52 8.32 -12.16 5.94
N LYS A 53 8.67 -12.56 4.72
CA LYS A 53 7.81 -13.34 3.85
C LYS A 53 7.32 -14.64 4.46
N ASN A 54 8.12 -15.29 5.30
CA ASN A 54 7.77 -16.57 5.92
C ASN A 54 7.14 -16.42 7.31
N SER A 55 6.83 -15.21 7.77
CA SER A 55 6.25 -14.98 9.09
C SER A 55 4.73 -14.90 9.07
N ASN A 56 4.12 -15.07 10.25
CA ASN A 56 2.67 -15.05 10.43
C ASN A 56 2.19 -13.60 10.24
N PRO A 57 1.05 -13.35 9.58
CA PRO A 57 0.59 -11.99 9.34
C PRO A 57 0.27 -11.22 10.61
N ASP A 58 -0.29 -11.90 11.62
CA ASP A 58 -0.65 -11.28 12.89
C ASP A 58 0.58 -10.93 13.73
N GLU A 59 1.76 -11.43 13.39
CA GLU A 59 3.00 -11.19 14.12
C GLU A 59 3.90 -10.17 13.42
N ILE A 60 3.74 -9.98 12.10
CA ILE A 60 4.54 -9.04 11.34
C ILE A 60 4.07 -7.64 11.72
N GLU A 61 4.84 -7.02 12.60
CA GLU A 61 4.64 -5.69 13.14
C GLU A 61 4.65 -4.66 12.00
N ILE A 62 3.54 -3.96 11.79
CA ILE A 62 3.40 -2.92 10.77
C ILE A 62 3.89 -1.62 11.39
N ASP A 63 5.07 -1.15 10.98
CA ASP A 63 5.63 0.11 11.45
C ASP A 63 5.78 0.95 10.19
N PHE A 64 5.36 2.21 10.22
CA PHE A 64 5.42 3.08 9.05
C PHE A 64 6.72 3.85 8.98
N GLU A 65 7.56 3.69 9.99
CA GLU A 65 8.83 4.39 10.10
C GLU A 65 9.98 3.53 9.58
N THR A 66 9.85 2.20 9.61
CA THR A 66 10.89 1.30 9.13
C THR A 66 10.66 0.97 7.65
N LEU A 67 9.41 1.03 7.18
CA LEU A 67 9.05 0.73 5.80
C LEU A 67 9.35 1.88 4.85
N LYS A 68 9.54 1.54 3.57
CA LYS A 68 9.84 2.47 2.48
C LYS A 68 8.57 3.12 1.94
N PRO A 69 8.70 4.27 1.25
CA PRO A 69 7.54 4.97 0.70
C PRO A 69 6.82 4.13 -0.36
N SER A 70 7.57 3.37 -1.17
CA SER A 70 6.96 2.54 -2.21
C SER A 70 6.11 1.41 -1.59
N THR A 71 6.41 0.96 -0.37
CA THR A 71 5.62 -0.07 0.30
C THR A 71 4.28 0.55 0.65
N LEU A 72 4.28 1.78 1.19
CA LEU A 72 3.05 2.48 1.56
C LEU A 72 2.22 2.71 0.29
N ARG A 73 2.85 3.01 -0.85
CA ARG A 73 2.18 3.23 -2.13
C ARG A 73 1.37 2.00 -2.55
N GLU A 74 1.87 0.79 -2.27
CA GLU A 74 1.16 -0.43 -2.63
C GLU A 74 -0.01 -0.70 -1.68
N LEU A 75 0.16 -0.33 -0.40
CA LEU A 75 -0.86 -0.48 0.64
C LEU A 75 -2.02 0.47 0.30
N GLU A 76 -1.68 1.70 -0.09
CA GLU A 76 -2.60 2.76 -0.50
C GLU A 76 -3.48 2.21 -1.61
N ARG A 77 -2.85 1.65 -2.64
CA ARG A 77 -3.54 1.09 -3.80
C ARG A 77 -4.64 0.13 -3.39
N TYR A 78 -4.40 -0.70 -2.38
CA TYR A 78 -5.38 -1.66 -1.90
C TYR A 78 -6.58 -0.92 -1.34
N VAL A 79 -6.45 -0.02 -0.36
CA VAL A 79 -7.59 0.70 0.18
C VAL A 79 -8.31 1.49 -0.92
N THR A 80 -7.58 2.10 -1.85
CA THR A 80 -8.18 2.87 -2.93
C THR A 80 -8.95 2.01 -3.93
N SER A 81 -8.75 0.70 -3.90
CA SER A 81 -9.44 -0.29 -4.71
C SER A 81 -10.64 -0.93 -3.97
N CYS A 82 -10.50 -1.23 -2.68
CA CYS A 82 -11.52 -1.87 -1.85
C CYS A 82 -12.63 -1.00 -1.24
N LEU A 83 -12.34 0.22 -0.78
CA LEU A 83 -13.33 1.09 -0.15
C LEU A 83 -14.32 1.72 -1.14
N ARG A 84 -13.77 2.44 -2.12
CA ARG A 84 -14.36 3.14 -3.24
C ARG A 84 -14.88 2.11 -4.23
N LYS A 85 -15.50 2.54 -5.34
CA LYS A 85 -15.99 1.61 -6.37
C LYS A 85 -15.15 1.73 -7.63
N LYS A 86 -13.92 1.22 -7.59
CA LYS A 86 -12.99 1.25 -8.72
C LYS A 86 -13.31 0.14 -9.72
N ARG A 87 -12.66 0.15 -10.88
CA ARG A 87 -12.84 -0.85 -11.94
C ARG A 87 -11.49 -1.24 -12.56
N LYS A 88 -10.48 -1.52 -11.74
CA LYS A 88 -9.15 -1.95 -12.20
C LYS A 88 -9.03 -3.38 -11.69
N PRO A 89 -9.57 -4.36 -12.43
CA PRO A 89 -9.51 -5.76 -12.03
C PRO A 89 -8.09 -6.29 -12.09
N GLN A 90 -7.90 -7.47 -11.51
CA GLN A 90 -6.67 -8.23 -11.43
C GLN A 90 -7.07 -9.69 -11.62
N GLY A 1 0.11 19.19 -12.25
CA GLY A 1 1.18 19.55 -13.18
C GLY A 1 0.81 19.11 -14.58
N SER A 2 1.75 18.52 -15.33
CA SER A 2 1.51 18.04 -16.69
C SER A 2 0.90 16.64 -16.67
N SER A 3 -0.30 16.53 -17.23
CA SER A 3 -1.08 15.32 -17.37
C SER A 3 -2.05 15.61 -18.51
N GLY A 4 -2.45 14.57 -19.24
CA GLY A 4 -3.36 14.68 -20.38
C GLY A 4 -4.61 13.84 -20.18
N SER A 5 -5.47 13.80 -21.20
CA SER A 5 -6.72 13.04 -21.17
C SER A 5 -6.39 11.56 -20.90
N SER A 6 -5.41 11.03 -21.61
CA SER A 6 -4.90 9.67 -21.52
C SER A 6 -3.53 9.63 -22.16
N GLY A 7 -2.79 8.54 -22.01
CA GLY A 7 -1.45 8.37 -22.55
C GLY A 7 -0.73 7.37 -21.66
N GLU A 8 0.58 7.26 -21.82
CA GLU A 8 1.38 6.33 -21.02
C GLU A 8 1.54 6.95 -19.63
N SER A 9 0.87 6.39 -18.62
CA SER A 9 0.97 6.90 -17.25
C SER A 9 2.30 6.43 -16.63
N GLU A 10 3.42 6.87 -17.21
CA GLU A 10 4.78 6.56 -16.74
C GLU A 10 4.96 7.12 -15.32
N GLU A 11 4.18 8.15 -14.99
CA GLU A 11 4.15 8.84 -13.71
C GLU A 11 3.40 8.00 -12.65
N GLU A 12 2.51 7.08 -13.04
CA GLU A 12 1.75 6.28 -12.08
C GLU A 12 2.59 5.14 -11.51
N ASP A 13 3.44 4.51 -12.32
CA ASP A 13 4.29 3.39 -11.91
C ASP A 13 5.48 3.83 -11.03
N LYS A 14 5.32 4.92 -10.28
CA LYS A 14 6.34 5.48 -9.41
C LYS A 14 5.85 5.61 -7.97
N CYS A 15 6.82 5.79 -7.08
CA CYS A 15 6.66 5.97 -5.66
C CYS A 15 7.34 7.27 -5.30
N LYS A 16 6.68 8.07 -4.49
CA LYS A 16 7.14 9.37 -4.00
C LYS A 16 7.40 9.24 -2.50
N PRO A 17 8.12 10.18 -1.89
CA PRO A 17 8.38 10.12 -0.46
C PRO A 17 7.06 10.27 0.31
N MET A 18 6.70 9.20 1.02
CA MET A 18 5.49 9.12 1.82
C MET A 18 5.74 9.85 3.11
N SER A 19 5.05 10.97 3.26
CA SER A 19 5.11 11.85 4.40
C SER A 19 4.45 11.21 5.62
N TYR A 20 4.64 11.82 6.79
CA TYR A 20 4.08 11.36 8.05
C TYR A 20 2.56 11.30 7.96
N GLU A 21 2.01 12.31 7.32
CA GLU A 21 0.61 12.54 7.08
C GLU A 21 0.06 11.43 6.16
N GLU A 22 0.80 11.06 5.10
CA GLU A 22 0.39 10.01 4.16
C GLU A 22 0.33 8.69 4.92
N LYS A 23 1.40 8.37 5.65
CA LYS A 23 1.53 7.15 6.45
C LYS A 23 0.35 7.01 7.40
N ARG A 24 0.06 8.06 8.18
CA ARG A 24 -1.03 8.03 9.14
C ARG A 24 -2.37 7.89 8.44
N GLN A 25 -2.66 8.67 7.39
CA GLN A 25 -3.92 8.56 6.67
C GLN A 25 -4.17 7.12 6.22
N LEU A 26 -3.14 6.46 5.68
CA LEU A 26 -3.20 5.08 5.22
C LEU A 26 -3.63 4.16 6.37
N SER A 27 -3.01 4.36 7.54
CA SER A 27 -3.25 3.61 8.76
C SER A 27 -4.73 3.73 9.20
N LEU A 28 -5.34 4.93 9.06
CA LEU A 28 -6.72 5.17 9.43
C LEU A 28 -7.66 4.33 8.57
N ASP A 29 -7.43 4.29 7.25
CA ASP A 29 -8.25 3.51 6.32
C ASP A 29 -8.06 2.02 6.56
N ILE A 30 -6.85 1.58 6.94
CA ILE A 30 -6.58 0.18 7.22
C ILE A 30 -7.51 -0.26 8.38
N ASN A 31 -7.72 0.61 9.37
CA ASN A 31 -8.59 0.32 10.51
C ASN A 31 -10.08 0.26 10.16
N LYS A 32 -10.46 0.47 8.90
CA LYS A 32 -11.86 0.38 8.43
C LYS A 32 -12.13 -0.98 7.82
N LEU A 33 -11.10 -1.82 7.63
CA LEU A 33 -11.23 -3.14 7.05
C LEU A 33 -11.55 -4.16 8.14
N PRO A 34 -12.29 -5.24 7.81
CA PRO A 34 -12.59 -6.30 8.76
C PRO A 34 -11.30 -7.12 8.94
N GLY A 35 -11.21 -7.92 10.01
CA GLY A 35 -10.03 -8.74 10.26
C GLY A 35 -9.73 -9.65 9.07
N GLU A 36 -10.77 -10.27 8.48
CA GLU A 36 -10.64 -11.15 7.34
C GLU A 36 -10.01 -10.48 6.13
N LYS A 37 -10.03 -9.14 6.02
CA LYS A 37 -9.42 -8.42 4.90
C LYS A 37 -8.14 -7.71 5.32
N LEU A 38 -7.69 -7.86 6.55
CA LEU A 38 -6.46 -7.24 7.04
C LEU A 38 -5.25 -8.13 6.72
N GLY A 39 -5.32 -9.45 6.91
CA GLY A 39 -4.21 -10.39 6.65
C GLY A 39 -3.49 -10.19 5.31
N ARG A 40 -4.23 -10.12 4.20
CA ARG A 40 -3.69 -9.92 2.86
C ARG A 40 -2.94 -8.58 2.73
N VAL A 41 -3.13 -7.60 3.64
CA VAL A 41 -2.43 -6.33 3.61
C VAL A 41 -0.96 -6.66 3.89
N VAL A 42 -0.68 -7.47 4.91
CA VAL A 42 0.68 -7.86 5.28
C VAL A 42 1.37 -8.56 4.11
N HIS A 43 0.63 -9.32 3.30
CA HIS A 43 1.19 -10.02 2.14
C HIS A 43 1.81 -9.04 1.13
N ILE A 44 1.33 -7.79 1.10
CA ILE A 44 1.84 -6.74 0.20
C ILE A 44 3.22 -6.35 0.72
N ILE A 45 3.36 -6.07 2.02
CA ILE A 45 4.63 -5.69 2.61
C ILE A 45 5.63 -6.82 2.37
N GLN A 46 5.26 -8.07 2.62
CA GLN A 46 6.14 -9.22 2.42
C GLN A 46 6.74 -9.28 1.01
N SER A 47 6.09 -8.66 0.02
CA SER A 47 6.59 -8.63 -1.35
C SER A 47 7.80 -7.70 -1.45
N ARG A 48 7.91 -6.73 -0.54
CA ARG A 48 8.97 -5.75 -0.45
C ARG A 48 9.99 -6.09 0.61
N GLU A 49 9.59 -6.84 1.63
CA GLU A 49 10.44 -7.24 2.75
C GLU A 49 10.63 -8.76 2.66
N PRO A 50 11.63 -9.26 1.91
CA PRO A 50 11.87 -10.70 1.78
C PRO A 50 12.12 -11.34 3.14
N SER A 51 12.77 -10.60 4.04
CA SER A 51 13.11 -10.99 5.40
C SER A 51 11.86 -11.29 6.25
N LEU A 52 10.68 -10.79 5.87
CA LEU A 52 9.41 -10.98 6.58
C LEU A 52 8.42 -11.91 5.86
N LYS A 53 8.75 -12.40 4.66
CA LYS A 53 7.90 -13.28 3.86
C LYS A 53 7.46 -14.57 4.56
N ASN A 54 8.34 -15.17 5.37
CA ASN A 54 8.06 -16.42 6.07
C ASN A 54 7.40 -16.20 7.43
N SER A 55 7.46 -14.99 7.98
CA SER A 55 6.86 -14.66 9.27
C SER A 55 5.32 -14.67 9.11
N ASN A 56 4.57 -15.04 10.16
CA ASN A 56 3.10 -15.06 10.10
C ASN A 56 2.58 -13.62 10.01
N PRO A 57 1.46 -13.32 9.31
CA PRO A 57 0.97 -11.96 9.21
C PRO A 57 0.52 -11.37 10.55
N ASP A 58 -0.04 -12.20 11.44
CA ASP A 58 -0.50 -11.77 12.76
C ASP A 58 0.67 -11.61 13.74
N GLU A 59 1.89 -12.03 13.38
CA GLU A 59 3.08 -11.92 14.22
C GLU A 59 3.89 -10.68 13.86
N ILE A 60 3.54 -9.96 12.80
CA ILE A 60 4.27 -8.76 12.36
C ILE A 60 3.51 -7.52 12.86
N GLU A 61 4.23 -6.42 13.05
CA GLU A 61 3.74 -5.13 13.48
C GLU A 61 3.99 -4.18 12.32
N ILE A 62 2.92 -3.68 11.67
CA ILE A 62 3.02 -2.76 10.54
C ILE A 62 3.58 -1.45 11.08
N ASP A 63 4.87 -1.18 10.83
CA ASP A 63 5.58 0.01 11.27
C ASP A 63 5.80 0.90 10.06
N PHE A 64 5.02 1.96 9.91
CA PHE A 64 5.15 2.85 8.76
C PHE A 64 6.45 3.65 8.85
N GLU A 65 7.04 3.62 10.05
CA GLU A 65 8.25 4.28 10.41
C GLU A 65 9.49 3.66 9.76
N THR A 66 9.43 2.40 9.37
CA THR A 66 10.56 1.69 8.75
C THR A 66 10.22 1.22 7.33
N LEU A 67 8.94 1.15 6.96
CA LEU A 67 8.55 0.69 5.63
C LEU A 67 8.86 1.76 4.59
N LYS A 68 9.54 1.35 3.50
CA LYS A 68 9.91 2.25 2.41
C LYS A 68 8.67 2.87 1.75
N PRO A 69 8.83 4.04 1.08
CA PRO A 69 7.72 4.71 0.40
C PRO A 69 7.06 3.79 -0.63
N SER A 70 7.86 3.02 -1.38
CA SER A 70 7.36 2.11 -2.39
C SER A 70 6.46 1.04 -1.78
N THR A 71 6.79 0.57 -0.58
CA THR A 71 6.03 -0.45 0.11
C THR A 71 4.65 0.12 0.46
N LEU A 72 4.62 1.30 1.07
CA LEU A 72 3.36 1.93 1.45
C LEU A 72 2.50 2.27 0.25
N ARG A 73 3.08 2.61 -0.90
CA ARG A 73 2.30 2.94 -2.10
C ARG A 73 1.30 1.85 -2.41
N GLU A 74 1.68 0.57 -2.29
CA GLU A 74 0.73 -0.50 -2.61
C GLU A 74 -0.34 -0.63 -1.53
N LEU A 75 -0.02 -0.38 -0.26
CA LEU A 75 -0.99 -0.49 0.83
C LEU A 75 -2.08 0.56 0.60
N GLU A 76 -1.69 1.77 0.23
CA GLU A 76 -2.62 2.87 -0.05
C GLU A 76 -3.46 2.51 -1.27
N ARG A 77 -2.84 1.94 -2.31
CA ARG A 77 -3.51 1.53 -3.54
C ARG A 77 -4.59 0.50 -3.21
N TYR A 78 -4.27 -0.42 -2.30
CA TYR A 78 -5.15 -1.47 -1.85
C TYR A 78 -6.39 -0.88 -1.16
N VAL A 79 -6.24 -0.09 -0.09
CA VAL A 79 -7.39 0.48 0.61
C VAL A 79 -8.23 1.36 -0.32
N THR A 80 -7.61 2.26 -1.09
CA THR A 80 -8.34 3.15 -1.99
C THR A 80 -9.27 2.36 -2.91
N SER A 81 -8.89 1.21 -3.46
CA SER A 81 -9.80 0.49 -4.36
C SER A 81 -10.71 -0.48 -3.61
N CYS A 82 -10.31 -0.99 -2.44
CA CYS A 82 -11.17 -1.89 -1.69
C CYS A 82 -12.41 -1.11 -1.25
N LEU A 83 -12.20 0.15 -0.89
CA LEU A 83 -13.20 1.10 -0.45
C LEU A 83 -13.87 1.73 -1.67
N ARG A 84 -13.09 2.38 -2.54
CA ARG A 84 -13.55 3.07 -3.74
C ARG A 84 -13.50 2.13 -4.94
N LYS A 85 -14.34 1.10 -4.90
CA LYS A 85 -14.47 0.09 -5.96
C LYS A 85 -15.23 0.71 -7.14
N LYS A 86 -14.63 1.70 -7.80
CA LYS A 86 -15.18 2.46 -8.92
C LYS A 86 -14.54 2.15 -10.28
N ARG A 87 -13.37 1.53 -10.34
CA ARG A 87 -12.70 1.19 -11.62
C ARG A 87 -13.12 -0.19 -12.12
N LYS A 88 -13.81 -0.97 -11.27
CA LYS A 88 -14.32 -2.32 -11.46
C LYS A 88 -13.55 -3.12 -12.52
N PRO A 89 -12.24 -3.36 -12.33
CA PRO A 89 -11.44 -4.13 -13.26
C PRO A 89 -11.82 -5.61 -13.12
N GLN A 90 -11.07 -6.50 -13.77
CA GLN A 90 -11.32 -7.94 -13.67
C GLN A 90 -11.17 -8.33 -12.20
N GLY A 1 -7.53 11.64 -9.86
CA GLY A 1 -8.08 10.47 -10.54
C GLY A 1 -7.29 10.12 -11.78
N SER A 2 -6.68 8.93 -11.87
CA SER A 2 -5.91 8.51 -13.02
C SER A 2 -6.02 7.00 -13.23
N SER A 3 -5.59 6.52 -14.39
CA SER A 3 -5.61 5.13 -14.78
C SER A 3 -4.23 4.46 -14.78
N GLY A 4 -3.14 5.26 -14.80
CA GLY A 4 -1.74 4.85 -14.82
C GLY A 4 -1.52 3.45 -15.38
N SER A 5 -1.73 3.29 -16.68
CA SER A 5 -1.55 2.00 -17.35
C SER A 5 -0.08 1.60 -17.26
N SER A 6 0.17 0.30 -17.17
CA SER A 6 1.50 -0.28 -17.06
C SER A 6 1.63 -1.43 -18.05
N GLY A 7 2.87 -1.74 -18.44
CA GLY A 7 3.20 -2.79 -19.38
C GLY A 7 3.82 -2.23 -20.66
N GLU A 8 3.98 -0.90 -20.77
CA GLU A 8 4.58 -0.23 -21.92
C GLU A 8 5.63 0.77 -21.45
N SER A 9 5.34 1.53 -20.37
CA SER A 9 6.19 2.54 -19.79
C SER A 9 6.34 2.28 -18.29
N GLU A 10 7.51 1.83 -17.86
CA GLU A 10 7.80 1.53 -16.45
C GLU A 10 8.59 2.67 -15.79
N GLU A 11 9.09 3.63 -16.58
CA GLU A 11 9.86 4.78 -16.09
C GLU A 11 8.97 5.77 -15.32
N GLU A 12 7.64 5.59 -15.35
CA GLU A 12 6.68 6.46 -14.66
C GLU A 12 6.19 5.86 -13.34
N ASP A 13 6.24 4.53 -13.19
CA ASP A 13 5.77 3.78 -12.00
C ASP A 13 6.61 4.03 -10.74
N LYS A 14 7.55 4.97 -10.84
CA LYS A 14 8.47 5.40 -9.79
C LYS A 14 7.72 5.75 -8.52
N CYS A 15 8.35 5.47 -7.38
CA CYS A 15 7.77 5.76 -6.09
C CYS A 15 8.09 7.21 -5.77
N LYS A 16 7.37 7.75 -4.80
CA LYS A 16 7.51 9.10 -4.30
C LYS A 16 7.58 9.00 -2.78
N PRO A 17 8.08 10.02 -2.07
CA PRO A 17 8.14 9.95 -0.62
C PRO A 17 6.73 9.92 -0.04
N MET A 18 6.62 9.51 1.22
CA MET A 18 5.36 9.43 1.96
C MET A 18 5.58 10.25 3.22
N SER A 19 4.80 11.30 3.38
CA SER A 19 4.88 12.20 4.52
C SER A 19 4.24 11.55 5.75
N TYR A 20 4.41 12.15 6.93
CA TYR A 20 3.81 11.62 8.16
C TYR A 20 2.29 11.59 8.01
N GLU A 21 1.72 12.62 7.38
CA GLU A 21 0.28 12.71 7.16
C GLU A 21 -0.21 11.51 6.33
N GLU A 22 0.56 11.08 5.32
CA GLU A 22 0.23 9.96 4.44
C GLU A 22 0.28 8.66 5.22
N LYS A 23 1.36 8.45 5.97
CA LYS A 23 1.60 7.26 6.77
C LYS A 23 0.45 7.04 7.74
N ARG A 24 0.05 8.08 8.48
CA ARG A 24 -1.04 7.95 9.42
C ARG A 24 -2.36 7.72 8.70
N GLN A 25 -2.65 8.48 7.66
CA GLN A 25 -3.89 8.34 6.88
C GLN A 25 -4.06 6.90 6.39
N LEU A 26 -2.99 6.27 5.94
CA LEU A 26 -3.02 4.89 5.46
C LEU A 26 -3.55 3.97 6.55
N SER A 27 -3.17 4.18 7.81
CA SER A 27 -3.63 3.35 8.92
C SER A 27 -5.14 3.48 9.12
N LEU A 28 -5.71 4.69 9.02
CA LEU A 28 -7.13 4.90 9.20
C LEU A 28 -7.92 4.06 8.23
N ASP A 29 -7.49 3.98 6.97
CA ASP A 29 -8.18 3.18 5.96
C ASP A 29 -7.86 1.69 6.16
N ILE A 30 -6.65 1.34 6.62
CA ILE A 30 -6.29 -0.06 6.88
C ILE A 30 -7.28 -0.57 7.94
N ASN A 31 -7.56 0.25 8.97
CA ASN A 31 -8.48 -0.09 10.04
C ASN A 31 -9.92 -0.23 9.54
N LYS A 32 -10.26 0.28 8.35
CA LYS A 32 -11.62 0.11 7.84
C LYS A 32 -11.79 -1.32 7.31
N LEU A 33 -10.70 -2.04 7.02
CA LEU A 33 -10.76 -3.40 6.54
C LEU A 33 -11.04 -4.34 7.72
N PRO A 34 -11.87 -5.37 7.53
CA PRO A 34 -12.15 -6.34 8.58
C PRO A 34 -10.92 -7.24 8.75
N GLY A 35 -10.87 -8.01 9.83
CA GLY A 35 -9.78 -8.94 10.10
C GLY A 35 -9.57 -9.89 8.92
N GLU A 36 -10.66 -10.40 8.33
CA GLU A 36 -10.61 -11.31 7.18
C GLU A 36 -9.92 -10.70 5.95
N LYS A 37 -9.82 -9.36 5.86
CA LYS A 37 -9.14 -8.67 4.75
C LYS A 37 -7.87 -7.97 5.22
N LEU A 38 -7.61 -7.94 6.53
CA LEU A 38 -6.44 -7.30 7.13
C LEU A 38 -5.18 -8.14 6.88
N GLY A 39 -5.26 -9.47 6.92
CA GLY A 39 -4.10 -10.32 6.64
C GLY A 39 -3.56 -10.00 5.23
N ARG A 40 -4.46 -9.68 4.31
CA ARG A 40 -4.14 -9.32 2.92
C ARG A 40 -3.27 -8.07 2.86
N VAL A 41 -3.37 -7.18 3.84
CA VAL A 41 -2.57 -5.96 3.93
C VAL A 41 -1.13 -6.40 4.14
N VAL A 42 -0.87 -7.19 5.20
CA VAL A 42 0.45 -7.69 5.55
C VAL A 42 1.12 -8.39 4.36
N HIS A 43 0.35 -9.12 3.54
CA HIS A 43 0.88 -9.81 2.37
C HIS A 43 1.59 -8.87 1.39
N ILE A 44 1.14 -7.62 1.27
CA ILE A 44 1.78 -6.66 0.38
C ILE A 44 3.16 -6.33 0.96
N ILE A 45 3.28 -6.19 2.29
CA ILE A 45 4.57 -5.92 2.90
C ILE A 45 5.46 -7.14 2.62
N GLN A 46 4.93 -8.38 2.69
CA GLN A 46 5.72 -9.58 2.42
C GLN A 46 6.31 -9.55 1.00
N SER A 47 5.78 -8.74 0.07
CA SER A 47 6.29 -8.63 -1.28
C SER A 47 7.55 -7.75 -1.23
N ARG A 48 7.42 -6.61 -0.56
CA ARG A 48 8.45 -5.60 -0.40
C ARG A 48 9.58 -5.92 0.55
N GLU A 49 9.30 -6.64 1.63
CA GLU A 49 10.27 -6.96 2.68
C GLU A 49 10.50 -8.48 2.72
N PRO A 50 11.66 -8.99 2.26
CA PRO A 50 11.92 -10.43 2.26
C PRO A 50 12.00 -11.03 3.67
N SER A 51 12.59 -10.35 4.65
CA SER A 51 12.69 -10.92 6.00
C SER A 51 11.33 -11.02 6.69
N LEU A 52 10.29 -10.34 6.19
CA LEU A 52 8.95 -10.42 6.76
C LEU A 52 8.09 -11.38 5.95
N LYS A 53 8.61 -11.93 4.85
CA LYS A 53 7.89 -12.89 4.02
C LYS A 53 7.95 -14.22 4.76
N ASN A 54 7.00 -15.11 4.46
CA ASN A 54 6.87 -16.46 5.03
C ASN A 54 6.37 -16.44 6.48
N SER A 55 6.53 -15.31 7.17
CA SER A 55 6.13 -15.06 8.54
C SER A 55 4.60 -14.94 8.62
N ASN A 56 4.06 -14.99 9.84
CA ASN A 56 2.63 -14.89 10.12
C ASN A 56 2.21 -13.42 10.17
N PRO A 57 1.00 -13.03 9.75
CA PRO A 57 0.58 -11.64 9.76
C PRO A 57 0.51 -11.06 11.18
N ASP A 58 0.13 -11.87 12.17
CA ASP A 58 0.02 -11.44 13.57
C ASP A 58 1.38 -11.38 14.29
N GLU A 59 2.46 -11.74 13.60
CA GLU A 59 3.82 -11.75 14.15
C GLU A 59 4.70 -10.68 13.47
N ILE A 60 4.14 -9.94 12.51
CA ILE A 60 4.80 -8.87 11.76
C ILE A 60 4.27 -7.55 12.31
N GLU A 61 5.16 -6.67 12.74
CA GLU A 61 4.75 -5.35 13.23
C GLU A 61 4.65 -4.44 12.00
N ILE A 62 3.70 -3.51 11.98
CA ILE A 62 3.51 -2.59 10.87
C ILE A 62 4.05 -1.25 11.36
N ASP A 63 5.24 -0.87 10.91
CA ASP A 63 5.93 0.37 11.28
C ASP A 63 6.06 1.18 10.00
N PHE A 64 5.49 2.38 9.93
CA PHE A 64 5.57 3.18 8.72
C PHE A 64 6.88 3.96 8.70
N GLU A 65 7.72 3.77 9.71
CA GLU A 65 9.00 4.42 9.88
C GLU A 65 10.20 3.55 9.47
N THR A 66 10.00 2.26 9.22
CA THR A 66 11.05 1.32 8.79
C THR A 66 10.73 0.84 7.37
N LEU A 67 9.43 0.76 7.03
CA LEU A 67 8.98 0.34 5.71
C LEU A 67 9.30 1.43 4.71
N LYS A 68 9.54 1.03 3.47
CA LYS A 68 9.87 1.97 2.40
C LYS A 68 8.64 2.71 1.89
N PRO A 69 8.84 3.89 1.28
CA PRO A 69 7.76 4.68 0.70
C PRO A 69 6.98 3.86 -0.34
N SER A 70 7.69 3.11 -1.19
CA SER A 70 7.06 2.30 -2.22
C SER A 70 6.20 1.19 -1.58
N THR A 71 6.55 0.69 -0.39
CA THR A 71 5.77 -0.32 0.28
C THR A 71 4.40 0.28 0.60
N LEU A 72 4.37 1.46 1.23
CA LEU A 72 3.14 2.14 1.59
C LEU A 72 2.29 2.45 0.37
N ARG A 73 2.92 2.81 -0.75
CA ARG A 73 2.23 3.14 -2.00
C ARG A 73 1.32 1.99 -2.47
N GLU A 74 1.72 0.73 -2.29
CA GLU A 74 0.87 -0.39 -2.73
C GLU A 74 -0.26 -0.65 -1.73
N LEU A 75 0.02 -0.46 -0.43
CA LEU A 75 -0.94 -0.65 0.65
C LEU A 75 -2.09 0.32 0.45
N GLU A 76 -1.77 1.58 0.19
CA GLU A 76 -2.70 2.67 -0.07
C GLU A 76 -3.62 2.30 -1.24
N ARG A 77 -3.05 1.75 -2.31
CA ARG A 77 -3.82 1.38 -3.50
C ARG A 77 -4.86 0.33 -3.17
N TYR A 78 -4.51 -0.65 -2.33
CA TYR A 78 -5.39 -1.74 -1.93
C TYR A 78 -6.60 -1.21 -1.14
N VAL A 79 -6.38 -0.42 -0.09
CA VAL A 79 -7.45 0.13 0.73
C VAL A 79 -8.32 1.04 -0.12
N THR A 80 -7.69 1.96 -0.85
CA THR A 80 -8.39 2.90 -1.69
C THR A 80 -9.25 2.16 -2.71
N SER A 81 -8.85 1.00 -3.26
CA SER A 81 -9.69 0.31 -4.23
C SER A 81 -10.77 -0.53 -3.55
N CYS A 82 -10.56 -0.93 -2.29
CA CYS A 82 -11.54 -1.69 -1.55
C CYS A 82 -12.72 -0.74 -1.31
N LEU A 83 -12.41 0.49 -0.90
CA LEU A 83 -13.36 1.55 -0.60
C LEU A 83 -13.89 2.21 -1.89
N ARG A 84 -13.03 2.47 -2.89
CA ARG A 84 -13.36 3.09 -4.17
C ARG A 84 -13.63 2.03 -5.23
N LYS A 85 -14.88 1.57 -5.26
CA LYS A 85 -15.43 0.55 -6.15
C LYS A 85 -15.02 0.76 -7.61
N LYS A 86 -14.12 -0.07 -8.16
CA LYS A 86 -13.68 0.04 -9.56
C LYS A 86 -13.31 -1.36 -10.05
N ARG A 87 -13.63 -1.69 -11.31
CA ARG A 87 -13.35 -2.98 -11.94
C ARG A 87 -11.88 -3.07 -12.36
N LYS A 88 -11.47 -4.22 -12.91
CA LYS A 88 -10.12 -4.49 -13.41
C LYS A 88 -10.27 -5.13 -14.78
N PRO A 89 -9.27 -4.98 -15.67
CA PRO A 89 -9.32 -5.57 -17.00
C PRO A 89 -9.23 -7.07 -16.83
N GLN A 90 -10.35 -7.75 -17.07
CA GLN A 90 -10.45 -9.20 -16.99
C GLN A 90 -9.74 -9.72 -18.22
N GLY A 1 -3.14 14.44 -23.32
CA GLY A 1 -2.57 14.29 -24.67
C GLY A 1 -2.78 12.89 -25.20
N SER A 2 -4.04 12.40 -25.18
CA SER A 2 -4.42 11.08 -25.65
C SER A 2 -5.77 11.21 -26.36
N SER A 3 -5.94 10.42 -27.42
CA SER A 3 -7.11 10.33 -28.25
C SER A 3 -7.11 8.86 -28.66
N GLY A 4 -8.15 8.12 -28.31
CA GLY A 4 -8.24 6.69 -28.61
C GLY A 4 -7.61 5.93 -27.44
N SER A 5 -7.75 4.60 -27.42
CA SER A 5 -7.19 3.80 -26.35
C SER A 5 -5.66 3.90 -26.34
N SER A 6 -5.10 4.03 -25.15
CA SER A 6 -3.68 4.15 -24.83
C SER A 6 -3.55 3.82 -23.33
N GLY A 7 -2.33 3.69 -22.79
CA GLY A 7 -2.16 3.39 -21.38
C GLY A 7 -0.70 3.39 -20.95
N GLU A 8 -0.02 4.53 -21.01
CA GLU A 8 1.38 4.67 -20.62
C GLU A 8 1.43 4.80 -19.08
N SER A 9 1.25 3.67 -18.39
CA SER A 9 1.24 3.52 -16.93
C SER A 9 2.64 3.60 -16.33
N GLU A 10 3.36 4.69 -16.56
CA GLU A 10 4.71 4.86 -16.04
C GLU A 10 4.78 5.09 -14.54
N GLU A 11 3.83 5.83 -13.97
CA GLU A 11 3.80 6.19 -12.56
C GLU A 11 3.85 5.01 -11.57
N GLU A 12 3.26 3.86 -11.91
CA GLU A 12 3.26 2.68 -11.03
C GLU A 12 4.63 1.98 -11.00
N ASP A 13 5.57 2.42 -11.83
CA ASP A 13 6.93 1.89 -11.93
C ASP A 13 7.93 2.78 -11.16
N LYS A 14 7.43 3.72 -10.35
CA LYS A 14 8.22 4.64 -9.53
C LYS A 14 7.61 4.64 -8.13
N CYS A 15 8.20 5.39 -7.19
CA CYS A 15 7.69 5.47 -5.84
C CYS A 15 7.83 6.87 -5.25
N LYS A 16 6.71 7.59 -5.15
CA LYS A 16 6.71 8.93 -4.59
C LYS A 16 7.02 8.87 -3.10
N PRO A 17 7.57 9.94 -2.51
CA PRO A 17 7.88 9.95 -1.08
C PRO A 17 6.54 9.97 -0.32
N MET A 18 6.58 9.61 0.95
CA MET A 18 5.40 9.54 1.79
C MET A 18 5.72 10.32 3.06
N SER A 19 4.93 11.34 3.34
CA SER A 19 5.10 12.17 4.52
C SER A 19 4.49 11.45 5.73
N TYR A 20 4.72 11.99 6.92
CA TYR A 20 4.14 11.45 8.15
C TYR A 20 2.61 11.53 8.01
N GLU A 21 2.14 12.59 7.36
CA GLU A 21 0.74 12.87 7.09
C GLU A 21 0.15 11.74 6.22
N GLU A 22 0.90 11.27 5.22
CA GLU A 22 0.44 10.19 4.32
C GLU A 22 0.43 8.87 5.10
N LYS A 23 1.51 8.61 5.85
CA LYS A 23 1.65 7.39 6.65
C LYS A 23 0.49 7.24 7.62
N ARG A 24 0.11 8.33 8.29
CA ARG A 24 -1.01 8.30 9.22
C ARG A 24 -2.31 8.16 8.47
N GLN A 25 -2.54 8.89 7.38
CA GLN A 25 -3.79 8.77 6.62
C GLN A 25 -3.98 7.31 6.22
N LEU A 26 -2.91 6.65 5.76
CA LEU A 26 -2.93 5.25 5.37
C LEU A 26 -3.39 4.38 6.54
N SER A 27 -2.95 4.69 7.77
CA SER A 27 -3.31 3.98 8.99
C SER A 27 -4.82 4.10 9.24
N LEU A 28 -5.43 5.28 9.03
CA LEU A 28 -6.86 5.48 9.22
C LEU A 28 -7.62 4.57 8.26
N ASP A 29 -7.22 4.52 7.00
CA ASP A 29 -7.86 3.69 5.99
C ASP A 29 -7.69 2.21 6.34
N ILE A 30 -6.50 1.81 6.78
CA ILE A 30 -6.16 0.45 7.18
C ILE A 30 -7.09 0.00 8.32
N ASN A 31 -7.50 0.92 9.22
CA ASN A 31 -8.38 0.61 10.34
C ASN A 31 -9.82 0.35 9.90
N LYS A 32 -10.22 0.78 8.70
CA LYS A 32 -11.59 0.55 8.25
C LYS A 32 -11.76 -0.88 7.72
N LEU A 33 -10.67 -1.57 7.41
CA LEU A 33 -10.77 -2.92 6.88
C LEU A 33 -11.19 -3.93 7.95
N PRO A 34 -11.96 -4.96 7.55
CA PRO A 34 -12.40 -5.99 8.46
C PRO A 34 -11.25 -6.96 8.71
N GLY A 35 -11.30 -7.71 9.81
CA GLY A 35 -10.25 -8.67 10.13
C GLY A 35 -10.12 -9.69 8.98
N GLU A 36 -11.25 -10.11 8.39
CA GLU A 36 -11.27 -11.08 7.30
C GLU A 36 -10.51 -10.62 6.05
N LYS A 37 -10.22 -9.32 5.87
CA LYS A 37 -9.45 -8.84 4.71
C LYS A 37 -8.11 -8.27 5.16
N LEU A 38 -7.96 -7.94 6.45
CA LEU A 38 -6.74 -7.40 7.03
C LEU A 38 -5.57 -8.33 6.79
N GLY A 39 -5.74 -9.64 6.91
CA GLY A 39 -4.64 -10.58 6.67
C GLY A 39 -4.12 -10.57 5.23
N ARG A 40 -4.79 -9.87 4.30
CA ARG A 40 -4.33 -9.77 2.92
C ARG A 40 -3.39 -8.56 2.83
N VAL A 41 -3.52 -7.58 3.74
CA VAL A 41 -2.71 -6.39 3.81
C VAL A 41 -1.27 -6.79 4.10
N VAL A 42 -1.04 -7.54 5.17
CA VAL A 42 0.27 -8.01 5.61
C VAL A 42 1.05 -8.69 4.48
N HIS A 43 0.35 -9.44 3.61
CA HIS A 43 0.97 -10.14 2.49
C HIS A 43 1.58 -9.17 1.46
N ILE A 44 1.09 -7.93 1.37
CA ILE A 44 1.61 -6.92 0.45
C ILE A 44 3.00 -6.53 0.98
N ILE A 45 3.14 -6.26 2.28
CA ILE A 45 4.44 -5.89 2.84
C ILE A 45 5.45 -7.02 2.63
N GLN A 46 5.03 -8.29 2.75
CA GLN A 46 5.92 -9.43 2.54
C GLN A 46 6.52 -9.44 1.12
N SER A 47 5.87 -8.79 0.14
CA SER A 47 6.36 -8.71 -1.23
C SER A 47 7.51 -7.69 -1.33
N ARG A 48 7.65 -6.81 -0.34
CA ARG A 48 8.66 -5.77 -0.26
C ARG A 48 9.77 -6.14 0.72
N GLU A 49 9.43 -6.85 1.80
CA GLU A 49 10.34 -7.26 2.87
C GLU A 49 10.75 -8.73 2.72
N PRO A 50 11.89 -9.06 2.08
CA PRO A 50 12.32 -10.44 1.92
C PRO A 50 12.60 -11.17 3.24
N SER A 51 12.90 -10.47 4.35
CA SER A 51 13.15 -11.11 5.63
C SER A 51 11.81 -11.55 6.22
N LEU A 52 10.88 -10.61 6.35
CA LEU A 52 9.54 -10.81 6.91
C LEU A 52 8.65 -11.72 6.06
N LYS A 53 8.97 -11.98 4.79
CA LYS A 53 8.17 -12.86 3.94
C LYS A 53 8.06 -14.29 4.50
N ASN A 54 8.97 -14.67 5.40
CA ASN A 54 9.02 -16.00 6.02
C ASN A 54 8.18 -16.09 7.30
N SER A 55 7.76 -14.97 7.88
CA SER A 55 6.96 -14.97 9.10
C SER A 55 5.47 -15.15 8.85
N ASN A 56 4.74 -15.39 9.94
CA ASN A 56 3.28 -15.56 9.96
C ASN A 56 2.63 -14.18 9.90
N PRO A 57 1.40 -14.01 9.37
CA PRO A 57 0.74 -12.72 9.29
C PRO A 57 0.57 -12.02 10.65
N ASP A 58 0.26 -12.75 11.72
CA ASP A 58 0.09 -12.22 13.09
C ASP A 58 1.42 -12.08 13.82
N GLU A 59 2.50 -12.51 13.19
CA GLU A 59 3.88 -12.45 13.68
C GLU A 59 4.62 -11.28 13.06
N ILE A 60 3.99 -10.55 12.13
CA ILE A 60 4.56 -9.40 11.43
C ILE A 60 3.94 -8.12 11.98
N GLU A 61 4.80 -7.27 12.54
CA GLU A 61 4.38 -5.98 13.07
C GLU A 61 4.32 -5.01 11.89
N ILE A 62 3.39 -4.06 11.91
CA ILE A 62 3.19 -3.05 10.88
C ILE A 62 3.53 -1.70 11.49
N ASP A 63 4.50 -0.99 10.93
CA ASP A 63 4.88 0.36 11.36
C ASP A 63 5.19 1.12 10.08
N PHE A 64 4.85 2.40 10.03
CA PHE A 64 5.07 3.20 8.84
C PHE A 64 6.42 3.92 8.87
N GLU A 65 7.06 3.97 10.05
CA GLU A 65 8.33 4.63 10.22
C GLU A 65 9.49 3.78 9.68
N THR A 66 9.37 2.46 9.74
CA THR A 66 10.41 1.55 9.27
C THR A 66 10.17 1.13 7.81
N LEU A 67 8.91 1.05 7.39
CA LEU A 67 8.58 0.65 6.02
C LEU A 67 8.92 1.76 5.03
N LYS A 68 9.32 1.35 3.83
CA LYS A 68 9.73 2.24 2.73
C LYS A 68 8.55 2.97 2.10
N PRO A 69 8.78 4.13 1.44
CA PRO A 69 7.72 4.89 0.78
C PRO A 69 7.06 4.04 -0.31
N SER A 70 7.86 3.22 -1.00
CA SER A 70 7.41 2.33 -2.04
C SER A 70 6.47 1.24 -1.53
N THR A 71 6.62 0.82 -0.28
CA THR A 71 5.77 -0.18 0.34
C THR A 71 4.40 0.45 0.60
N LEU A 72 4.38 1.68 1.14
CA LEU A 72 3.14 2.37 1.43
C LEU A 72 2.32 2.63 0.17
N ARG A 73 2.97 2.98 -0.95
CA ARG A 73 2.26 3.22 -2.21
C ARG A 73 1.46 1.98 -2.66
N GLU A 74 1.96 0.78 -2.37
CA GLU A 74 1.29 -0.47 -2.72
C GLU A 74 0.10 -0.74 -1.79
N LEU A 75 0.16 -0.30 -0.53
CA LEU A 75 -0.89 -0.49 0.45
C LEU A 75 -2.03 0.50 0.24
N GLU A 76 -1.74 1.78 -0.01
CA GLU A 76 -2.76 2.82 -0.27
C GLU A 76 -3.63 2.42 -1.47
N ARG A 77 -3.06 1.66 -2.40
CA ARG A 77 -3.72 1.15 -3.59
C ARG A 77 -4.86 0.21 -3.19
N TYR A 78 -4.54 -0.78 -2.36
CA TYR A 78 -5.48 -1.79 -1.88
C TYR A 78 -6.69 -1.14 -1.21
N VAL A 79 -6.47 -0.31 -0.18
CA VAL A 79 -7.55 0.37 0.54
C VAL A 79 -8.40 1.19 -0.42
N THR A 80 -7.79 2.00 -1.29
CA THR A 80 -8.53 2.81 -2.23
C THR A 80 -9.43 1.94 -3.11
N SER A 81 -8.98 0.76 -3.51
CA SER A 81 -9.74 -0.13 -4.36
C SER A 81 -10.88 -0.77 -3.55
N CYS A 82 -10.64 -1.13 -2.28
CA CYS A 82 -11.67 -1.73 -1.43
C CYS A 82 -12.76 -0.72 -1.08
N LEU A 83 -12.38 0.54 -0.84
CA LEU A 83 -13.30 1.60 -0.46
C LEU A 83 -14.00 2.31 -1.61
N ARG A 84 -13.27 2.64 -2.68
CA ARG A 84 -13.77 3.36 -3.84
C ARG A 84 -14.18 2.39 -4.94
N LYS A 85 -15.46 2.08 -5.05
CA LYS A 85 -15.97 1.19 -6.10
C LYS A 85 -16.35 1.98 -7.35
N LYS A 86 -16.39 3.33 -7.29
CA LYS A 86 -16.74 4.24 -8.38
C LYS A 86 -15.52 5.00 -8.92
N ARG A 87 -15.65 5.58 -10.11
CA ARG A 87 -14.66 6.39 -10.86
C ARG A 87 -15.43 7.26 -11.86
N LYS A 88 -14.83 8.32 -12.41
CA LYS A 88 -15.50 9.18 -13.40
C LYS A 88 -14.48 9.98 -14.23
N PRO A 89 -13.85 9.39 -15.25
CA PRO A 89 -12.88 10.08 -16.10
C PRO A 89 -13.60 11.18 -16.87
N GLN A 90 -13.28 12.43 -16.57
CA GLN A 90 -13.85 13.60 -17.22
C GLN A 90 -13.09 13.91 -18.49
N GLY A 1 -18.74 13.70 -12.14
CA GLY A 1 -18.86 12.35 -12.70
C GLY A 1 -17.57 11.56 -12.57
N SER A 2 -17.51 10.40 -13.23
CA SER A 2 -16.35 9.53 -13.21
C SER A 2 -15.11 10.21 -13.80
N SER A 3 -13.96 9.96 -13.20
CA SER A 3 -12.68 10.50 -13.62
C SER A 3 -11.57 9.56 -13.17
N GLY A 4 -10.32 9.95 -13.43
CA GLY A 4 -9.12 9.19 -13.10
C GLY A 4 -8.50 8.85 -14.45
N SER A 5 -7.51 9.63 -14.87
CA SER A 5 -6.84 9.43 -16.15
C SER A 5 -6.07 8.10 -16.17
N SER A 6 -5.67 7.66 -17.36
CA SER A 6 -4.94 6.41 -17.59
C SER A 6 -3.94 6.67 -18.72
N GLY A 7 -2.95 5.81 -18.89
CA GLY A 7 -1.93 5.95 -19.93
C GLY A 7 -0.58 5.52 -19.40
N GLU A 8 0.14 4.72 -20.19
CA GLU A 8 1.47 4.22 -19.85
C GLU A 8 2.37 5.42 -19.56
N SER A 9 2.82 5.55 -18.33
CA SER A 9 3.67 6.62 -17.88
C SER A 9 4.67 6.05 -16.90
N GLU A 10 5.88 6.60 -16.84
CA GLU A 10 6.92 6.12 -15.94
C GLU A 10 6.47 6.14 -14.47
N GLU A 11 5.68 7.16 -14.10
CA GLU A 11 5.13 7.35 -12.76
C GLU A 11 4.13 6.27 -12.37
N GLU A 12 3.60 5.53 -13.34
CA GLU A 12 2.64 4.48 -13.09
C GLU A 12 3.29 3.30 -12.35
N ASP A 13 4.63 3.22 -12.38
CA ASP A 13 5.42 2.15 -11.76
C ASP A 13 6.47 2.68 -10.78
N LYS A 14 6.33 3.92 -10.29
CA LYS A 14 7.30 4.52 -9.35
C LYS A 14 6.65 4.96 -8.05
N CYS A 15 7.49 5.17 -7.03
CA CYS A 15 7.09 5.61 -5.71
C CYS A 15 7.44 7.08 -5.51
N LYS A 16 6.83 7.71 -4.50
CA LYS A 16 7.02 9.09 -4.11
C LYS A 16 7.28 9.09 -2.61
N PRO A 17 7.95 10.11 -2.06
CA PRO A 17 8.25 10.17 -0.65
C PRO A 17 6.97 10.44 0.14
N MET A 18 6.55 9.43 0.89
CA MET A 18 5.36 9.45 1.72
C MET A 18 5.58 10.37 2.90
N SER A 19 4.74 11.38 3.06
CA SER A 19 4.82 12.34 4.16
C SER A 19 4.23 11.72 5.44
N TYR A 20 4.41 12.38 6.60
CA TYR A 20 3.88 11.88 7.88
C TYR A 20 2.36 11.74 7.79
N GLU A 21 1.70 12.71 7.15
CA GLU A 21 0.26 12.74 6.97
C GLU A 21 -0.18 11.58 6.08
N GLU A 22 0.55 11.29 4.99
CA GLU A 22 0.21 10.19 4.08
C GLU A 22 0.25 8.86 4.82
N LYS A 23 1.34 8.66 5.58
CA LYS A 23 1.56 7.46 6.37
C LYS A 23 0.43 7.30 7.40
N ARG A 24 -0.01 8.39 8.03
CA ARG A 24 -1.06 8.36 9.02
C ARG A 24 -2.41 8.08 8.36
N GLN A 25 -2.75 8.75 7.27
CA GLN A 25 -4.00 8.55 6.55
C GLN A 25 -4.16 7.08 6.13
N LEU A 26 -3.07 6.45 5.70
CA LEU A 26 -3.04 5.05 5.29
C LEU A 26 -3.55 4.17 6.45
N SER A 27 -3.19 4.53 7.69
CA SER A 27 -3.59 3.83 8.92
C SER A 27 -5.11 3.95 9.10
N LEU A 28 -5.70 5.14 8.91
CA LEU A 28 -7.12 5.35 9.06
C LEU A 28 -7.91 4.49 8.07
N ASP A 29 -7.52 4.51 6.80
CA ASP A 29 -8.22 3.71 5.79
C ASP A 29 -8.11 2.22 6.14
N ILE A 30 -6.95 1.78 6.63
CA ILE A 30 -6.74 0.39 7.04
C ILE A 30 -7.71 0.07 8.20
N ASN A 31 -8.03 1.04 9.07
CA ASN A 31 -8.94 0.83 10.19
C ASN A 31 -10.37 0.70 9.67
N LYS A 32 -10.72 1.31 8.54
CA LYS A 32 -12.06 1.23 7.94
C LYS A 32 -12.33 -0.17 7.38
N LEU A 33 -11.28 -0.84 6.89
CA LEU A 33 -11.38 -2.19 6.34
C LEU A 33 -11.75 -3.20 7.43
N PRO A 34 -12.46 -4.29 7.09
CA PRO A 34 -12.83 -5.31 8.06
C PRO A 34 -11.62 -6.17 8.39
N GLY A 35 -11.65 -6.89 9.52
CA GLY A 35 -10.57 -7.76 9.97
C GLY A 35 -10.27 -8.87 8.96
N GLU A 36 -11.27 -9.29 8.18
CA GLU A 36 -11.08 -10.32 7.16
C GLU A 36 -10.26 -9.80 5.98
N LYS A 37 -10.21 -8.48 5.74
CA LYS A 37 -9.40 -7.90 4.66
C LYS A 37 -8.09 -7.35 5.20
N LEU A 38 -8.01 -7.08 6.51
CA LEU A 38 -6.82 -6.58 7.18
C LEU A 38 -5.73 -7.63 7.07
N GLY A 39 -6.04 -8.91 7.30
CA GLY A 39 -5.02 -9.96 7.22
C GLY A 39 -4.36 -10.13 5.86
N ARG A 40 -4.80 -9.41 4.82
CA ARG A 40 -4.19 -9.48 3.51
C ARG A 40 -3.10 -8.40 3.44
N VAL A 41 -3.25 -7.32 4.22
CA VAL A 41 -2.33 -6.21 4.31
C VAL A 41 -0.93 -6.74 4.60
N VAL A 42 -0.78 -7.65 5.58
CA VAL A 42 0.52 -8.23 5.95
C VAL A 42 1.24 -8.87 4.74
N HIS A 43 0.50 -9.54 3.87
CA HIS A 43 1.05 -10.22 2.70
C HIS A 43 1.61 -9.22 1.68
N ILE A 44 1.14 -7.97 1.70
CA ILE A 44 1.62 -6.94 0.78
C ILE A 44 3.07 -6.61 1.15
N ILE A 45 3.38 -6.45 2.44
CA ILE A 45 4.75 -6.14 2.89
C ILE A 45 5.68 -7.31 2.55
N GLN A 46 5.24 -8.56 2.72
CA GLN A 46 6.06 -9.73 2.41
C GLN A 46 6.57 -9.73 0.96
N SER A 47 5.89 -9.04 0.03
CA SER A 47 6.35 -9.00 -1.35
C SER A 47 7.55 -8.05 -1.47
N ARG A 48 7.66 -7.05 -0.60
CA ARG A 48 8.73 -6.04 -0.59
C ARG A 48 9.88 -6.35 0.33
N GLU A 49 9.64 -7.06 1.43
CA GLU A 49 10.67 -7.40 2.40
C GLU A 49 10.90 -8.91 2.33
N PRO A 50 11.92 -9.39 1.61
CA PRO A 50 12.19 -10.83 1.48
C PRO A 50 12.55 -11.50 2.80
N SER A 51 12.98 -10.73 3.80
CA SER A 51 13.33 -11.20 5.13
C SER A 51 12.04 -11.57 5.86
N LEU A 52 11.10 -10.63 5.94
CA LEU A 52 9.81 -10.80 6.60
C LEU A 52 8.89 -11.73 5.82
N LYS A 53 9.22 -12.06 4.56
CA LYS A 53 8.42 -12.97 3.75
C LYS A 53 8.36 -14.38 4.36
N ASN A 54 9.45 -14.80 4.99
CA ASN A 54 9.54 -16.12 5.61
C ASN A 54 8.87 -16.14 6.98
N SER A 55 8.57 -14.98 7.56
CA SER A 55 7.92 -14.88 8.85
C SER A 55 6.43 -15.16 8.72
N ASN A 56 5.77 -15.49 9.82
CA ASN A 56 4.35 -15.79 9.85
C ASN A 56 3.55 -14.50 9.90
N PRO A 57 2.33 -14.42 9.31
CA PRO A 57 1.54 -13.19 9.36
C PRO A 57 1.16 -12.79 10.78
N ASP A 58 0.95 -13.75 11.68
CA ASP A 58 0.60 -13.47 13.08
C ASP A 58 1.82 -12.98 13.87
N GLU A 59 3.03 -13.16 13.33
CA GLU A 59 4.30 -12.76 13.93
C GLU A 59 4.78 -11.41 13.37
N ILE A 60 4.07 -10.83 12.39
CA ILE A 60 4.42 -9.55 11.79
C ILE A 60 3.51 -8.44 12.32
N GLU A 61 4.09 -7.26 12.53
CA GLU A 61 3.45 -6.03 13.00
C GLU A 61 3.79 -4.93 11.99
N ILE A 62 2.94 -3.90 11.88
CA ILE A 62 3.11 -2.79 10.95
C ILE A 62 3.57 -1.54 11.68
N ASP A 63 4.57 -0.88 11.11
CA ASP A 63 5.17 0.36 11.59
C ASP A 63 5.44 1.18 10.36
N PHE A 64 4.72 2.28 10.18
CA PHE A 64 4.91 3.14 9.02
C PHE A 64 6.27 3.82 9.10
N GLU A 65 6.84 3.75 10.29
CA GLU A 65 8.09 4.28 10.73
C GLU A 65 9.28 3.47 10.19
N THR A 66 9.13 2.15 10.00
CA THR A 66 10.20 1.30 9.49
C THR A 66 10.03 0.99 8.00
N LEU A 67 8.80 1.07 7.48
CA LEU A 67 8.54 0.76 6.08
C LEU A 67 9.11 1.81 5.12
N LYS A 68 9.24 1.42 3.85
CA LYS A 68 9.76 2.27 2.77
C LYS A 68 8.58 2.94 2.06
N PRO A 69 8.80 4.05 1.34
CA PRO A 69 7.73 4.73 0.60
C PRO A 69 7.09 3.77 -0.40
N SER A 70 7.90 2.90 -1.00
CA SER A 70 7.50 1.90 -1.96
C SER A 70 6.56 0.85 -1.35
N THR A 71 6.74 0.49 -0.07
CA THR A 71 5.89 -0.46 0.62
C THR A 71 4.51 0.17 0.71
N LEU A 72 4.43 1.35 1.33
CA LEU A 72 3.22 2.13 1.54
C LEU A 72 2.46 2.39 0.23
N ARG A 73 3.17 2.60 -0.88
CA ARG A 73 2.54 2.85 -2.19
C ARG A 73 1.56 1.75 -2.59
N GLU A 74 1.84 0.50 -2.25
CA GLU A 74 0.95 -0.61 -2.60
C GLU A 74 -0.15 -0.75 -1.56
N LEU A 75 0.17 -0.47 -0.29
CA LEU A 75 -0.79 -0.55 0.80
C LEU A 75 -1.89 0.51 0.57
N GLU A 76 -1.55 1.69 0.04
CA GLU A 76 -2.50 2.76 -0.27
C GLU A 76 -3.45 2.23 -1.35
N ARG A 77 -2.90 1.82 -2.49
CA ARG A 77 -3.61 1.30 -3.65
C ARG A 77 -4.62 0.22 -3.27
N TYR A 78 -4.20 -0.70 -2.40
CA TYR A 78 -5.01 -1.80 -1.91
C TYR A 78 -6.31 -1.32 -1.28
N VAL A 79 -6.26 -0.42 -0.29
CA VAL A 79 -7.47 0.05 0.37
C VAL A 79 -8.34 0.90 -0.55
N THR A 80 -7.76 1.79 -1.34
CA THR A 80 -8.53 2.66 -2.23
C THR A 80 -9.41 1.85 -3.19
N SER A 81 -8.99 0.65 -3.56
CA SER A 81 -9.73 -0.21 -4.48
C SER A 81 -10.99 -0.78 -3.82
N CYS A 82 -10.93 -1.05 -2.51
CA CYS A 82 -12.02 -1.61 -1.73
C CYS A 82 -12.95 -0.54 -1.17
N LEU A 83 -12.35 0.44 -0.46
CA LEU A 83 -13.07 1.52 0.18
C LEU A 83 -13.81 2.41 -0.79
N ARG A 84 -13.32 2.57 -2.03
CA ARG A 84 -13.96 3.37 -3.06
C ARG A 84 -14.60 2.41 -4.06
N LYS A 85 -15.23 2.94 -5.10
CA LYS A 85 -15.86 2.09 -6.11
C LYS A 85 -14.79 1.26 -6.80
N LYS A 86 -14.96 -0.05 -6.84
CA LYS A 86 -14.04 -0.98 -7.48
C LYS A 86 -14.12 -0.69 -8.98
N ARG A 87 -13.11 -0.08 -9.59
CA ARG A 87 -13.06 0.25 -11.03
C ARG A 87 -11.80 -0.37 -11.59
N LYS A 88 -11.84 -0.82 -12.86
CA LYS A 88 -10.73 -1.48 -13.56
C LYS A 88 -10.08 -2.49 -12.61
N PRO A 89 -10.78 -3.57 -12.23
CA PRO A 89 -10.24 -4.57 -11.33
C PRO A 89 -9.05 -5.28 -11.95
N GLN A 90 -8.38 -6.06 -11.12
CA GLN A 90 -7.20 -6.85 -11.45
C GLN A 90 -7.49 -8.29 -11.11
N GLY A 1 -5.18 13.84 -6.04
CA GLY A 1 -4.65 13.77 -7.40
C GLY A 1 -5.15 12.54 -8.13
N SER A 2 -5.08 12.56 -9.47
CA SER A 2 -5.50 11.45 -10.32
C SER A 2 -4.77 11.56 -11.66
N SER A 3 -3.45 11.51 -11.63
CA SER A 3 -2.63 11.60 -12.84
C SER A 3 -2.83 10.32 -13.67
N GLY A 4 -2.38 10.30 -14.92
CA GLY A 4 -2.53 9.14 -15.81
C GLY A 4 -2.22 9.53 -17.26
N SER A 5 -2.26 8.55 -18.14
CA SER A 5 -1.98 8.67 -19.56
C SER A 5 -2.68 7.52 -20.30
N SER A 6 -2.01 6.90 -21.26
CA SER A 6 -2.45 5.77 -22.06
C SER A 6 -1.15 5.06 -22.49
N GLY A 7 -1.11 3.74 -22.35
CA GLY A 7 0.03 2.90 -22.70
C GLY A 7 1.15 3.01 -21.67
N GLU A 8 1.91 4.12 -21.70
CA GLU A 8 3.02 4.37 -20.80
C GLU A 8 2.50 4.93 -19.47
N SER A 9 1.92 4.04 -18.66
CA SER A 9 1.37 4.27 -17.34
C SER A 9 2.54 4.34 -16.36
N GLU A 10 3.39 5.36 -16.48
CA GLU A 10 4.57 5.49 -15.63
C GLU A 10 4.27 5.49 -14.13
N GLU A 11 3.10 5.97 -13.71
CA GLU A 11 2.71 5.99 -12.29
C GLU A 11 2.70 4.57 -11.70
N GLU A 12 2.53 3.55 -12.56
CA GLU A 12 2.48 2.14 -12.20
C GLU A 12 3.81 1.63 -11.63
N ASP A 13 4.94 2.20 -12.03
CA ASP A 13 6.26 1.76 -11.55
C ASP A 13 7.11 2.87 -10.94
N LYS A 14 6.60 4.10 -10.95
CA LYS A 14 7.30 5.23 -10.35
C LYS A 14 6.91 5.25 -8.87
N CYS A 15 7.55 6.09 -8.05
CA CYS A 15 7.25 6.20 -6.62
C CYS A 15 7.47 7.63 -6.14
N LYS A 16 7.01 7.94 -4.91
CA LYS A 16 7.13 9.24 -4.28
C LYS A 16 7.37 9.03 -2.78
N PRO A 17 8.08 9.95 -2.10
CA PRO A 17 8.36 9.85 -0.68
C PRO A 17 7.10 10.17 0.14
N MET A 18 6.63 9.19 0.88
CA MET A 18 5.44 9.26 1.72
C MET A 18 5.74 10.13 2.94
N SER A 19 4.94 11.16 3.16
CA SER A 19 5.09 12.06 4.31
C SER A 19 4.51 11.37 5.55
N TYR A 20 4.72 11.97 6.74
CA TYR A 20 4.20 11.45 8.00
C TYR A 20 2.68 11.38 7.92
N GLU A 21 2.08 12.40 7.30
CA GLU A 21 0.65 12.51 7.13
C GLU A 21 0.15 11.37 6.24
N GLU A 22 0.92 10.91 5.23
CA GLU A 22 0.50 9.80 4.37
C GLU A 22 0.54 8.52 5.17
N LYS A 23 1.66 8.31 5.89
CA LYS A 23 1.87 7.12 6.71
C LYS A 23 0.73 6.97 7.72
N ARG A 24 0.37 8.05 8.41
CA ARG A 24 -0.68 8.02 9.41
C ARG A 24 -2.04 7.85 8.74
N GLN A 25 -2.37 8.65 7.74
CA GLN A 25 -3.66 8.56 7.03
C GLN A 25 -3.92 7.14 6.51
N LEU A 26 -2.90 6.49 5.95
CA LEU A 26 -3.01 5.15 5.42
C LEU A 26 -3.46 4.16 6.51
N SER A 27 -3.01 4.35 7.74
CA SER A 27 -3.36 3.48 8.86
C SER A 27 -4.87 3.59 9.15
N LEU A 28 -5.41 4.82 9.15
CA LEU A 28 -6.81 5.09 9.41
C LEU A 28 -7.68 4.31 8.42
N ASP A 29 -7.32 4.32 7.14
CA ASP A 29 -8.09 3.58 6.12
C ASP A 29 -7.85 2.08 6.20
N ILE A 30 -6.63 1.64 6.54
CA ILE A 30 -6.31 0.22 6.68
C ILE A 30 -7.28 -0.37 7.71
N ASN A 31 -7.55 0.36 8.78
CA ASN A 31 -8.46 -0.07 9.84
C ASN A 31 -9.92 -0.20 9.37
N LYS A 32 -10.31 0.33 8.20
CA LYS A 32 -11.68 0.20 7.69
C LYS A 32 -11.89 -1.21 7.12
N LEU A 33 -10.83 -1.90 6.72
CA LEU A 33 -10.91 -3.25 6.17
C LEU A 33 -11.34 -4.21 7.28
N PRO A 34 -12.11 -5.26 6.97
CA PRO A 34 -12.52 -6.24 7.95
C PRO A 34 -11.30 -7.10 8.32
N GLY A 35 -11.33 -7.75 9.48
CA GLY A 35 -10.25 -8.61 9.96
C GLY A 35 -9.91 -9.69 8.93
N GLU A 36 -10.92 -10.27 8.27
CA GLU A 36 -10.75 -11.31 7.26
C GLU A 36 -9.93 -10.83 6.05
N LYS A 37 -9.92 -9.52 5.77
CA LYS A 37 -9.16 -8.96 4.66
C LYS A 37 -7.86 -8.34 5.16
N LEU A 38 -7.74 -7.95 6.43
CA LEU A 38 -6.52 -7.34 6.93
C LEU A 38 -5.31 -8.25 6.70
N GLY A 39 -5.44 -9.57 6.89
CA GLY A 39 -4.33 -10.50 6.68
C GLY A 39 -3.83 -10.60 5.23
N ARG A 40 -4.49 -9.93 4.28
CA ARG A 40 -4.04 -9.91 2.89
C ARG A 40 -3.17 -8.66 2.70
N VAL A 41 -3.35 -7.60 3.52
CA VAL A 41 -2.57 -6.38 3.46
C VAL A 41 -1.11 -6.79 3.71
N VAL A 42 -0.83 -7.50 4.80
CA VAL A 42 0.50 -7.98 5.21
C VAL A 42 1.24 -8.70 4.09
N HIS A 43 0.53 -9.45 3.25
CA HIS A 43 1.10 -10.21 2.14
C HIS A 43 1.76 -9.28 1.12
N ILE A 44 1.23 -8.07 0.97
CA ILE A 44 1.78 -7.12 0.02
C ILE A 44 3.17 -6.72 0.56
N ILE A 45 3.26 -6.36 1.85
CA ILE A 45 4.52 -5.97 2.46
C ILE A 45 5.51 -7.13 2.42
N GLN A 46 5.09 -8.37 2.64
CA GLN A 46 6.00 -9.52 2.59
C GLN A 46 6.69 -9.65 1.22
N SER A 47 6.11 -9.08 0.16
CA SER A 47 6.70 -9.11 -1.18
C SER A 47 7.84 -8.09 -1.24
N ARG A 48 7.70 -6.97 -0.53
CA ARG A 48 8.66 -5.87 -0.47
C ARG A 48 9.77 -6.13 0.54
N GLU A 49 9.43 -6.72 1.67
CA GLU A 49 10.33 -7.00 2.78
C GLU A 49 10.55 -8.53 2.79
N PRO A 50 11.64 -9.02 2.20
CA PRO A 50 11.91 -10.46 2.12
C PRO A 50 12.01 -11.17 3.46
N SER A 51 12.75 -10.63 4.43
CA SER A 51 12.91 -11.24 5.75
C SER A 51 11.53 -11.52 6.35
N LEU A 52 10.68 -10.50 6.39
CA LEU A 52 9.33 -10.53 6.94
C LEU A 52 8.43 -11.57 6.25
N LYS A 53 8.78 -12.08 5.07
CA LYS A 53 7.98 -13.10 4.39
C LYS A 53 8.11 -14.45 5.13
N ASN A 54 9.07 -14.55 6.05
CA ASN A 54 9.38 -15.75 6.83
C ASN A 54 8.87 -15.58 8.26
N SER A 55 7.77 -14.85 8.47
CA SER A 55 7.13 -14.59 9.76
C SER A 55 5.62 -14.84 9.60
N ASN A 56 4.95 -15.22 10.69
CA ASN A 56 3.51 -15.48 10.67
C ASN A 56 2.81 -14.12 10.50
N PRO A 57 1.68 -14.00 9.77
CA PRO A 57 1.01 -12.72 9.56
C PRO A 57 0.63 -12.00 10.85
N ASP A 58 0.34 -12.73 11.92
CA ASP A 58 -0.02 -12.17 13.22
C ASP A 58 1.19 -11.63 13.99
N GLU A 59 2.40 -12.17 13.72
CA GLU A 59 3.64 -11.77 14.40
C GLU A 59 4.24 -10.52 13.77
N ILE A 60 3.80 -10.18 12.56
CA ILE A 60 4.27 -9.05 11.80
C ILE A 60 3.52 -7.79 12.22
N GLU A 61 4.28 -6.79 12.64
CA GLU A 61 3.75 -5.49 13.04
C GLU A 61 3.84 -4.56 11.84
N ILE A 62 2.95 -3.58 11.75
CA ILE A 62 2.92 -2.56 10.71
C ILE A 62 3.76 -1.42 11.31
N ASP A 63 4.91 -1.08 10.72
CA ASP A 63 5.76 0.01 11.23
C ASP A 63 6.12 0.94 10.10
N PHE A 64 5.49 2.11 10.07
CA PHE A 64 5.70 3.10 9.02
C PHE A 64 7.03 3.79 9.21
N GLU A 65 7.62 3.62 10.40
CA GLU A 65 8.87 4.19 10.77
C GLU A 65 10.06 3.41 10.20
N THR A 66 9.85 2.20 9.65
CA THR A 66 10.92 1.40 9.06
C THR A 66 10.61 0.98 7.62
N LEU A 67 9.34 1.01 7.19
CA LEU A 67 8.95 0.60 5.84
C LEU A 67 9.31 1.63 4.77
N LYS A 68 9.43 1.16 3.53
CA LYS A 68 9.75 1.99 2.37
C LYS A 68 8.51 2.75 1.88
N PRO A 69 8.69 3.90 1.22
CA PRO A 69 7.57 4.68 0.69
C PRO A 69 6.82 3.88 -0.39
N SER A 70 7.53 3.12 -1.22
CA SER A 70 6.92 2.32 -2.28
C SER A 70 5.97 1.27 -1.71
N THR A 71 6.33 0.67 -0.57
CA THR A 71 5.52 -0.33 0.09
C THR A 71 4.18 0.27 0.48
N LEU A 72 4.20 1.41 1.17
CA LEU A 72 2.99 2.09 1.61
C LEU A 72 2.11 2.47 0.43
N ARG A 73 2.71 2.95 -0.66
CA ARG A 73 2.00 3.35 -1.87
C ARG A 73 1.07 2.25 -2.38
N GLU A 74 1.46 0.97 -2.31
CA GLU A 74 0.60 -0.10 -2.80
C GLU A 74 -0.57 -0.37 -1.84
N LEU A 75 -0.34 -0.26 -0.54
CA LEU A 75 -1.41 -0.49 0.45
C LEU A 75 -2.46 0.59 0.27
N GLU A 76 -2.02 1.83 0.05
CA GLU A 76 -2.91 2.96 -0.17
C GLU A 76 -3.79 2.69 -1.39
N ARG A 77 -3.23 2.18 -2.48
CA ARG A 77 -3.95 1.87 -3.69
C ARG A 77 -4.97 0.77 -3.35
N TYR A 78 -4.58 -0.23 -2.57
CA TYR A 78 -5.43 -1.32 -2.18
C TYR A 78 -6.65 -0.83 -1.36
N VAL A 79 -6.44 -0.05 -0.27
CA VAL A 79 -7.55 0.45 0.55
C VAL A 79 -8.47 1.34 -0.29
N THR A 80 -7.90 2.20 -1.13
CA THR A 80 -8.66 3.10 -1.99
C THR A 80 -9.55 2.29 -2.94
N SER A 81 -9.28 1.02 -3.26
CA SER A 81 -10.17 0.26 -4.14
C SER A 81 -11.34 -0.36 -3.39
N CYS A 82 -11.22 -0.54 -2.07
CA CYS A 82 -12.29 -1.09 -1.25
C CYS A 82 -13.26 0.05 -0.95
N LEU A 83 -12.70 1.18 -0.53
CA LEU A 83 -13.37 2.40 -0.15
C LEU A 83 -13.87 3.25 -1.32
N ARG A 84 -13.71 2.81 -2.57
CA ARG A 84 -14.14 3.54 -3.77
C ARG A 84 -14.76 2.57 -4.76
N LYS A 85 -15.79 2.98 -5.51
CA LYS A 85 -16.47 2.13 -6.49
C LYS A 85 -15.49 1.61 -7.54
N LYS A 86 -14.99 2.46 -8.42
CA LYS A 86 -14.07 2.04 -9.46
C LYS A 86 -13.15 3.18 -9.89
N ARG A 87 -12.02 2.84 -10.48
CA ARG A 87 -10.97 3.70 -11.02
C ARG A 87 -10.54 3.05 -12.34
N LYS A 88 -9.73 3.75 -13.15
CA LYS A 88 -9.19 3.32 -14.45
C LYS A 88 -10.15 2.39 -15.21
N PRO A 89 -11.23 2.94 -15.80
CA PRO A 89 -12.21 2.16 -16.54
C PRO A 89 -11.68 1.75 -17.91
N GLN A 90 -12.38 0.82 -18.56
CA GLN A 90 -12.03 0.34 -19.90
C GLN A 90 -12.68 1.26 -20.93
N GLY A 1 4.46 14.05 -39.41
CA GLY A 1 4.61 14.20 -37.95
C GLY A 1 5.73 15.18 -37.66
N SER A 2 6.17 15.28 -36.41
CA SER A 2 7.25 16.15 -35.96
C SER A 2 7.78 15.53 -34.66
N SER A 3 8.72 16.20 -34.00
CA SER A 3 9.34 15.78 -32.75
C SER A 3 9.41 17.00 -31.82
N GLY A 4 9.79 16.79 -30.56
CA GLY A 4 9.92 17.82 -29.55
C GLY A 4 10.11 17.16 -28.19
N SER A 5 10.16 17.97 -27.13
CA SER A 5 10.33 17.50 -25.76
C SER A 5 9.07 16.76 -25.29
N SER A 6 9.19 16.08 -24.14
CA SER A 6 8.14 15.32 -23.52
C SER A 6 7.99 15.86 -22.09
N GLY A 7 8.79 15.37 -21.15
CA GLY A 7 8.77 15.78 -19.75
C GLY A 7 9.03 14.53 -18.93
N GLU A 8 8.26 14.35 -17.86
CA GLU A 8 8.37 13.20 -16.98
C GLU A 8 7.97 11.91 -17.71
N SER A 9 8.20 10.77 -17.06
CA SER A 9 7.85 9.47 -17.58
C SER A 9 7.66 8.54 -16.40
N GLU A 10 6.75 7.59 -16.56
CA GLU A 10 6.37 6.58 -15.57
C GLU A 10 7.57 5.71 -15.21
N GLU A 11 8.49 5.56 -16.18
CA GLU A 11 9.72 4.79 -16.06
C GLU A 11 10.54 5.34 -14.88
N GLU A 12 10.46 6.65 -14.65
CA GLU A 12 11.16 7.35 -13.61
C GLU A 12 10.27 7.58 -12.40
N ASP A 13 9.08 8.12 -12.64
CA ASP A 13 8.04 8.50 -11.68
C ASP A 13 7.37 7.35 -10.91
N LYS A 14 8.00 6.17 -10.90
CA LYS A 14 7.54 4.93 -10.25
C LYS A 14 6.93 5.17 -8.86
N CYS A 15 7.68 5.75 -7.92
CA CYS A 15 7.19 6.03 -6.58
C CYS A 15 7.87 7.26 -5.98
N LYS A 16 7.21 7.87 -5.00
CA LYS A 16 7.62 9.08 -4.27
C LYS A 16 7.67 8.80 -2.77
N PRO A 17 8.32 9.67 -1.98
CA PRO A 17 8.39 9.52 -0.53
C PRO A 17 6.98 9.71 0.04
N MET A 18 6.77 9.28 1.28
CA MET A 18 5.48 9.38 1.95
C MET A 18 5.64 10.27 3.19
N SER A 19 4.83 11.32 3.30
CA SER A 19 4.88 12.23 4.44
C SER A 19 4.14 11.58 5.63
N TYR A 20 4.33 12.14 6.82
CA TYR A 20 3.71 11.67 8.07
C TYR A 20 2.19 11.66 7.90
N GLU A 21 1.69 12.69 7.22
CA GLU A 21 0.30 12.90 6.92
C GLU A 21 -0.29 11.73 6.13
N GLU A 22 0.43 11.30 5.09
CA GLU A 22 0.07 10.22 4.18
C GLU A 22 0.08 8.90 4.96
N LYS A 23 1.19 8.63 5.66
CA LYS A 23 1.39 7.42 6.46
C LYS A 23 0.21 7.22 7.41
N ARG A 24 -0.20 8.25 8.14
CA ARG A 24 -1.32 8.14 9.07
C ARG A 24 -2.65 8.04 8.32
N GLN A 25 -2.88 8.82 7.27
CA GLN A 25 -4.13 8.75 6.49
C GLN A 25 -4.33 7.31 6.03
N LEU A 26 -3.26 6.64 5.60
CA LEU A 26 -3.25 5.27 5.15
C LEU A 26 -3.70 4.38 6.31
N SER A 27 -3.23 4.65 7.52
CA SER A 27 -3.57 3.90 8.72
C SER A 27 -5.09 3.97 8.97
N LEU A 28 -5.70 5.16 8.87
CA LEU A 28 -7.12 5.31 9.10
C LEU A 28 -7.89 4.37 8.18
N ASP A 29 -7.61 4.41 6.89
CA ASP A 29 -8.26 3.58 5.88
C ASP A 29 -8.02 2.10 6.22
N ILE A 30 -6.77 1.70 6.50
CA ILE A 30 -6.40 0.32 6.86
C ILE A 30 -7.29 -0.14 8.02
N ASN A 31 -7.43 0.67 9.07
CA ASN A 31 -8.22 0.37 10.26
C ASN A 31 -9.71 0.13 9.95
N LYS A 32 -10.24 0.60 8.82
CA LYS A 32 -11.65 0.40 8.46
C LYS A 32 -11.90 -1.01 7.94
N LEU A 33 -10.90 -1.63 7.30
CA LEU A 33 -11.01 -2.96 6.73
C LEU A 33 -11.27 -4.01 7.80
N PRO A 34 -12.03 -5.07 7.46
CA PRO A 34 -12.34 -6.16 8.39
C PRO A 34 -11.08 -7.01 8.57
N GLY A 35 -11.02 -7.81 9.64
CA GLY A 35 -9.88 -8.67 9.96
C GLY A 35 -9.46 -9.56 8.78
N GLU A 36 -10.44 -10.15 8.09
CA GLU A 36 -10.21 -11.01 6.93
C GLU A 36 -9.42 -10.30 5.82
N LYS A 37 -9.75 -9.03 5.54
CA LYS A 37 -9.08 -8.22 4.53
C LYS A 37 -7.77 -7.68 5.09
N LEU A 38 -7.70 -7.38 6.39
CA LEU A 38 -6.50 -6.87 7.02
C LEU A 38 -5.36 -7.88 6.86
N GLY A 39 -5.64 -9.18 6.98
CA GLY A 39 -4.62 -10.21 6.84
C GLY A 39 -4.06 -10.33 5.41
N ARG A 40 -4.60 -9.60 4.43
CA ARG A 40 -4.10 -9.60 3.05
C ARG A 40 -3.16 -8.40 2.93
N VAL A 41 -3.36 -7.33 3.72
CA VAL A 41 -2.51 -6.15 3.70
C VAL A 41 -1.09 -6.60 4.06
N VAL A 42 -0.93 -7.37 5.15
CA VAL A 42 0.36 -7.89 5.62
C VAL A 42 1.14 -8.63 4.53
N HIS A 43 0.43 -9.37 3.66
CA HIS A 43 1.03 -10.13 2.58
C HIS A 43 1.68 -9.21 1.53
N ILE A 44 1.24 -7.96 1.41
CA ILE A 44 1.81 -7.01 0.48
C ILE A 44 3.22 -6.67 1.00
N ILE A 45 3.35 -6.39 2.30
CA ILE A 45 4.63 -6.04 2.91
C ILE A 45 5.63 -7.18 2.72
N GLN A 46 5.22 -8.46 2.85
CA GLN A 46 6.14 -9.58 2.67
C GLN A 46 6.81 -9.59 1.29
N SER A 47 6.18 -9.00 0.26
CA SER A 47 6.74 -8.93 -1.08
C SER A 47 7.84 -7.85 -1.16
N ARG A 48 7.92 -6.95 -0.17
CA ARG A 48 8.86 -5.84 -0.06
C ARG A 48 9.91 -6.10 1.02
N GLU A 49 9.56 -6.85 2.07
CA GLU A 49 10.43 -7.20 3.18
C GLU A 49 10.82 -8.68 3.02
N PRO A 50 11.86 -9.01 2.25
CA PRO A 50 12.28 -10.40 2.06
C PRO A 50 12.69 -11.05 3.38
N SER A 51 13.14 -10.25 4.35
CA SER A 51 13.55 -10.65 5.68
C SER A 51 12.35 -11.03 6.56
N LEU A 52 11.13 -10.63 6.22
CA LEU A 52 9.91 -10.90 6.99
C LEU A 52 8.98 -11.93 6.36
N LYS A 53 9.16 -12.24 5.08
CA LYS A 53 8.33 -13.20 4.35
C LYS A 53 8.10 -14.55 5.03
N ASN A 54 9.10 -15.15 5.67
CA ASN A 54 8.93 -16.47 6.31
C ASN A 54 8.08 -16.42 7.57
N SER A 55 7.82 -15.24 8.13
CA SER A 55 7.01 -15.14 9.33
C SER A 55 5.52 -15.35 9.06
N ASN A 56 4.76 -15.50 10.15
CA ASN A 56 3.32 -15.66 10.13
C ASN A 56 2.74 -14.25 9.93
N PRO A 57 1.62 -14.07 9.24
CA PRO A 57 1.01 -12.76 9.05
C PRO A 57 0.66 -12.15 10.41
N ASP A 58 0.19 -12.98 11.34
CA ASP A 58 -0.19 -12.59 12.69
C ASP A 58 1.06 -12.17 13.50
N GLU A 59 2.25 -12.65 13.13
CA GLU A 59 3.50 -12.36 13.82
C GLU A 59 4.21 -11.13 13.25
N ILE A 60 3.67 -10.52 12.21
CA ILE A 60 4.22 -9.34 11.56
C ILE A 60 3.41 -8.14 12.09
N GLU A 61 4.01 -6.96 12.10
CA GLU A 61 3.39 -5.70 12.55
C GLU A 61 3.52 -4.68 11.42
N ILE A 62 2.62 -3.71 11.39
CA ILE A 62 2.61 -2.64 10.40
C ILE A 62 3.35 -1.48 11.10
N ASP A 63 4.37 -0.95 10.44
CA ASP A 63 5.19 0.14 10.94
C ASP A 63 5.37 1.11 9.78
N PHE A 64 5.02 2.38 9.87
CA PHE A 64 5.20 3.26 8.71
C PHE A 64 6.56 3.94 8.72
N GLU A 65 7.30 3.74 9.80
CA GLU A 65 8.59 4.33 9.99
C GLU A 65 9.69 3.45 9.40
N THR A 66 9.55 2.13 9.47
CA THR A 66 10.56 1.21 8.94
C THR A 66 10.21 0.74 7.53
N LEU A 67 8.97 0.95 7.07
CA LEU A 67 8.55 0.53 5.74
C LEU A 67 8.90 1.58 4.69
N LYS A 68 9.30 1.10 3.51
CA LYS A 68 9.69 1.93 2.39
C LYS A 68 8.45 2.60 1.83
N PRO A 69 8.60 3.74 1.12
CA PRO A 69 7.45 4.42 0.54
C PRO A 69 6.79 3.57 -0.53
N SER A 70 7.58 2.77 -1.26
CA SER A 70 7.03 1.93 -2.32
C SER A 70 6.06 0.91 -1.71
N THR A 71 6.28 0.51 -0.46
CA THR A 71 5.42 -0.44 0.23
C THR A 71 4.09 0.25 0.49
N LEU A 72 4.14 1.44 1.14
CA LEU A 72 2.96 2.21 1.49
C LEU A 72 2.12 2.57 0.28
N ARG A 73 2.74 2.93 -0.85
CA ARG A 73 2.00 3.28 -2.07
C ARG A 73 1.15 2.07 -2.49
N GLU A 74 1.66 0.83 -2.34
CA GLU A 74 0.92 -0.37 -2.70
C GLU A 74 -0.19 -0.67 -1.69
N LEU A 75 -0.05 -0.25 -0.42
CA LEU A 75 -1.07 -0.48 0.60
C LEU A 75 -2.20 0.51 0.32
N GLU A 76 -1.85 1.79 0.10
CA GLU A 76 -2.77 2.86 -0.23
C GLU A 76 -3.62 2.44 -1.43
N ARG A 77 -2.99 1.76 -2.39
CA ARG A 77 -3.65 1.27 -3.58
C ARG A 77 -4.78 0.33 -3.18
N TYR A 78 -4.47 -0.75 -2.46
CA TYR A 78 -5.39 -1.76 -1.98
C TYR A 78 -6.56 -1.17 -1.19
N VAL A 79 -6.29 -0.38 -0.15
CA VAL A 79 -7.37 0.19 0.66
C VAL A 79 -8.28 1.06 -0.22
N THR A 80 -7.71 1.90 -1.08
CA THR A 80 -8.48 2.77 -1.95
C THR A 80 -9.24 1.95 -2.99
N SER A 81 -8.78 0.77 -3.38
CA SER A 81 -9.48 -0.03 -4.37
C SER A 81 -10.78 -0.59 -3.78
N CYS A 82 -10.82 -0.87 -2.48
CA CYS A 82 -11.98 -1.41 -1.80
C CYS A 82 -12.87 -0.32 -1.18
N LEU A 83 -12.29 0.44 -0.26
CA LEU A 83 -12.95 1.50 0.49
C LEU A 83 -13.41 2.62 -0.43
N ARG A 84 -12.46 3.17 -1.18
CA ARG A 84 -12.59 4.26 -2.13
C ARG A 84 -13.42 5.40 -1.52
N LYS A 85 -12.95 5.92 -0.39
CA LYS A 85 -13.58 7.01 0.33
C LYS A 85 -12.94 8.29 -0.19
N LYS A 86 -12.68 9.30 0.64
CA LYS A 86 -12.05 10.54 0.18
C LYS A 86 -11.13 11.08 1.26
N ARG A 87 -9.83 11.09 0.97
CA ARG A 87 -8.79 11.59 1.86
C ARG A 87 -9.05 13.06 2.21
N LYS A 88 -8.31 13.58 3.18
CA LYS A 88 -8.46 14.96 3.65
C LYS A 88 -7.19 15.41 4.39
N PRO A 89 -6.96 16.72 4.56
CA PRO A 89 -5.80 17.22 5.31
C PRO A 89 -6.05 16.96 6.81
N GLN A 90 -5.02 17.01 7.67
CA GLN A 90 -5.16 16.77 9.12
C GLN A 90 -4.40 17.84 9.89
N GLY A 1 0.64 22.76 -24.77
CA GLY A 1 -0.16 21.67 -25.36
C GLY A 1 -1.14 21.18 -24.32
N SER A 2 -1.41 19.87 -24.29
CA SER A 2 -2.34 19.25 -23.36
C SER A 2 -1.77 17.89 -22.95
N SER A 3 -1.98 17.51 -21.69
CA SER A 3 -1.55 16.23 -21.13
C SER A 3 -2.43 15.14 -21.72
N GLY A 4 -1.97 13.89 -21.65
CA GLY A 4 -2.69 12.74 -22.16
C GLY A 4 -1.70 11.61 -22.25
N SER A 5 -1.12 11.40 -23.43
CA SER A 5 -0.13 10.36 -23.64
C SER A 5 1.19 10.80 -23.00
N SER A 6 2.20 9.90 -22.98
CA SER A 6 3.50 10.17 -22.42
C SER A 6 4.59 9.67 -23.36
N GLY A 7 4.98 8.41 -23.24
CA GLY A 7 6.01 7.76 -24.02
C GLY A 7 7.19 7.32 -23.17
N GLU A 8 7.13 7.43 -21.85
CA GLU A 8 8.21 7.02 -20.95
C GLU A 8 7.62 6.48 -19.66
N SER A 9 8.16 5.36 -19.19
CA SER A 9 7.73 4.65 -18.00
C SER A 9 8.46 5.02 -16.70
N GLU A 10 9.42 5.96 -16.71
CA GLU A 10 10.15 6.33 -15.51
C GLU A 10 9.23 6.76 -14.36
N GLU A 11 8.11 7.42 -14.66
CA GLU A 11 7.17 7.88 -13.66
C GLU A 11 6.03 6.87 -13.44
N GLU A 12 6.02 5.76 -14.18
CA GLU A 12 5.00 4.72 -14.07
C GLU A 12 5.46 3.56 -13.21
N ASP A 13 6.77 3.31 -13.13
CA ASP A 13 7.34 2.22 -12.36
C ASP A 13 7.93 2.65 -11.00
N LYS A 14 7.92 3.95 -10.76
CA LYS A 14 8.43 4.59 -9.54
C LYS A 14 7.27 4.99 -8.63
N CYS A 15 7.59 5.56 -7.47
CA CYS A 15 6.67 6.04 -6.45
C CYS A 15 7.22 7.38 -5.92
N LYS A 16 6.44 8.08 -5.09
CA LYS A 16 6.81 9.36 -4.49
C LYS A 16 7.10 9.14 -2.98
N PRO A 17 7.88 10.03 -2.35
CA PRO A 17 8.22 9.95 -0.93
C PRO A 17 7.01 10.32 -0.07
N MET A 18 6.59 9.39 0.78
CA MET A 18 5.44 9.50 1.68
C MET A 18 5.75 10.32 2.94
N SER A 19 4.99 11.38 3.16
CA SER A 19 5.11 12.23 4.34
C SER A 19 4.46 11.51 5.53
N TYR A 20 4.65 12.06 6.73
CA TYR A 20 4.11 11.52 7.97
C TYR A 20 2.58 11.47 7.91
N GLU A 21 1.94 12.50 7.33
CA GLU A 21 0.49 12.56 7.23
C GLU A 21 -0.03 11.49 6.26
N GLU A 22 0.77 11.09 5.27
CA GLU A 22 0.42 10.06 4.29
C GLU A 22 0.49 8.73 5.03
N LYS A 23 1.60 8.50 5.76
CA LYS A 23 1.80 7.28 6.53
C LYS A 23 0.65 7.08 7.51
N ARG A 24 0.29 8.13 8.26
CA ARG A 24 -0.79 8.05 9.23
C ARG A 24 -2.12 7.79 8.56
N GLN A 25 -2.46 8.48 7.47
CA GLN A 25 -3.72 8.32 6.76
C GLN A 25 -3.91 6.85 6.39
N LEU A 26 -2.86 6.18 5.92
CA LEU A 26 -2.95 4.78 5.54
C LEU A 26 -3.51 3.92 6.68
N SER A 27 -3.15 4.23 7.92
CA SER A 27 -3.63 3.50 9.09
C SER A 27 -5.14 3.67 9.25
N LEU A 28 -5.67 4.89 9.09
CA LEU A 28 -7.09 5.17 9.22
C LEU A 28 -7.84 4.32 8.22
N ASP A 29 -7.34 4.21 7.00
CA ASP A 29 -7.97 3.41 5.96
C ASP A 29 -7.81 1.92 6.23
N ILE A 30 -6.67 1.48 6.74
CA ILE A 30 -6.41 0.08 7.08
C ILE A 30 -7.43 -0.33 8.15
N ASN A 31 -7.77 0.59 9.06
CA ASN A 31 -8.74 0.37 10.12
C ASN A 31 -10.15 0.16 9.56
N LYS A 32 -10.45 0.54 8.32
CA LYS A 32 -11.77 0.37 7.70
C LYS A 32 -11.91 -1.02 7.09
N LEU A 33 -10.85 -1.81 7.01
CA LEU A 33 -10.91 -3.17 6.44
C LEU A 33 -11.40 -4.13 7.53
N PRO A 34 -12.23 -5.13 7.20
CA PRO A 34 -12.70 -6.11 8.17
C PRO A 34 -11.54 -7.00 8.62
N GLY A 35 -11.71 -7.73 9.71
CA GLY A 35 -10.72 -8.63 10.29
C GLY A 35 -10.09 -9.55 9.26
N GLU A 36 -10.93 -10.24 8.47
CA GLU A 36 -10.49 -11.16 7.43
C GLU A 36 -9.60 -10.46 6.38
N LYS A 37 -9.96 -9.25 5.94
CA LYS A 37 -9.22 -8.50 4.92
C LYS A 37 -7.99 -7.81 5.48
N LEU A 38 -7.87 -7.66 6.81
CA LEU A 38 -6.70 -7.02 7.42
C LEU A 38 -5.47 -7.90 7.26
N GLY A 39 -5.59 -9.23 7.39
CA GLY A 39 -4.43 -10.12 7.24
C GLY A 39 -3.75 -9.94 5.87
N ARG A 40 -4.55 -9.65 4.83
CA ARG A 40 -4.05 -9.44 3.48
C ARG A 40 -3.12 -8.22 3.41
N VAL A 41 -3.27 -7.24 4.31
CA VAL A 41 -2.44 -6.04 4.34
C VAL A 41 -1.00 -6.46 4.57
N VAL A 42 -0.74 -7.34 5.53
CA VAL A 42 0.59 -7.80 5.86
C VAL A 42 1.31 -8.42 4.65
N HIS A 43 0.57 -9.18 3.83
CA HIS A 43 1.14 -9.83 2.65
C HIS A 43 1.70 -8.81 1.65
N ILE A 44 1.27 -7.55 1.72
CA ILE A 44 1.78 -6.52 0.81
C ILE A 44 3.23 -6.21 1.20
N ILE A 45 3.53 -6.08 2.50
CA ILE A 45 4.88 -5.79 2.96
C ILE A 45 5.79 -6.96 2.59
N GLN A 46 5.32 -8.21 2.68
CA GLN A 46 6.14 -9.38 2.34
C GLN A 46 6.67 -9.31 0.90
N SER A 47 5.98 -8.60 0.00
CA SER A 47 6.43 -8.47 -1.38
C SER A 47 7.73 -7.66 -1.43
N ARG A 48 7.93 -6.75 -0.47
CA ARG A 48 9.09 -5.87 -0.36
C ARG A 48 10.13 -6.38 0.63
N GLU A 49 9.70 -7.12 1.64
CA GLU A 49 10.58 -7.65 2.67
C GLU A 49 10.74 -9.16 2.55
N PRO A 50 11.75 -9.65 1.81
CA PRO A 50 11.96 -11.08 1.67
C PRO A 50 12.33 -11.73 3.00
N SER A 51 12.93 -11.00 3.94
CA SER A 51 13.29 -11.54 5.25
C SER A 51 12.03 -11.68 6.14
N LEU A 52 10.90 -11.07 5.76
CA LEU A 52 9.64 -11.13 6.51
C LEU A 52 8.61 -11.99 5.76
N LYS A 53 8.96 -12.47 4.56
CA LYS A 53 8.12 -13.31 3.71
C LYS A 53 7.77 -14.66 4.34
N ASN A 54 8.59 -15.17 5.26
CA ASN A 54 8.40 -16.46 5.93
C ASN A 54 7.85 -16.29 7.33
N SER A 55 7.23 -15.15 7.63
CA SER A 55 6.65 -14.86 8.93
C SER A 55 5.13 -14.78 8.77
N ASN A 56 4.39 -15.21 9.79
CA ASN A 56 2.92 -15.21 9.79
C ASN A 56 2.43 -13.78 9.74
N PRO A 57 1.29 -13.48 9.05
CA PRO A 57 0.77 -12.12 9.01
C PRO A 57 0.45 -11.70 10.45
N ASP A 58 -0.05 -12.66 11.22
CA ASP A 58 -0.44 -12.58 12.60
C ASP A 58 0.73 -12.39 13.58
N GLU A 59 1.98 -12.36 13.10
CA GLU A 59 3.19 -12.21 13.91
C GLU A 59 4.04 -11.03 13.45
N ILE A 60 3.71 -10.36 12.34
CA ILE A 60 4.45 -9.23 11.79
C ILE A 60 3.86 -7.92 12.32
N GLU A 61 4.70 -7.03 12.86
CA GLU A 61 4.30 -5.71 13.36
C GLU A 61 4.42 -4.73 12.17
N ILE A 62 3.66 -3.62 12.16
CA ILE A 62 3.68 -2.65 11.07
C ILE A 62 4.04 -1.25 11.57
N ASP A 63 5.28 -0.84 11.34
CA ASP A 63 5.82 0.46 11.69
C ASP A 63 6.06 1.20 10.39
N PHE A 64 5.15 2.12 10.04
CA PHE A 64 5.25 2.92 8.82
C PHE A 64 6.47 3.83 8.90
N GLU A 65 7.00 3.90 10.12
CA GLU A 65 8.14 4.62 10.58
C GLU A 65 9.41 4.08 9.95
N THR A 66 9.48 2.78 9.64
CA THR A 66 10.67 2.18 9.01
C THR A 66 10.35 1.62 7.62
N LEU A 67 9.06 1.44 7.31
CA LEU A 67 8.66 0.91 6.01
C LEU A 67 8.99 1.96 4.95
N LYS A 68 9.45 1.51 3.78
CA LYS A 68 9.84 2.42 2.71
C LYS A 68 8.58 3.07 2.12
N PRO A 69 8.71 4.28 1.55
CA PRO A 69 7.59 4.98 0.94
C PRO A 69 6.96 4.17 -0.19
N SER A 70 7.75 3.35 -0.90
CA SER A 70 7.21 2.55 -1.99
C SER A 70 6.28 1.44 -1.48
N THR A 71 6.62 0.85 -0.32
CA THR A 71 5.84 -0.21 0.30
C THR A 71 4.43 0.32 0.54
N LEU A 72 4.34 1.52 1.12
CA LEU A 72 3.10 2.19 1.45
C LEU A 72 2.23 2.47 0.22
N ARG A 73 2.83 2.64 -0.95
CA ARG A 73 2.06 2.89 -2.17
C ARG A 73 1.14 1.72 -2.50
N GLU A 74 1.59 0.49 -2.22
CA GLU A 74 0.78 -0.69 -2.48
C GLU A 74 -0.32 -0.79 -1.42
N LEU A 75 -0.06 -0.26 -0.22
CA LEU A 75 -1.04 -0.27 0.86
C LEU A 75 -2.19 0.64 0.44
N GLU A 76 -1.87 1.84 -0.06
CA GLU A 76 -2.81 2.85 -0.57
C GLU A 76 -3.68 2.20 -1.63
N ARG A 77 -3.04 1.59 -2.63
CA ARG A 77 -3.71 0.94 -3.74
C ARG A 77 -4.75 -0.06 -3.28
N TYR A 78 -4.42 -0.90 -2.29
CA TYR A 78 -5.31 -1.89 -1.75
C TYR A 78 -6.53 -1.20 -1.13
N VAL A 79 -6.31 -0.28 -0.19
CA VAL A 79 -7.40 0.43 0.47
C VAL A 79 -8.27 1.17 -0.55
N THR A 80 -7.71 1.99 -1.43
CA THR A 80 -8.47 2.73 -2.43
C THR A 80 -9.33 1.79 -3.27
N SER A 81 -8.86 0.58 -3.59
CA SER A 81 -9.63 -0.34 -4.40
C SER A 81 -10.78 -0.99 -3.62
N CYS A 82 -10.69 -1.06 -2.28
CA CYS A 82 -11.72 -1.62 -1.43
C CYS A 82 -12.67 -0.52 -0.94
N LEU A 83 -12.24 0.75 -0.97
CA LEU A 83 -12.97 1.93 -0.53
C LEU A 83 -13.61 2.77 -1.63
N ARG A 84 -13.11 2.74 -2.86
CA ARG A 84 -13.61 3.51 -4.00
C ARG A 84 -14.08 2.51 -5.04
N LYS A 85 -15.39 2.46 -5.29
CA LYS A 85 -16.04 1.57 -6.26
C LYS A 85 -15.56 1.86 -7.68
N LYS A 86 -14.38 1.38 -8.07
CA LYS A 86 -13.79 1.57 -9.38
C LYS A 86 -13.32 0.23 -9.88
N ARG A 87 -14.13 -0.44 -10.70
CA ARG A 87 -13.75 -1.73 -11.26
C ARG A 87 -12.58 -1.48 -12.22
N LYS A 88 -11.75 -2.49 -12.48
CA LYS A 88 -10.61 -2.32 -13.38
C LYS A 88 -11.11 -2.05 -14.80
N PRO A 89 -10.25 -1.53 -15.69
CA PRO A 89 -10.64 -1.28 -17.08
C PRO A 89 -10.86 -2.63 -17.76
N GLN A 90 -11.96 -2.72 -18.52
CA GLN A 90 -12.39 -3.88 -19.28
C GLN A 90 -12.92 -3.39 -20.63
N GLY A 1 6.35 5.92 -38.75
CA GLY A 1 7.32 6.74 -37.98
C GLY A 1 7.71 5.93 -36.77
N SER A 2 7.80 6.54 -35.58
CA SER A 2 8.11 5.79 -34.37
C SER A 2 6.98 4.74 -34.26
N SER A 3 7.31 3.51 -33.91
CA SER A 3 6.33 2.42 -33.79
C SER A 3 6.74 1.60 -32.57
N GLY A 4 5.77 1.23 -31.74
CA GLY A 4 5.99 0.48 -30.51
C GLY A 4 6.61 1.42 -29.49
N SER A 5 7.94 1.49 -29.48
CA SER A 5 8.73 2.34 -28.59
C SER A 5 8.40 2.16 -27.10
N SER A 6 8.02 0.95 -26.67
CA SER A 6 7.67 0.64 -25.29
C SER A 6 8.19 -0.77 -24.92
N GLY A 7 8.39 -1.05 -23.63
CA GLY A 7 8.89 -2.36 -23.19
C GLY A 7 8.78 -2.51 -21.68
N GLU A 8 9.67 -1.87 -20.95
CA GLU A 8 9.73 -1.90 -19.50
C GLU A 8 8.81 -0.80 -18.98
N SER A 9 7.71 -1.17 -18.32
CA SER A 9 6.71 -0.26 -17.77
C SER A 9 7.11 0.32 -16.41
N GLU A 10 8.39 0.70 -16.27
CA GLU A 10 8.98 1.27 -15.07
C GLU A 10 8.24 2.53 -14.62
N GLU A 11 7.86 3.36 -15.60
CA GLU A 11 7.16 4.61 -15.37
C GLU A 11 5.79 4.44 -14.72
N GLU A 12 5.24 3.23 -14.69
CA GLU A 12 3.94 2.94 -14.08
C GLU A 12 4.13 2.32 -12.67
N ASP A 13 5.38 2.08 -12.25
CA ASP A 13 5.80 1.51 -10.96
C ASP A 13 6.64 2.56 -10.21
N LYS A 14 6.29 3.84 -10.41
CA LYS A 14 6.97 4.98 -9.77
C LYS A 14 6.51 5.09 -8.33
N CYS A 15 7.47 5.12 -7.43
CA CYS A 15 7.26 5.20 -6.00
C CYS A 15 7.53 6.59 -5.42
N LYS A 16 6.50 7.41 -5.28
CA LYS A 16 6.64 8.74 -4.70
C LYS A 16 6.85 8.56 -3.19
N PRO A 17 7.45 9.55 -2.50
CA PRO A 17 7.66 9.47 -1.05
C PRO A 17 6.29 9.58 -0.36
N MET A 18 6.22 9.37 0.95
CA MET A 18 4.99 9.45 1.73
C MET A 18 5.19 10.41 2.91
N SER A 19 4.35 11.43 3.02
CA SER A 19 4.45 12.38 4.13
C SER A 19 3.93 11.73 5.41
N TYR A 20 4.13 12.38 6.56
CA TYR A 20 3.69 11.88 7.86
C TYR A 20 2.18 11.63 7.86
N GLU A 21 1.43 12.57 7.28
CA GLU A 21 -0.02 12.51 7.20
C GLU A 21 -0.47 11.37 6.29
N GLU A 22 0.28 11.04 5.24
CA GLU A 22 -0.07 9.96 4.32
C GLU A 22 0.09 8.63 5.05
N LYS A 23 1.19 8.46 5.77
CA LYS A 23 1.48 7.26 6.56
C LYS A 23 0.35 7.03 7.55
N ARG A 24 0.02 8.06 8.35
CA ARG A 24 -1.05 7.95 9.33
C ARG A 24 -2.37 7.66 8.62
N GLN A 25 -2.73 8.41 7.57
CA GLN A 25 -3.98 8.20 6.83
C GLN A 25 -4.13 6.76 6.38
N LEU A 26 -3.05 6.14 5.90
CA LEU A 26 -3.06 4.76 5.45
C LEU A 26 -3.51 3.85 6.59
N SER A 27 -3.07 4.12 7.82
CA SER A 27 -3.45 3.33 8.99
C SER A 27 -4.95 3.44 9.22
N LEU A 28 -5.52 4.66 9.15
CA LEU A 28 -6.95 4.87 9.36
C LEU A 28 -7.75 4.00 8.41
N ASP A 29 -7.43 4.07 7.12
CA ASP A 29 -8.10 3.30 6.07
C ASP A 29 -7.89 1.80 6.32
N ILE A 30 -6.68 1.37 6.69
CA ILE A 30 -6.36 -0.02 6.98
C ILE A 30 -7.28 -0.53 8.10
N ASN A 31 -7.47 0.26 9.16
CA ASN A 31 -8.32 -0.10 10.30
C ASN A 31 -9.78 -0.28 9.89
N LYS A 32 -10.24 0.40 8.83
CA LYS A 32 -11.61 0.32 8.35
C LYS A 32 -11.88 -0.96 7.56
N LEU A 33 -10.87 -1.73 7.15
CA LEU A 33 -11.06 -2.98 6.41
C LEU A 33 -11.54 -4.09 7.34
N PRO A 34 -12.28 -5.09 6.84
CA PRO A 34 -12.73 -6.21 7.68
C PRO A 34 -11.50 -7.05 8.05
N GLY A 35 -11.53 -7.77 9.18
CA GLY A 35 -10.43 -8.60 9.67
C GLY A 35 -9.88 -9.54 8.60
N GLU A 36 -10.75 -10.15 7.80
CA GLU A 36 -10.37 -11.07 6.73
C GLU A 36 -9.44 -10.34 5.75
N LYS A 37 -9.88 -9.19 5.25
CA LYS A 37 -9.14 -8.38 4.30
C LYS A 37 -7.89 -7.81 4.93
N LEU A 38 -7.90 -7.57 6.24
CA LEU A 38 -6.73 -7.04 6.95
C LEU A 38 -5.63 -8.09 6.84
N GLY A 39 -5.97 -9.38 6.91
CA GLY A 39 -5.00 -10.45 6.77
C GLY A 39 -4.40 -10.54 5.37
N ARG A 40 -4.89 -9.75 4.39
CA ARG A 40 -4.33 -9.73 3.04
C ARG A 40 -3.31 -8.61 2.97
N VAL A 41 -3.44 -7.57 3.81
CA VAL A 41 -2.52 -6.46 3.85
C VAL A 41 -1.11 -7.00 4.09
N VAL A 42 -0.92 -7.96 5.02
CA VAL A 42 0.40 -8.52 5.33
C VAL A 42 1.14 -9.05 4.09
N HIS A 43 0.40 -9.67 3.16
CA HIS A 43 0.96 -10.25 1.96
C HIS A 43 1.61 -9.20 1.06
N ILE A 44 1.16 -7.95 1.15
CA ILE A 44 1.73 -6.88 0.34
C ILE A 44 3.14 -6.57 0.86
N ILE A 45 3.27 -6.32 2.16
CA ILE A 45 4.55 -6.00 2.77
C ILE A 45 5.57 -7.12 2.55
N GLN A 46 5.17 -8.39 2.66
CA GLN A 46 6.11 -9.50 2.46
C GLN A 46 6.79 -9.48 1.07
N SER A 47 6.20 -8.84 0.06
CA SER A 47 6.81 -8.76 -1.26
C SER A 47 7.85 -7.63 -1.33
N ARG A 48 7.88 -6.73 -0.34
CA ARG A 48 8.81 -5.61 -0.28
C ARG A 48 9.85 -5.78 0.82
N GLU A 49 9.52 -6.46 1.90
CA GLU A 49 10.40 -6.69 3.03
C GLU A 49 10.71 -8.19 3.01
N PRO A 50 11.71 -8.63 2.23
CA PRO A 50 12.05 -10.05 2.13
C PRO A 50 12.37 -10.72 3.47
N SER A 51 12.93 -10.04 4.46
CA SER A 51 13.22 -10.68 5.76
C SER A 51 11.91 -11.07 6.46
N LEU A 52 10.83 -10.31 6.23
CA LEU A 52 9.53 -10.55 6.83
C LEU A 52 8.70 -11.56 6.03
N LYS A 53 9.19 -12.06 4.89
CA LYS A 53 8.46 -13.05 4.12
C LYS A 53 8.23 -14.30 4.96
N ASN A 54 7.24 -15.10 4.57
CA ASN A 54 6.81 -16.35 5.17
C ASN A 54 6.31 -16.24 6.61
N SER A 55 6.54 -15.15 7.33
CA SER A 55 6.08 -15.03 8.71
C SER A 55 4.55 -14.90 8.77
N ASN A 56 4.00 -15.18 9.94
CA ASN A 56 2.56 -15.13 10.23
C ASN A 56 2.14 -13.67 10.45
N PRO A 57 0.89 -13.24 10.19
CA PRO A 57 0.48 -11.85 10.39
C PRO A 57 0.61 -11.37 11.83
N ASP A 58 0.29 -12.23 12.79
CA ASP A 58 0.38 -11.95 14.22
C ASP A 58 1.83 -11.76 14.68
N GLU A 59 2.80 -12.29 13.91
CA GLU A 59 4.23 -12.20 14.23
C GLU A 59 4.92 -11.04 13.52
N ILE A 60 4.24 -10.34 12.62
CA ILE A 60 4.79 -9.22 11.87
C ILE A 60 4.26 -7.91 12.46
N GLU A 61 5.00 -6.81 12.25
CA GLU A 61 4.67 -5.48 12.72
C GLU A 61 4.64 -4.50 11.55
N ILE A 62 3.75 -3.51 11.62
CA ILE A 62 3.55 -2.48 10.61
C ILE A 62 4.13 -1.21 11.20
N ASP A 63 5.31 -0.86 10.71
CA ASP A 63 6.06 0.29 11.15
C ASP A 63 6.15 1.25 9.96
N PHE A 64 5.31 2.29 9.93
CA PHE A 64 5.30 3.27 8.83
C PHE A 64 6.56 4.16 8.91
N GLU A 65 7.37 3.86 9.92
CA GLU A 65 8.58 4.51 10.30
C GLU A 65 9.83 3.79 9.79
N THR A 66 9.75 2.50 9.48
CA THR A 66 10.88 1.73 8.96
C THR A 66 10.56 1.23 7.55
N LEU A 67 9.28 1.12 7.17
CA LEU A 67 8.87 0.65 5.86
C LEU A 67 9.19 1.69 4.80
N LYS A 68 9.55 1.22 3.59
CA LYS A 68 9.85 2.12 2.49
C LYS A 68 8.54 2.74 1.98
N PRO A 69 8.59 3.94 1.39
CA PRO A 69 7.40 4.60 0.85
C PRO A 69 6.79 3.78 -0.28
N SER A 70 7.62 3.06 -1.04
CA SER A 70 7.18 2.21 -2.12
C SER A 70 6.31 1.06 -1.60
N THR A 71 6.54 0.63 -0.36
CA THR A 71 5.78 -0.44 0.26
C THR A 71 4.40 0.14 0.55
N LEU A 72 4.37 1.31 1.20
CA LEU A 72 3.13 2.00 1.55
C LEU A 72 2.30 2.30 0.31
N ARG A 73 2.93 2.59 -0.82
CA ARG A 73 2.28 2.90 -2.09
C ARG A 73 1.29 1.80 -2.49
N GLU A 74 1.64 0.53 -2.27
CA GLU A 74 0.75 -0.57 -2.64
C GLU A 74 -0.32 -0.82 -1.59
N LEU A 75 -0.06 -0.48 -0.32
CA LEU A 75 -1.04 -0.63 0.75
C LEU A 75 -2.11 0.41 0.42
N GLU A 76 -1.68 1.64 0.12
CA GLU A 76 -2.50 2.77 -0.30
C GLU A 76 -3.37 2.34 -1.47
N ARG A 77 -2.79 1.70 -2.48
CA ARG A 77 -3.55 1.26 -3.64
C ARG A 77 -4.64 0.29 -3.21
N TYR A 78 -4.28 -0.71 -2.40
CA TYR A 78 -5.22 -1.72 -1.92
C TYR A 78 -6.39 -1.08 -1.16
N VAL A 79 -6.13 -0.24 -0.16
CA VAL A 79 -7.21 0.39 0.60
C VAL A 79 -8.02 1.30 -0.31
N THR A 80 -7.40 2.12 -1.15
CA THR A 80 -8.13 3.01 -2.05
C THR A 80 -8.88 2.22 -3.12
N SER A 81 -8.53 0.98 -3.42
CA SER A 81 -9.23 0.19 -4.40
C SER A 81 -10.52 -0.33 -3.75
N CYS A 82 -10.41 -0.88 -2.54
CA CYS A 82 -11.54 -1.43 -1.79
C CYS A 82 -12.50 -0.36 -1.25
N LEU A 83 -11.95 0.63 -0.54
CA LEU A 83 -12.71 1.71 0.09
C LEU A 83 -13.01 2.86 -0.84
N ARG A 84 -12.02 3.30 -1.64
CA ARG A 84 -12.09 4.40 -2.60
C ARG A 84 -12.56 5.71 -1.97
N LYS A 85 -12.42 5.87 -0.66
CA LYS A 85 -12.80 7.03 0.13
C LYS A 85 -11.80 8.19 -0.05
N LYS A 86 -11.30 8.44 -1.26
CA LYS A 86 -10.34 9.50 -1.53
C LYS A 86 -10.80 10.40 -2.66
N ARG A 87 -11.41 11.53 -2.31
CA ARG A 87 -11.84 12.47 -3.32
C ARG A 87 -10.55 13.00 -3.92
N LYS A 88 -10.44 13.03 -5.25
CA LYS A 88 -9.24 13.54 -5.90
C LYS A 88 -9.02 15.00 -5.48
N PRO A 89 -7.79 15.54 -5.58
CA PRO A 89 -7.53 16.93 -5.23
C PRO A 89 -8.26 17.80 -6.24
N GLN A 90 -8.33 19.11 -5.98
CA GLN A 90 -9.02 20.03 -6.88
C GLN A 90 -8.39 19.97 -8.26
N GLY A 1 -19.39 8.79 -23.39
CA GLY A 1 -18.40 8.68 -24.46
C GLY A 1 -17.08 8.13 -23.91
N SER A 2 -15.96 8.65 -24.42
CA SER A 2 -14.62 8.25 -24.01
C SER A 2 -14.27 9.14 -22.82
N SER A 3 -14.49 8.65 -21.60
CA SER A 3 -14.19 9.40 -20.37
C SER A 3 -12.69 9.59 -20.14
N GLY A 4 -11.83 8.92 -20.92
CA GLY A 4 -10.38 8.98 -20.82
C GLY A 4 -9.81 7.57 -21.01
N SER A 5 -8.50 7.47 -20.91
CA SER A 5 -7.71 6.24 -21.04
C SER A 5 -6.50 6.35 -20.11
N SER A 6 -5.54 5.43 -20.22
CA SER A 6 -4.33 5.38 -19.41
C SER A 6 -3.07 5.54 -20.26
N GLY A 7 -2.93 4.72 -21.30
CA GLY A 7 -1.78 4.71 -22.18
C GLY A 7 -0.72 3.84 -21.51
N GLU A 8 0.53 4.31 -21.47
CA GLU A 8 1.61 3.54 -20.86
C GLU A 8 1.47 3.44 -19.33
N SER A 9 0.99 4.50 -18.66
CA SER A 9 0.79 4.60 -17.21
C SER A 9 2.07 4.28 -16.41
N GLU A 10 3.23 4.41 -17.05
CA GLU A 10 4.54 4.14 -16.47
C GLU A 10 4.83 5.06 -15.27
N GLU A 11 4.31 6.29 -15.32
CA GLU A 11 4.50 7.28 -14.27
C GLU A 11 3.73 6.90 -13.01
N GLU A 12 2.83 5.90 -13.09
CA GLU A 12 2.04 5.47 -11.95
C GLU A 12 2.81 4.46 -11.11
N ASP A 13 3.83 3.79 -11.64
CA ASP A 13 4.60 2.82 -10.84
C ASP A 13 5.47 3.52 -9.81
N LYS A 14 5.93 4.67 -10.25
CA LYS A 14 6.80 5.59 -9.54
C LYS A 14 6.29 5.89 -8.15
N CYS A 15 7.16 5.87 -7.15
CA CYS A 15 6.81 6.20 -5.77
C CYS A 15 7.31 7.62 -5.49
N LYS A 16 6.81 8.22 -4.42
CA LYS A 16 7.12 9.57 -3.95
C LYS A 16 7.39 9.47 -2.44
N PRO A 17 7.97 10.49 -1.80
CA PRO A 17 8.22 10.43 -0.36
C PRO A 17 6.88 10.50 0.36
N MET A 18 6.58 9.45 1.11
CA MET A 18 5.34 9.34 1.89
C MET A 18 5.59 10.11 3.17
N SER A 19 4.87 11.21 3.31
CA SER A 19 4.95 12.12 4.44
C SER A 19 4.30 11.53 5.69
N TYR A 20 4.52 12.15 6.85
CA TYR A 20 3.95 11.71 8.12
C TYR A 20 2.41 11.63 8.03
N GLU A 21 1.80 12.62 7.37
CA GLU A 21 0.35 12.72 7.19
C GLU A 21 -0.17 11.59 6.27
N GLU A 22 0.63 11.15 5.28
CA GLU A 22 0.28 10.07 4.36
C GLU A 22 0.29 8.78 5.15
N LYS A 23 1.40 8.52 5.86
CA LYS A 23 1.60 7.33 6.67
C LYS A 23 0.46 7.15 7.67
N ARG A 24 0.01 8.24 8.31
CA ARG A 24 -1.08 8.15 9.27
C ARG A 24 -2.40 7.88 8.58
N GLN A 25 -2.72 8.57 7.47
CA GLN A 25 -3.98 8.33 6.76
C GLN A 25 -4.09 6.87 6.35
N LEU A 26 -2.97 6.24 5.98
CA LEU A 26 -2.93 4.84 5.58
C LEU A 26 -3.44 3.96 6.73
N SER A 27 -3.15 4.31 7.98
CA SER A 27 -3.59 3.55 9.14
C SER A 27 -5.12 3.61 9.26
N LEU A 28 -5.73 4.79 9.04
CA LEU A 28 -7.18 4.95 9.12
C LEU A 28 -7.85 4.07 8.08
N ASP A 29 -7.35 4.13 6.85
CA ASP A 29 -7.87 3.36 5.71
C ASP A 29 -7.68 1.87 5.96
N ILE A 30 -6.56 1.47 6.58
CA ILE A 30 -6.26 0.09 6.93
C ILE A 30 -7.32 -0.33 7.94
N ASN A 31 -7.60 0.51 8.94
CA ASN A 31 -8.61 0.21 9.96
C ASN A 31 -10.01 0.07 9.35
N LYS A 32 -10.29 0.66 8.18
CA LYS A 32 -11.60 0.53 7.54
C LYS A 32 -11.76 -0.91 7.01
N LEU A 33 -10.68 -1.66 6.82
CA LEU A 33 -10.78 -3.03 6.33
C LEU A 33 -11.32 -3.89 7.47
N PRO A 34 -12.20 -4.85 7.17
CA PRO A 34 -12.72 -5.74 8.19
C PRO A 34 -11.57 -6.67 8.61
N GLY A 35 -11.66 -7.26 9.80
CA GLY A 35 -10.64 -8.17 10.29
C GLY A 35 -10.41 -9.28 9.28
N GLU A 36 -11.48 -9.80 8.66
CA GLU A 36 -11.38 -10.86 7.67
C GLU A 36 -10.48 -10.49 6.48
N LYS A 37 -10.30 -9.20 6.16
CA LYS A 37 -9.45 -8.76 5.04
C LYS A 37 -8.12 -8.17 5.53
N LEU A 38 -7.95 -7.89 6.83
CA LEU A 38 -6.72 -7.31 7.35
C LEU A 38 -5.50 -8.20 7.05
N GLY A 39 -5.65 -9.53 7.16
CA GLY A 39 -4.54 -10.45 6.88
C GLY A 39 -4.00 -10.32 5.45
N ARG A 40 -4.74 -9.75 4.50
CA ARG A 40 -4.30 -9.57 3.12
C ARG A 40 -3.32 -8.39 3.02
N VAL A 41 -3.40 -7.44 3.94
CA VAL A 41 -2.56 -6.26 3.98
C VAL A 41 -1.12 -6.68 4.21
N VAL A 42 -0.88 -7.50 5.23
CA VAL A 42 0.46 -7.95 5.56
C VAL A 42 1.17 -8.64 4.39
N HIS A 43 0.42 -9.38 3.56
CA HIS A 43 0.98 -10.09 2.41
C HIS A 43 1.58 -9.12 1.38
N ILE A 44 1.21 -7.84 1.42
CA ILE A 44 1.75 -6.82 0.52
C ILE A 44 3.19 -6.57 0.98
N ILE A 45 3.39 -6.28 2.27
CA ILE A 45 4.70 -6.02 2.85
C ILE A 45 5.62 -7.21 2.62
N GLN A 46 5.13 -8.44 2.78
CA GLN A 46 5.96 -9.64 2.59
C GLN A 46 6.66 -9.67 1.22
N SER A 47 6.08 -9.07 0.18
CA SER A 47 6.72 -9.07 -1.12
C SER A 47 7.85 -8.02 -1.13
N ARG A 48 7.69 -6.93 -0.39
CA ARG A 48 8.67 -5.85 -0.31
C ARG A 48 9.82 -6.23 0.61
N GLU A 49 9.54 -6.96 1.68
CA GLU A 49 10.52 -7.40 2.66
C GLU A 49 10.77 -8.91 2.49
N PRO A 50 11.78 -9.31 1.69
CA PRO A 50 12.10 -10.71 1.44
C PRO A 50 12.55 -11.47 2.69
N SER A 51 12.87 -10.79 3.79
CA SER A 51 13.28 -11.41 5.04
C SER A 51 12.11 -11.50 6.02
N LEU A 52 10.95 -10.90 5.71
CA LEU A 52 9.75 -10.94 6.54
C LEU A 52 8.69 -11.84 5.90
N LYS A 53 8.89 -12.27 4.65
CA LYS A 53 7.98 -13.12 3.91
C LYS A 53 7.70 -14.47 4.56
N ASN A 54 8.59 -14.97 5.44
CA ASN A 54 8.42 -16.27 6.08
C ASN A 54 7.78 -16.20 7.45
N SER A 55 7.41 -15.01 7.94
CA SER A 55 6.77 -14.86 9.23
C SER A 55 5.25 -14.88 9.02
N ASN A 56 4.47 -15.02 10.10
CA ASN A 56 3.00 -15.05 10.04
C ASN A 56 2.49 -13.62 9.89
N PRO A 57 1.34 -13.36 9.23
CA PRO A 57 0.82 -12.00 9.06
C PRO A 57 0.55 -11.31 10.40
N ASP A 58 -0.08 -12.01 11.34
CA ASP A 58 -0.41 -11.43 12.64
C ASP A 58 0.82 -11.26 13.53
N GLU A 59 1.96 -11.84 13.16
CA GLU A 59 3.19 -11.77 13.92
C GLU A 59 4.10 -10.64 13.39
N ILE A 60 3.76 -10.02 12.27
CA ILE A 60 4.53 -8.93 11.67
C ILE A 60 4.01 -7.61 12.24
N GLU A 61 4.90 -6.70 12.63
CA GLU A 61 4.57 -5.41 13.21
C GLU A 61 4.82 -4.34 12.16
N ILE A 62 3.74 -3.93 11.49
CA ILE A 62 3.70 -2.95 10.42
C ILE A 62 4.05 -1.58 11.01
N ASP A 63 5.17 -0.99 10.58
CA ASP A 63 5.63 0.31 11.03
C ASP A 63 5.84 1.19 9.82
N PHE A 64 5.15 2.32 9.74
CA PHE A 64 5.29 3.24 8.59
C PHE A 64 6.58 4.05 8.72
N GLU A 65 7.34 3.73 9.76
CA GLU A 65 8.59 4.30 10.19
C GLU A 65 9.79 3.45 9.80
N THR A 66 9.54 2.25 9.27
CA THR A 66 10.54 1.31 8.80
C THR A 66 10.17 0.87 7.37
N LEU A 67 8.87 0.90 7.03
CA LEU A 67 8.37 0.53 5.71
C LEU A 67 8.65 1.70 4.78
N LYS A 68 9.24 1.36 3.63
CA LYS A 68 9.66 2.29 2.59
C LYS A 68 8.49 3.00 1.92
N PRO A 69 8.73 4.19 1.33
CA PRO A 69 7.70 4.96 0.63
C PRO A 69 7.01 4.12 -0.45
N SER A 70 7.77 3.23 -1.08
CA SER A 70 7.29 2.34 -2.12
C SER A 70 6.36 1.27 -1.56
N THR A 71 6.63 0.75 -0.36
CA THR A 71 5.79 -0.27 0.25
C THR A 71 4.42 0.35 0.52
N LEU A 72 4.41 1.55 1.11
CA LEU A 72 3.17 2.24 1.44
C LEU A 72 2.32 2.52 0.20
N ARG A 73 2.91 2.73 -0.97
CA ARG A 73 2.14 2.98 -2.19
C ARG A 73 1.24 1.80 -2.52
N GLU A 74 1.74 0.59 -2.28
CA GLU A 74 0.98 -0.62 -2.56
C GLU A 74 -0.13 -0.79 -1.53
N LEU A 75 0.19 -0.50 -0.26
CA LEU A 75 -0.77 -0.60 0.83
C LEU A 75 -1.91 0.38 0.55
N GLU A 76 -1.57 1.63 0.22
CA GLU A 76 -2.50 2.71 -0.12
C GLU A 76 -3.41 2.27 -1.27
N ARG A 77 -2.82 1.68 -2.32
CA ARG A 77 -3.56 1.21 -3.48
C ARG A 77 -4.59 0.16 -3.06
N TYR A 78 -4.20 -0.83 -2.26
CA TYR A 78 -5.12 -1.88 -1.82
C TYR A 78 -6.27 -1.27 -1.01
N VAL A 79 -5.99 -0.49 0.05
CA VAL A 79 -7.06 0.10 0.86
C VAL A 79 -7.98 0.96 0.01
N THR A 80 -7.43 1.84 -0.83
CA THR A 80 -8.23 2.72 -1.67
C THR A 80 -9.14 1.88 -2.56
N SER A 81 -8.65 0.78 -3.12
CA SER A 81 -9.44 -0.07 -4.01
C SER A 81 -10.55 -0.81 -3.26
N CYS A 82 -10.36 -1.06 -1.95
CA CYS A 82 -11.36 -1.74 -1.13
C CYS A 82 -12.52 -0.79 -0.75
N LEU A 83 -12.29 0.52 -0.88
CA LEU A 83 -13.22 1.61 -0.57
C LEU A 83 -13.88 2.16 -1.84
N ARG A 84 -13.06 2.57 -2.82
CA ARG A 84 -13.41 3.12 -4.12
C ARG A 84 -14.02 2.02 -4.97
N LYS A 85 -15.08 2.31 -5.74
CA LYS A 85 -15.76 1.35 -6.62
C LYS A 85 -16.24 0.07 -5.92
N LYS A 86 -16.21 0.03 -4.59
CA LYS A 86 -16.61 -1.07 -3.74
C LYS A 86 -18.03 -1.48 -4.09
N ARG A 87 -18.30 -2.79 -4.04
CA ARG A 87 -19.61 -3.35 -4.34
C ARG A 87 -20.66 -2.76 -3.42
N LYS A 88 -21.53 -1.89 -3.92
CA LYS A 88 -22.62 -1.25 -3.20
C LYS A 88 -23.53 -0.65 -4.27
N PRO A 89 -24.62 -1.33 -4.65
CA PRO A 89 -25.57 -0.84 -5.64
C PRO A 89 -26.37 0.35 -5.08
N GLN A 90 -27.33 0.83 -5.85
CA GLN A 90 -28.21 1.94 -5.51
C GLN A 90 -29.63 1.48 -5.81
N GLY A 1 -6.85 18.17 -35.25
CA GLY A 1 -5.63 18.58 -34.54
C GLY A 1 -4.56 17.51 -34.70
N SER A 2 -3.39 17.66 -34.08
CA SER A 2 -2.33 16.66 -34.18
C SER A 2 -2.79 15.40 -33.43
N SER A 3 -3.01 15.52 -32.12
CA SER A 3 -3.46 14.48 -31.20
C SER A 3 -2.53 13.26 -31.04
N GLY A 4 -1.59 13.01 -31.96
CA GLY A 4 -0.65 11.91 -31.89
C GLY A 4 0.49 12.28 -30.96
N SER A 5 0.27 12.15 -29.66
CA SER A 5 1.25 12.49 -28.62
C SER A 5 1.95 11.22 -28.11
N SER A 6 2.96 11.37 -27.25
CA SER A 6 3.76 10.32 -26.64
C SER A 6 4.42 10.87 -25.37
N GLY A 7 5.04 10.01 -24.56
CA GLY A 7 5.71 10.37 -23.32
C GLY A 7 5.47 9.27 -22.29
N GLU A 8 6.42 8.35 -22.13
CA GLU A 8 6.35 7.23 -21.19
C GLU A 8 7.78 7.05 -20.68
N SER A 9 8.03 7.10 -19.37
CA SER A 9 9.38 6.91 -18.87
C SER A 9 9.34 6.43 -17.42
N GLU A 10 10.07 5.35 -17.13
CA GLU A 10 10.14 4.76 -15.79
C GLU A 10 10.66 5.76 -14.75
N GLU A 11 11.30 6.86 -15.18
CA GLU A 11 11.81 7.90 -14.31
C GLU A 11 10.68 8.67 -13.61
N GLU A 12 9.48 8.76 -14.20
CA GLU A 12 8.34 9.45 -13.58
C GLU A 12 7.39 8.46 -12.92
N ASP A 13 7.45 7.19 -13.33
CA ASP A 13 6.63 6.11 -12.81
C ASP A 13 7.30 5.61 -11.54
N LYS A 14 7.35 6.45 -10.50
CA LYS A 14 7.98 6.13 -9.22
C LYS A 14 7.04 6.45 -8.06
N CYS A 15 7.38 5.91 -6.89
CA CYS A 15 6.62 6.08 -5.66
C CYS A 15 7.26 7.22 -4.87
N LYS A 16 6.62 8.39 -4.79
CA LYS A 16 7.15 9.54 -4.05
C LYS A 16 7.32 9.25 -2.55
N PRO A 17 8.22 9.96 -1.85
CA PRO A 17 8.43 9.74 -0.42
C PRO A 17 7.22 10.24 0.40
N MET A 18 6.51 9.27 0.95
CA MET A 18 5.30 9.39 1.75
C MET A 18 5.58 10.24 3.00
N SER A 19 4.71 11.20 3.30
CA SER A 19 4.86 12.04 4.48
C SER A 19 4.32 11.27 5.71
N TYR A 20 4.44 11.85 6.90
CA TYR A 20 3.95 11.26 8.15
C TYR A 20 2.43 11.17 8.06
N GLU A 21 1.81 12.23 7.54
CA GLU A 21 0.37 12.32 7.40
C GLU A 21 -0.18 11.30 6.41
N GLU A 22 0.63 10.91 5.41
CA GLU A 22 0.25 9.93 4.41
C GLU A 22 0.28 8.57 5.11
N LYS A 23 1.40 8.23 5.76
CA LYS A 23 1.58 6.97 6.48
C LYS A 23 0.43 6.76 7.47
N ARG A 24 0.09 7.80 8.24
CA ARG A 24 -0.98 7.71 9.22
C ARG A 24 -2.32 7.53 8.53
N GLN A 25 -2.71 8.39 7.57
CA GLN A 25 -4.00 8.24 6.89
C GLN A 25 -4.14 6.83 6.31
N LEU A 26 -3.10 6.28 5.69
CA LEU A 26 -3.12 4.94 5.12
C LEU A 26 -3.50 3.93 6.21
N SER A 27 -2.93 4.07 7.39
CA SER A 27 -3.21 3.21 8.54
C SER A 27 -4.66 3.40 8.99
N LEU A 28 -5.15 4.63 9.07
CA LEU A 28 -6.52 4.92 9.49
C LEU A 28 -7.50 4.17 8.61
N ASP A 29 -7.26 4.13 7.30
CA ASP A 29 -8.12 3.42 6.35
C ASP A 29 -7.97 1.91 6.52
N ILE A 30 -6.77 1.41 6.82
CA ILE A 30 -6.51 -0.03 7.04
C ILE A 30 -7.30 -0.49 8.27
N ASN A 31 -7.39 0.35 9.30
CA ASN A 31 -8.12 0.03 10.53
C ASN A 31 -9.62 -0.17 10.27
N LYS A 32 -10.14 0.24 9.10
CA LYS A 32 -11.54 0.10 8.71
C LYS A 32 -11.76 -1.21 7.94
N LEU A 33 -10.73 -1.99 7.65
CA LEU A 33 -10.86 -3.26 6.92
C LEU A 33 -11.29 -4.37 7.88
N PRO A 34 -12.10 -5.34 7.42
CA PRO A 34 -12.51 -6.45 8.26
C PRO A 34 -11.29 -7.36 8.43
N GLY A 35 -11.25 -8.16 9.50
CA GLY A 35 -10.13 -9.06 9.75
C GLY A 35 -9.86 -9.99 8.57
N GLU A 36 -10.93 -10.44 7.90
CA GLU A 36 -10.90 -11.33 6.75
C GLU A 36 -10.10 -10.74 5.59
N LYS A 37 -10.07 -9.40 5.44
CA LYS A 37 -9.34 -8.71 4.37
C LYS A 37 -8.11 -7.96 4.89
N LEU A 38 -7.88 -7.99 6.20
CA LEU A 38 -6.76 -7.34 6.86
C LEU A 38 -5.49 -8.16 6.65
N GLY A 39 -5.52 -9.48 6.84
CA GLY A 39 -4.33 -10.33 6.66
C GLY A 39 -3.64 -10.07 5.31
N ARG A 40 -4.45 -9.84 4.27
CA ARG A 40 -4.01 -9.54 2.92
C ARG A 40 -3.11 -8.30 2.88
N VAL A 41 -3.37 -7.31 3.75
CA VAL A 41 -2.59 -6.08 3.85
C VAL A 41 -1.18 -6.48 4.18
N VAL A 42 -0.98 -7.25 5.25
CA VAL A 42 0.33 -7.70 5.69
C VAL A 42 1.04 -8.44 4.55
N HIS A 43 0.28 -9.23 3.78
CA HIS A 43 0.79 -10.00 2.65
C HIS A 43 1.40 -9.09 1.58
N ILE A 44 0.96 -7.83 1.44
CA ILE A 44 1.51 -6.88 0.47
C ILE A 44 2.92 -6.53 0.95
N ILE A 45 3.11 -6.21 2.24
CA ILE A 45 4.43 -5.86 2.78
C ILE A 45 5.38 -7.03 2.60
N GLN A 46 4.96 -8.26 2.84
CA GLN A 46 5.83 -9.44 2.67
C GLN A 46 6.40 -9.54 1.26
N SER A 47 5.72 -8.99 0.25
CA SER A 47 6.21 -9.01 -1.12
C SER A 47 7.36 -8.01 -1.28
N ARG A 48 7.39 -6.97 -0.45
CA ARG A 48 8.37 -5.91 -0.47
C ARG A 48 9.47 -6.07 0.55
N GLU A 49 9.24 -6.77 1.64
CA GLU A 49 10.23 -6.96 2.70
C GLU A 49 10.54 -8.46 2.80
N PRO A 50 11.56 -8.98 2.07
CA PRO A 50 11.91 -10.39 2.10
C PRO A 50 12.24 -10.92 3.50
N SER A 51 12.78 -10.08 4.38
CA SER A 51 13.11 -10.46 5.75
C SER A 51 11.86 -10.69 6.60
N LEU A 52 10.70 -10.15 6.21
CA LEU A 52 9.44 -10.31 6.92
C LEU A 52 8.53 -11.31 6.19
N LYS A 53 8.88 -11.73 4.97
CA LYS A 53 8.10 -12.71 4.22
C LYS A 53 8.11 -14.02 5.00
N ASN A 54 7.19 -14.93 4.70
CA ASN A 54 7.01 -16.24 5.34
C ASN A 54 6.55 -16.14 6.80
N SER A 55 6.75 -15.00 7.46
CA SER A 55 6.33 -14.76 8.83
C SER A 55 4.78 -14.73 8.85
N ASN A 56 4.14 -14.84 10.01
CA ASN A 56 2.67 -14.83 10.06
C ASN A 56 2.18 -13.39 10.32
N PRO A 57 1.00 -12.97 9.85
CA PRO A 57 0.51 -11.61 10.05
C PRO A 57 0.41 -11.13 11.49
N ASP A 58 0.09 -12.01 12.44
CA ASP A 58 -0.02 -11.64 13.85
C ASP A 58 1.35 -11.51 14.52
N GLU A 59 2.38 -12.13 13.95
CA GLU A 59 3.73 -12.09 14.46
C GLU A 59 4.44 -10.81 13.96
N ILE A 60 3.91 -10.19 12.91
CA ILE A 60 4.42 -8.98 12.28
C ILE A 60 3.73 -7.76 12.88
N GLU A 61 4.50 -6.69 13.07
CA GLU A 61 4.09 -5.39 13.58
C GLU A 61 4.45 -4.46 12.43
N ILE A 62 3.48 -3.91 11.72
CA ILE A 62 3.73 -3.03 10.59
C ILE A 62 4.36 -1.73 11.09
N ASP A 63 5.52 -1.36 10.55
CA ASP A 63 6.31 -0.19 10.88
C ASP A 63 6.31 0.75 9.68
N PHE A 64 5.40 1.73 9.64
CA PHE A 64 5.35 2.64 8.49
C PHE A 64 6.54 3.57 8.52
N GLU A 65 7.05 3.78 9.72
CA GLU A 65 8.15 4.61 10.06
C GLU A 65 9.50 4.09 9.59
N THR A 66 9.61 2.84 9.15
CA THR A 66 10.86 2.26 8.64
C THR A 66 10.65 1.63 7.26
N LEU A 67 9.41 1.35 6.85
CA LEU A 67 9.10 0.75 5.55
C LEU A 67 9.43 1.68 4.40
N LYS A 68 9.67 1.12 3.22
CA LYS A 68 9.98 1.89 2.02
C LYS A 68 8.73 2.65 1.55
N PRO A 69 8.89 3.81 0.90
CA PRO A 69 7.75 4.59 0.41
C PRO A 69 6.99 3.80 -0.66
N SER A 70 7.70 3.02 -1.47
CA SER A 70 7.11 2.22 -2.51
C SER A 70 6.23 1.11 -1.95
N THR A 71 6.55 0.60 -0.75
CA THR A 71 5.75 -0.43 -0.12
C THR A 71 4.41 0.18 0.26
N LEU A 72 4.45 1.37 0.86
CA LEU A 72 3.25 2.07 1.28
C LEU A 72 2.39 2.46 0.09
N ARG A 73 2.94 2.93 -1.03
CA ARG A 73 2.11 3.30 -2.18
C ARG A 73 1.25 2.11 -2.65
N GLU A 74 1.73 0.87 -2.57
CA GLU A 74 0.95 -0.29 -2.98
C GLU A 74 -0.16 -0.56 -1.97
N LEU A 75 0.14 -0.41 -0.68
CA LEU A 75 -0.81 -0.61 0.41
C LEU A 75 -1.91 0.45 0.33
N GLU A 76 -1.53 1.68 0.00
CA GLU A 76 -2.42 2.82 -0.15
C GLU A 76 -3.42 2.44 -1.24
N ARG A 77 -2.91 2.01 -2.39
CA ARG A 77 -3.75 1.63 -3.50
C ARG A 77 -4.67 0.48 -3.11
N TYR A 78 -4.27 -0.42 -2.21
CA TYR A 78 -5.15 -1.50 -1.80
C TYR A 78 -6.37 -0.88 -1.11
N VAL A 79 -6.19 0.08 -0.19
CA VAL A 79 -7.33 0.72 0.48
C VAL A 79 -8.13 1.53 -0.54
N THR A 80 -7.48 2.32 -1.40
CA THR A 80 -8.18 3.13 -2.40
C THR A 80 -9.00 2.27 -3.38
N SER A 81 -8.62 1.01 -3.58
CA SER A 81 -9.29 0.10 -4.48
C SER A 81 -10.37 -0.74 -3.78
N CYS A 82 -10.33 -0.83 -2.45
CA CYS A 82 -11.32 -1.57 -1.67
C CYS A 82 -12.43 -0.62 -1.25
N LEU A 83 -12.05 0.49 -0.62
CA LEU A 83 -12.96 1.50 -0.10
C LEU A 83 -13.52 2.40 -1.21
N ARG A 84 -12.94 2.36 -2.40
CA ARG A 84 -13.36 3.15 -3.54
C ARG A 84 -13.14 2.32 -4.82
N LYS A 85 -13.90 2.64 -5.88
CA LYS A 85 -13.82 2.00 -7.19
C LYS A 85 -13.59 3.11 -8.21
N LYS A 86 -13.25 2.77 -9.45
CA LYS A 86 -12.99 3.74 -10.51
C LYS A 86 -13.52 3.24 -11.85
N ARG A 87 -13.37 4.05 -12.92
CA ARG A 87 -13.82 3.68 -14.26
C ARG A 87 -13.05 2.45 -14.73
N LYS A 88 -13.53 1.78 -15.79
CA LYS A 88 -12.90 0.55 -16.33
C LYS A 88 -12.68 -0.43 -15.17
N PRO A 89 -13.75 -0.87 -14.47
CA PRO A 89 -13.63 -1.82 -13.36
C PRO A 89 -13.17 -3.17 -13.91
N GLN A 90 -11.99 -3.62 -13.50
CA GLN A 90 -11.43 -4.88 -13.93
C GLN A 90 -11.94 -5.93 -12.97
N GLY A 1 1.41 7.55 -19.03
CA GLY A 1 0.06 8.14 -19.07
C GLY A 1 0.14 9.44 -19.84
N SER A 2 -0.60 10.47 -19.44
CA SER A 2 -0.54 11.75 -20.14
C SER A 2 0.85 12.35 -19.90
N SER A 3 1.36 13.15 -20.84
CA SER A 3 2.68 13.76 -20.72
C SER A 3 2.57 15.15 -20.06
N GLY A 4 3.72 15.79 -19.86
CA GLY A 4 3.84 17.11 -19.27
C GLY A 4 3.70 17.13 -17.75
N SER A 5 2.49 16.96 -17.24
CA SER A 5 2.22 16.97 -15.80
C SER A 5 2.78 18.22 -15.09
N SER A 6 2.80 19.37 -15.76
CA SER A 6 3.32 20.65 -15.28
C SER A 6 4.85 20.68 -15.13
N GLY A 7 5.55 19.56 -15.34
CA GLY A 7 7.00 19.45 -15.23
C GLY A 7 7.45 18.46 -16.29
N GLU A 8 7.53 17.19 -15.91
CA GLU A 8 7.93 16.07 -16.75
C GLU A 8 7.27 14.81 -16.18
N SER A 9 7.38 13.68 -16.89
CA SER A 9 6.82 12.41 -16.44
C SER A 9 7.97 11.45 -16.15
N GLU A 10 8.56 11.60 -14.97
CA GLU A 10 9.67 10.79 -14.45
C GLU A 10 9.07 9.78 -13.46
N GLU A 11 8.11 10.23 -12.67
CA GLU A 11 7.38 9.47 -11.65
C GLU A 11 6.51 8.37 -12.25
N GLU A 12 6.40 8.26 -13.57
CA GLU A 12 5.59 7.26 -14.25
C GLU A 12 6.16 5.84 -14.03
N ASP A 13 7.43 5.74 -13.63
CA ASP A 13 8.13 4.48 -13.39
C ASP A 13 8.77 4.41 -12.00
N LYS A 14 8.45 5.35 -11.10
CA LYS A 14 9.01 5.40 -9.74
C LYS A 14 7.91 5.36 -8.68
N CYS A 15 8.31 5.39 -7.41
CA CYS A 15 7.46 5.35 -6.23
C CYS A 15 7.89 6.51 -5.35
N LYS A 16 7.10 7.58 -5.33
CA LYS A 16 7.35 8.80 -4.57
C LYS A 16 7.51 8.60 -3.07
N PRO A 17 8.07 9.62 -2.38
CA PRO A 17 8.23 9.61 -0.93
C PRO A 17 6.83 9.68 -0.29
N MET A 18 6.74 9.40 1.01
CA MET A 18 5.49 9.42 1.75
C MET A 18 5.73 10.18 3.04
N SER A 19 5.02 11.30 3.17
CA SER A 19 5.10 12.19 4.32
C SER A 19 4.52 11.52 5.57
N TYR A 20 4.77 12.12 6.74
CA TYR A 20 4.23 11.59 8.00
C TYR A 20 2.70 11.56 7.90
N GLU A 21 2.13 12.59 7.28
CA GLU A 21 0.70 12.75 7.08
C GLU A 21 0.16 11.62 6.18
N GLU A 22 0.92 11.15 5.19
CA GLU A 22 0.50 10.08 4.28
C GLU A 22 0.45 8.78 5.05
N LYS A 23 1.50 8.49 5.81
CA LYS A 23 1.61 7.29 6.62
C LYS A 23 0.44 7.20 7.58
N ARG A 24 0.15 8.30 8.28
CA ARG A 24 -0.96 8.34 9.22
C ARG A 24 -2.26 8.12 8.47
N GLN A 25 -2.49 8.79 7.34
CA GLN A 25 -3.72 8.64 6.54
C GLN A 25 -3.92 7.17 6.19
N LEU A 26 -2.86 6.44 5.83
CA LEU A 26 -2.94 5.02 5.48
C LEU A 26 -3.54 4.24 6.65
N SER A 27 -3.17 4.62 7.88
CA SER A 27 -3.66 3.98 9.08
C SER A 27 -5.17 4.18 9.21
N LEU A 28 -5.69 5.39 8.99
CA LEU A 28 -7.12 5.67 9.10
C LEU A 28 -7.88 4.68 8.24
N ASP A 29 -7.55 4.62 6.94
CA ASP A 29 -8.17 3.73 5.96
C ASP A 29 -8.07 2.28 6.40
N ILE A 30 -6.90 1.84 6.88
CA ILE A 30 -6.68 0.46 7.34
C ILE A 30 -7.69 0.15 8.45
N ASN A 31 -7.83 1.05 9.42
CA ASN A 31 -8.73 0.88 10.55
C ASN A 31 -10.23 0.85 10.14
N LYS A 32 -10.56 1.06 8.86
CA LYS A 32 -11.92 1.02 8.32
C LYS A 32 -12.13 -0.30 7.57
N LEU A 33 -11.15 -1.21 7.51
CA LEU A 33 -11.29 -2.46 6.81
C LEU A 33 -11.68 -3.60 7.76
N PRO A 34 -12.38 -4.62 7.25
CA PRO A 34 -12.77 -5.78 8.05
C PRO A 34 -11.52 -6.67 8.23
N GLY A 35 -11.46 -7.50 9.26
CA GLY A 35 -10.30 -8.38 9.48
C GLY A 35 -10.04 -9.32 8.31
N GLU A 36 -11.10 -9.72 7.59
CA GLU A 36 -11.00 -10.62 6.45
C GLU A 36 -10.30 -9.98 5.25
N LYS A 37 -10.26 -8.64 5.20
CA LYS A 37 -9.57 -7.93 4.12
C LYS A 37 -8.22 -7.45 4.66
N LEU A 38 -8.13 -7.13 5.96
CA LEU A 38 -6.90 -6.69 6.59
C LEU A 38 -5.81 -7.76 6.39
N GLY A 39 -6.18 -9.04 6.40
CA GLY A 39 -5.22 -10.12 6.22
C GLY A 39 -4.42 -10.02 4.92
N ARG A 40 -4.90 -9.37 3.85
CA ARG A 40 -4.10 -9.25 2.61
C ARG A 40 -2.98 -8.23 2.81
N VAL A 41 -3.16 -7.24 3.68
CA VAL A 41 -2.19 -6.19 3.95
C VAL A 41 -0.85 -6.80 4.34
N VAL A 42 -0.82 -7.80 5.23
CA VAL A 42 0.43 -8.44 5.66
C VAL A 42 1.20 -9.01 4.45
N HIS A 43 0.50 -9.53 3.44
CA HIS A 43 1.13 -10.09 2.26
C HIS A 43 1.76 -9.00 1.40
N ILE A 44 1.16 -7.81 1.35
CA ILE A 44 1.71 -6.71 0.55
C ILE A 44 3.07 -6.34 1.15
N ILE A 45 3.23 -6.28 2.48
CA ILE A 45 4.55 -5.96 3.02
C ILE A 45 5.51 -7.10 2.64
N GLN A 46 5.10 -8.37 2.66
CA GLN A 46 5.98 -9.48 2.27
C GLN A 46 6.44 -9.30 0.79
N SER A 47 5.73 -8.51 -0.02
CA SER A 47 6.08 -8.23 -1.41
C SER A 47 7.28 -7.28 -1.47
N ARG A 48 7.60 -6.55 -0.39
CA ARG A 48 8.72 -5.62 -0.30
C ARG A 48 9.80 -6.09 0.66
N GLU A 49 9.43 -6.89 1.65
CA GLU A 49 10.33 -7.40 2.67
C GLU A 49 10.58 -8.91 2.45
N PRO A 50 11.69 -9.30 1.79
CA PRO A 50 12.00 -10.70 1.53
C PRO A 50 12.18 -11.52 2.80
N SER A 51 12.93 -11.01 3.78
CA SER A 51 13.15 -11.72 5.03
C SER A 51 11.82 -11.98 5.75
N LEU A 52 10.97 -10.97 5.86
CA LEU A 52 9.66 -11.09 6.51
C LEU A 52 8.73 -12.00 5.71
N LYS A 53 9.06 -12.34 4.46
CA LYS A 53 8.23 -13.25 3.67
C LYS A 53 8.34 -14.69 4.23
N ASN A 54 9.20 -14.92 5.21
CA ASN A 54 9.42 -16.22 5.85
C ASN A 54 8.95 -16.16 7.31
N SER A 55 8.13 -15.17 7.67
CA SER A 55 7.61 -14.98 9.02
C SER A 55 6.09 -15.22 9.05
N ASN A 56 5.53 -15.39 10.25
CA ASN A 56 4.10 -15.64 10.44
C ASN A 56 3.34 -14.31 10.37
N PRO A 57 2.07 -14.29 9.90
CA PRO A 57 1.33 -13.04 9.80
C PRO A 57 1.00 -12.45 11.17
N ASP A 58 0.65 -13.31 12.13
CA ASP A 58 0.27 -12.92 13.49
C ASP A 58 1.46 -12.42 14.34
N GLU A 59 2.66 -12.31 13.76
CA GLU A 59 3.85 -11.86 14.45
C GLU A 59 4.46 -10.62 13.78
N ILE A 60 4.07 -10.29 12.55
CA ILE A 60 4.61 -9.15 11.84
C ILE A 60 3.88 -7.87 12.23
N GLU A 61 4.61 -6.96 12.86
CA GLU A 61 4.14 -5.66 13.30
C GLU A 61 4.13 -4.72 12.08
N ILE A 62 3.17 -3.80 11.99
CA ILE A 62 3.05 -2.83 10.92
C ILE A 62 3.50 -1.49 11.51
N ASP A 63 4.71 -1.04 11.18
CA ASP A 63 5.26 0.23 11.66
C ASP A 63 5.61 1.02 10.42
N PHE A 64 5.06 2.22 10.29
CA PHE A 64 5.28 3.08 9.12
C PHE A 64 6.60 3.82 9.27
N GLU A 65 7.19 3.73 10.46
CA GLU A 65 8.44 4.34 10.80
C GLU A 65 9.64 3.52 10.30
N THR A 66 9.44 2.27 9.88
CA THR A 66 10.50 1.39 9.40
C THR A 66 10.24 0.95 7.96
N LEU A 67 9.00 1.05 7.44
CA LEU A 67 8.73 0.63 6.08
C LEU A 67 9.18 1.74 5.12
N LYS A 68 9.42 1.37 3.86
CA LYS A 68 9.84 2.31 2.84
C LYS A 68 8.62 3.05 2.32
N PRO A 69 8.78 4.25 1.74
CA PRO A 69 7.65 5.00 1.20
C PRO A 69 7.01 4.23 0.05
N SER A 70 7.80 3.50 -0.73
CA SER A 70 7.30 2.74 -1.86
C SER A 70 6.35 1.64 -1.42
N THR A 71 6.52 1.08 -0.23
CA THR A 71 5.65 0.02 0.29
C THR A 71 4.24 0.58 0.45
N LEU A 72 4.10 1.78 1.03
CA LEU A 72 2.81 2.42 1.26
C LEU A 72 2.00 2.60 0.00
N ARG A 73 2.61 2.86 -1.16
CA ARG A 73 1.92 3.03 -2.44
C ARG A 73 1.02 1.85 -2.75
N GLU A 74 1.50 0.63 -2.54
CA GLU A 74 0.72 -0.58 -2.81
C GLU A 74 -0.37 -0.74 -1.75
N LEU A 75 -0.10 -0.30 -0.53
CA LEU A 75 -1.05 -0.39 0.57
C LEU A 75 -2.21 0.59 0.29
N GLU A 76 -1.93 1.80 -0.16
CA GLU A 76 -2.89 2.85 -0.50
C GLU A 76 -3.82 2.30 -1.58
N ARG A 77 -3.23 1.76 -2.65
CA ARG A 77 -3.96 1.20 -3.78
C ARG A 77 -4.83 0.03 -3.32
N TYR A 78 -4.44 -0.71 -2.28
CA TYR A 78 -5.24 -1.81 -1.80
C TYR A 78 -6.44 -1.24 -1.03
N VAL A 79 -6.20 -0.45 0.02
CA VAL A 79 -7.26 0.13 0.84
C VAL A 79 -8.26 0.91 -0.01
N THR A 80 -7.83 1.87 -0.82
CA THR A 80 -8.74 2.66 -1.64
C THR A 80 -9.59 1.77 -2.52
N SER A 81 -9.09 0.70 -3.12
CA SER A 81 -9.93 -0.15 -3.97
C SER A 81 -10.90 -0.98 -3.13
N CYS A 82 -10.55 -1.37 -1.89
CA CYS A 82 -11.49 -2.11 -1.05
C CYS A 82 -12.64 -1.15 -0.67
N LEU A 83 -12.31 0.13 -0.51
CA LEU A 83 -13.19 1.25 -0.16
C LEU A 83 -13.77 1.90 -1.43
N ARG A 84 -13.48 1.40 -2.64
CA ARG A 84 -13.96 1.97 -3.89
C ARG A 84 -14.24 0.91 -4.95
N LYS A 85 -15.52 0.54 -5.09
CA LYS A 85 -15.99 -0.45 -6.06
C LYS A 85 -15.58 -0.05 -7.48
N LYS A 86 -15.50 -1.01 -8.39
CA LYS A 86 -15.11 -0.84 -9.80
C LYS A 86 -16.23 -1.41 -10.64
N ARG A 87 -17.19 -0.58 -11.08
CA ARG A 87 -18.34 -1.01 -11.87
C ARG A 87 -18.36 -0.38 -13.26
N LYS A 88 -17.66 -0.99 -14.22
CA LYS A 88 -17.61 -0.56 -15.62
C LYS A 88 -17.79 -1.83 -16.45
N PRO A 89 -19.03 -2.34 -16.58
CA PRO A 89 -19.31 -3.56 -17.33
C PRO A 89 -19.17 -3.28 -18.83
N GLN A 90 -18.14 -3.86 -19.45
CA GLN A 90 -17.82 -3.75 -20.87
C GLN A 90 -17.11 -5.04 -21.26
N GLY A 1 -9.03 11.94 -32.12
CA GLY A 1 -9.69 11.39 -30.94
C GLY A 1 -9.33 12.22 -29.73
N SER A 2 -9.75 11.77 -28.55
CA SER A 2 -9.48 12.40 -27.26
C SER A 2 -8.03 12.12 -26.84
N SER A 3 -7.63 12.60 -25.66
CA SER A 3 -6.30 12.39 -25.12
C SER A 3 -6.08 10.89 -24.87
N GLY A 4 -4.82 10.47 -24.85
CA GLY A 4 -4.41 9.10 -24.63
C GLY A 4 -3.32 9.05 -23.59
N SER A 5 -2.12 8.65 -24.00
CA SER A 5 -0.92 8.50 -23.18
C SER A 5 -1.21 7.96 -21.77
N SER A 6 -2.03 6.91 -21.71
CA SER A 6 -2.41 6.26 -20.46
C SER A 6 -1.19 5.52 -19.90
N GLY A 7 -1.14 5.32 -18.58
CA GLY A 7 -0.04 4.63 -17.93
C GLY A 7 1.26 5.40 -18.10
N GLU A 8 1.34 6.56 -17.46
CA GLU A 8 2.50 7.44 -17.51
C GLU A 8 3.74 6.80 -16.89
N SER A 9 3.56 5.91 -15.92
CA SER A 9 4.64 5.20 -15.24
C SER A 9 4.25 3.72 -15.21
N GLU A 10 3.81 3.17 -16.35
CA GLU A 10 3.43 1.76 -16.44
C GLU A 10 4.70 0.93 -16.65
N GLU A 11 5.68 1.50 -17.37
CA GLU A 11 6.95 0.89 -17.65
C GLU A 11 7.94 1.29 -16.55
N GLU A 12 8.11 2.60 -16.36
CA GLU A 12 9.02 3.15 -15.35
C GLU A 12 8.63 2.80 -13.91
N ASP A 13 7.33 2.55 -13.66
CA ASP A 13 6.71 2.19 -12.38
C ASP A 13 7.43 2.78 -11.15
N LYS A 14 7.39 4.11 -11.03
CA LYS A 14 8.03 4.85 -9.94
C LYS A 14 7.05 5.28 -8.85
N CYS A 15 7.58 5.56 -7.66
CA CYS A 15 6.91 6.04 -6.47
C CYS A 15 7.51 7.40 -6.10
N LYS A 16 6.88 8.07 -5.13
CA LYS A 16 7.24 9.37 -4.57
C LYS A 16 7.36 9.24 -3.05
N PRO A 17 7.97 10.22 -2.35
CA PRO A 17 8.09 10.16 -0.91
C PRO A 17 6.71 10.14 -0.25
N MET A 18 6.68 9.70 1.01
CA MET A 18 5.48 9.59 1.82
C MET A 18 5.83 10.21 3.17
N SER A 19 5.13 11.28 3.52
CA SER A 19 5.30 12.00 4.77
C SER A 19 4.54 11.28 5.88
N TYR A 20 4.69 11.76 7.11
CA TYR A 20 4.03 11.22 8.30
C TYR A 20 2.51 11.26 8.12
N GLU A 21 2.00 12.32 7.50
CA GLU A 21 0.57 12.52 7.26
C GLU A 21 0.03 11.47 6.30
N GLU A 22 0.81 11.09 5.29
CA GLU A 22 0.43 10.08 4.30
C GLU A 22 0.41 8.73 5.00
N LYS A 23 1.46 8.45 5.79
CA LYS A 23 1.61 7.22 6.56
C LYS A 23 0.44 7.06 7.52
N ARG A 24 0.03 8.15 8.19
CA ARG A 24 -1.09 8.11 9.12
C ARG A 24 -2.36 7.84 8.35
N GLN A 25 -2.68 8.59 7.29
CA GLN A 25 -3.90 8.40 6.50
C GLN A 25 -4.07 6.94 6.08
N LEU A 26 -2.98 6.32 5.62
CA LEU A 26 -2.98 4.93 5.21
C LEU A 26 -3.55 4.04 6.33
N SER A 27 -3.14 4.29 7.57
CA SER A 27 -3.58 3.54 8.73
C SER A 27 -5.08 3.71 8.98
N LEU A 28 -5.64 4.92 8.83
CA LEU A 28 -7.06 5.15 9.05
C LEU A 28 -7.89 4.30 8.11
N ASP A 29 -7.53 4.28 6.82
CA ASP A 29 -8.26 3.49 5.83
C ASP A 29 -8.03 2.00 6.06
N ILE A 30 -6.83 1.59 6.48
CA ILE A 30 -6.51 0.20 6.77
C ILE A 30 -7.46 -0.26 7.89
N ASN A 31 -7.60 0.55 8.94
CA ASN A 31 -8.45 0.24 10.09
C ASN A 31 -9.93 0.13 9.72
N LYS A 32 -10.38 0.58 8.54
CA LYS A 32 -11.77 0.46 8.12
C LYS A 32 -12.04 -0.95 7.57
N LEU A 33 -11.01 -1.73 7.23
CA LEU A 33 -11.16 -3.07 6.69
C LEU A 33 -11.62 -4.06 7.76
N PRO A 34 -12.29 -5.14 7.34
CA PRO A 34 -12.72 -6.17 8.26
C PRO A 34 -11.49 -7.02 8.60
N GLY A 35 -11.43 -7.61 9.80
CA GLY A 35 -10.31 -8.44 10.21
C GLY A 35 -10.11 -9.62 9.27
N GLU A 36 -11.20 -10.13 8.67
CA GLU A 36 -11.19 -11.24 7.73
C GLU A 36 -10.31 -10.94 6.50
N LYS A 37 -10.20 -9.65 6.12
CA LYS A 37 -9.41 -9.21 4.96
C LYS A 37 -8.16 -8.46 5.37
N LEU A 38 -7.97 -8.18 6.66
CA LEU A 38 -6.80 -7.44 7.11
C LEU A 38 -5.53 -8.24 6.88
N GLY A 39 -5.54 -9.57 7.07
CA GLY A 39 -4.35 -10.39 6.87
C GLY A 39 -3.80 -10.26 5.44
N ARG A 40 -4.62 -9.91 4.45
CA ARG A 40 -4.15 -9.73 3.08
C ARG A 40 -3.19 -8.55 2.99
N VAL A 41 -3.38 -7.54 3.81
CA VAL A 41 -2.53 -6.35 3.85
C VAL A 41 -1.09 -6.79 4.14
N VAL A 42 -0.86 -7.74 5.05
CA VAL A 42 0.48 -8.20 5.40
C VAL A 42 1.24 -8.75 4.17
N HIS A 43 0.54 -9.43 3.27
CA HIS A 43 1.13 -10.00 2.06
C HIS A 43 1.76 -8.87 1.23
N ILE A 44 1.19 -7.67 1.26
CA ILE A 44 1.70 -6.53 0.51
C ILE A 44 3.06 -6.13 1.08
N ILE A 45 3.19 -6.01 2.41
CA ILE A 45 4.48 -5.65 3.00
C ILE A 45 5.50 -6.75 2.72
N GLN A 46 5.13 -8.03 2.85
CA GLN A 46 6.05 -9.13 2.59
C GLN A 46 6.66 -9.07 1.18
N SER A 47 5.99 -8.45 0.21
CA SER A 47 6.53 -8.34 -1.14
C SER A 47 7.77 -7.42 -1.12
N ARG A 48 7.82 -6.47 -0.18
CA ARG A 48 8.90 -5.49 -0.01
C ARG A 48 9.90 -5.90 1.07
N GLU A 49 9.47 -6.65 2.07
CA GLU A 49 10.31 -7.10 3.17
C GLU A 49 10.57 -8.60 2.99
N PRO A 50 11.59 -9.01 2.19
CA PRO A 50 11.88 -10.41 1.97
C PRO A 50 12.26 -11.14 3.26
N SER A 51 12.87 -10.46 4.22
CA SER A 51 13.26 -11.05 5.50
C SER A 51 12.04 -11.37 6.38
N LEU A 52 10.88 -10.80 6.08
CA LEU A 52 9.62 -11.01 6.79
C LEU A 52 8.66 -11.86 5.96
N LYS A 53 9.06 -12.24 4.75
CA LYS A 53 8.23 -13.03 3.87
C LYS A 53 8.08 -14.43 4.48
N ASN A 54 6.87 -14.96 4.38
CA ASN A 54 6.40 -16.25 4.87
C ASN A 54 6.12 -16.21 6.37
N SER A 55 6.37 -15.11 7.06
CA SER A 55 6.06 -15.02 8.49
C SER A 55 4.54 -14.92 8.61
N ASN A 56 3.97 -15.33 9.75
CA ASN A 56 2.52 -15.28 9.96
C ASN A 56 2.10 -13.84 10.24
N PRO A 57 0.88 -13.39 9.88
CA PRO A 57 0.46 -12.02 10.16
C PRO A 57 0.52 -11.73 11.66
N ASP A 58 0.14 -12.70 12.50
CA ASP A 58 0.14 -12.58 13.96
C ASP A 58 1.54 -12.35 14.56
N GLU A 59 2.60 -12.52 13.77
CA GLU A 59 3.98 -12.35 14.21
C GLU A 59 4.63 -11.08 13.66
N ILE A 60 4.02 -10.46 12.65
CA ILE A 60 4.52 -9.25 11.99
C ILE A 60 4.01 -7.98 12.67
N GLU A 61 4.66 -6.85 12.39
CA GLU A 61 4.34 -5.53 12.90
C GLU A 61 4.46 -4.53 11.76
N ILE A 62 3.64 -3.48 11.75
CA ILE A 62 3.65 -2.45 10.72
C ILE A 62 4.23 -1.19 11.34
N ASP A 63 5.42 -0.80 10.89
CA ASP A 63 6.13 0.39 11.36
C ASP A 63 6.40 1.27 10.16
N PHE A 64 5.66 2.37 10.00
CA PHE A 64 5.83 3.29 8.86
C PHE A 64 7.18 4.03 8.91
N GLU A 65 7.85 3.81 10.02
CA GLU A 65 9.13 4.29 10.45
C GLU A 65 10.25 3.55 9.71
N THR A 66 10.04 2.28 9.37
CA THR A 66 11.01 1.47 8.65
C THR A 66 10.43 1.09 7.28
N LEU A 67 9.11 1.18 7.09
CA LEU A 67 8.54 0.83 5.79
C LEU A 67 8.91 1.92 4.81
N LYS A 68 9.49 1.50 3.68
CA LYS A 68 9.93 2.40 2.62
C LYS A 68 8.79 3.20 2.02
N PRO A 69 9.07 4.39 1.46
CA PRO A 69 8.06 5.22 0.82
C PRO A 69 7.51 4.55 -0.45
N SER A 70 8.10 3.46 -0.91
CA SER A 70 7.73 2.64 -2.07
C SER A 70 6.87 1.42 -1.66
N THR A 71 6.73 1.15 -0.35
CA THR A 71 5.90 0.05 0.16
C THR A 71 4.49 0.56 0.45
N LEU A 72 4.40 1.76 1.01
CA LEU A 72 3.16 2.42 1.42
C LEU A 72 2.13 2.60 0.30
N ARG A 73 2.52 2.97 -0.92
CA ARG A 73 1.57 3.17 -2.01
C ARG A 73 0.92 1.86 -2.37
N GLU A 74 1.61 0.72 -2.26
CA GLU A 74 1.00 -0.56 -2.60
C GLU A 74 -0.12 -0.90 -1.62
N LEU A 75 -0.01 -0.42 -0.37
CA LEU A 75 -0.98 -0.61 0.69
C LEU A 75 -2.13 0.38 0.45
N GLU A 76 -1.82 1.65 0.23
CA GLU A 76 -2.75 2.74 -0.04
C GLU A 76 -3.64 2.43 -1.23
N ARG A 77 -3.04 1.94 -2.31
CA ARG A 77 -3.75 1.59 -3.54
C ARG A 77 -4.74 0.47 -3.27
N TYR A 78 -4.39 -0.46 -2.38
CA TYR A 78 -5.27 -1.56 -2.03
C TYR A 78 -6.50 -1.04 -1.30
N VAL A 79 -6.32 -0.34 -0.17
CA VAL A 79 -7.44 0.22 0.60
C VAL A 79 -8.32 1.08 -0.30
N THR A 80 -7.71 1.98 -1.08
CA THR A 80 -8.41 2.86 -1.99
C THR A 80 -9.23 2.05 -3.00
N SER A 81 -8.80 0.85 -3.39
CA SER A 81 -9.49 0.02 -4.36
C SER A 81 -10.54 -0.90 -3.73
N CYS A 82 -10.37 -1.25 -2.46
CA CYS A 82 -11.31 -2.09 -1.75
C CYS A 82 -12.52 -1.22 -1.40
N LEU A 83 -12.25 -0.05 -0.82
CA LEU A 83 -13.25 0.91 -0.41
C LEU A 83 -13.88 1.60 -1.63
N ARG A 84 -13.07 2.26 -2.45
CA ARG A 84 -13.52 2.99 -3.63
C ARG A 84 -13.29 2.15 -4.88
N LYS A 85 -14.34 1.94 -5.68
CA LYS A 85 -14.22 1.17 -6.90
C LYS A 85 -13.27 1.84 -7.90
N LYS A 86 -12.39 1.07 -8.55
CA LYS A 86 -11.44 1.58 -9.54
C LYS A 86 -11.71 0.88 -10.87
N ARG A 87 -11.87 1.64 -11.96
CA ARG A 87 -12.13 1.11 -13.30
C ARG A 87 -11.51 2.06 -14.32
N LYS A 88 -11.11 1.56 -15.49
CA LYS A 88 -10.52 2.38 -16.56
C LYS A 88 -11.62 3.22 -17.22
N PRO A 89 -11.28 4.27 -17.99
CA PRO A 89 -12.25 5.08 -18.68
C PRO A 89 -12.82 4.24 -19.81
N GLN A 90 -14.09 3.86 -19.65
CA GLN A 90 -14.89 3.05 -20.55
C GLN A 90 -14.10 1.87 -21.09
N GLY A 1 -14.53 11.68 -18.49
CA GLY A 1 -13.24 11.57 -19.17
C GLY A 1 -12.13 11.28 -18.19
N SER A 2 -11.00 10.80 -18.68
CA SER A 2 -9.84 10.46 -17.86
C SER A 2 -9.25 11.69 -17.18
N SER A 3 -8.95 12.74 -17.96
CA SER A 3 -8.38 14.01 -17.52
C SER A 3 -7.06 13.84 -16.71
N GLY A 4 -6.40 12.69 -16.81
CA GLY A 4 -5.16 12.36 -16.11
C GLY A 4 -3.94 13.04 -16.73
N SER A 5 -2.77 12.69 -16.21
CA SER A 5 -1.45 13.17 -16.61
C SER A 5 -1.09 12.77 -18.04
N SER A 6 0.03 13.29 -18.55
CA SER A 6 0.54 13.01 -19.89
C SER A 6 1.80 12.13 -19.86
N GLY A 7 2.45 11.98 -18.71
CA GLY A 7 3.66 11.19 -18.56
C GLY A 7 4.89 12.06 -18.78
N GLU A 8 4.89 13.26 -18.22
CA GLU A 8 5.96 14.23 -18.32
C GLU A 8 7.12 13.79 -17.41
N SER A 9 8.13 13.11 -17.98
CA SER A 9 9.31 12.59 -17.28
C SER A 9 9.03 11.63 -16.12
N GLU A 10 7.75 11.30 -15.87
CA GLU A 10 7.24 10.43 -14.83
C GLU A 10 7.97 9.09 -14.71
N GLU A 11 8.57 8.60 -15.79
CA GLU A 11 9.32 7.36 -15.80
C GLU A 11 10.53 7.33 -14.87
N GLU A 12 11.09 8.48 -14.48
CA GLU A 12 12.25 8.48 -13.59
C GLU A 12 11.83 8.40 -12.12
N ASP A 13 10.55 8.61 -11.83
CA ASP A 13 9.99 8.58 -10.49
C ASP A 13 9.37 7.21 -10.29
N LYS A 14 10.22 6.19 -10.09
CA LYS A 14 9.77 4.81 -9.88
C LYS A 14 8.87 4.70 -8.65
N CYS A 15 9.01 5.61 -7.69
CA CYS A 15 8.24 5.71 -6.46
C CYS A 15 8.31 7.16 -5.99
N LYS A 16 7.46 7.53 -5.03
CA LYS A 16 7.39 8.87 -4.43
C LYS A 16 7.49 8.71 -2.92
N PRO A 17 8.01 9.71 -2.18
CA PRO A 17 8.09 9.66 -0.73
C PRO A 17 6.66 9.66 -0.18
N MET A 18 6.50 9.30 1.09
CA MET A 18 5.19 9.25 1.75
C MET A 18 5.28 10.14 2.97
N SER A 19 4.45 11.17 3.02
CA SER A 19 4.43 12.11 4.13
C SER A 19 3.83 11.43 5.36
N TYR A 20 4.11 11.97 6.56
CA TYR A 20 3.56 11.46 7.81
C TYR A 20 2.04 11.50 7.75
N GLU A 21 1.51 12.53 7.10
CA GLU A 21 0.10 12.77 6.92
C GLU A 21 -0.52 11.62 6.12
N GLU A 22 0.21 11.12 5.11
CA GLU A 22 -0.22 10.03 4.24
C GLU A 22 -0.07 8.71 5.00
N LYS A 23 1.02 8.53 5.76
CA LYS A 23 1.25 7.31 6.53
C LYS A 23 0.09 7.09 7.49
N ARG A 24 -0.24 8.14 8.26
CA ARG A 24 -1.33 8.11 9.21
C ARG A 24 -2.62 7.84 8.45
N GLN A 25 -2.90 8.57 7.36
CA GLN A 25 -4.12 8.38 6.59
C GLN A 25 -4.32 6.90 6.20
N LEU A 26 -3.25 6.22 5.78
CA LEU A 26 -3.29 4.82 5.39
C LEU A 26 -3.74 3.98 6.59
N SER A 27 -3.18 4.26 7.76
CA SER A 27 -3.46 3.60 9.03
C SER A 27 -4.96 3.76 9.38
N LEU A 28 -5.53 4.94 9.13
CA LEU A 28 -6.94 5.21 9.40
C LEU A 28 -7.80 4.37 8.47
N ASP A 29 -7.48 4.29 7.18
CA ASP A 29 -8.26 3.50 6.22
C ASP A 29 -8.15 2.01 6.53
N ILE A 30 -6.99 1.55 7.00
CA ILE A 30 -6.73 0.16 7.36
C ILE A 30 -7.74 -0.31 8.39
N ASN A 31 -8.05 0.53 9.38
CA ASN A 31 -9.01 0.19 10.43
C ASN A 31 -10.46 0.10 9.94
N LYS A 32 -10.73 0.43 8.67
CA LYS A 32 -12.07 0.37 8.08
C LYS A 32 -12.27 -0.95 7.31
N LEU A 33 -11.26 -1.81 7.27
CA LEU A 33 -11.33 -3.10 6.58
C LEU A 33 -11.71 -4.17 7.60
N PRO A 34 -12.51 -5.19 7.21
CA PRO A 34 -12.88 -6.25 8.12
C PRO A 34 -11.66 -7.13 8.42
N GLY A 35 -11.68 -7.84 9.55
CA GLY A 35 -10.58 -8.71 9.97
C GLY A 35 -10.22 -9.72 8.90
N GLU A 36 -11.23 -10.36 8.29
CA GLU A 36 -11.10 -11.35 7.24
C GLU A 36 -10.19 -10.87 6.10
N LYS A 37 -10.31 -9.59 5.71
CA LYS A 37 -9.50 -9.00 4.64
C LYS A 37 -8.22 -8.37 5.19
N LEU A 38 -8.14 -7.99 6.46
CA LEU A 38 -6.94 -7.36 7.01
C LEU A 38 -5.72 -8.25 6.82
N GLY A 39 -5.85 -9.56 7.02
CA GLY A 39 -4.74 -10.50 6.85
C GLY A 39 -4.17 -10.55 5.45
N ARG A 40 -4.76 -9.86 4.46
CA ARG A 40 -4.22 -9.80 3.10
C ARG A 40 -3.25 -8.63 3.02
N VAL A 41 -3.51 -7.55 3.77
CA VAL A 41 -2.67 -6.35 3.80
C VAL A 41 -1.23 -6.72 4.16
N VAL A 42 -1.02 -7.52 5.19
CA VAL A 42 0.32 -7.93 5.63
C VAL A 42 1.12 -8.55 4.46
N HIS A 43 0.46 -9.30 3.58
CA HIS A 43 1.07 -9.96 2.42
C HIS A 43 1.62 -8.97 1.40
N ILE A 44 1.06 -7.75 1.35
CA ILE A 44 1.53 -6.73 0.41
C ILE A 44 2.97 -6.39 0.82
N ILE A 45 3.21 -6.15 2.13
CA ILE A 45 4.55 -5.82 2.62
C ILE A 45 5.48 -7.01 2.36
N GLN A 46 5.04 -8.26 2.56
CA GLN A 46 5.87 -9.44 2.33
C GLN A 46 6.40 -9.50 0.88
N SER A 47 5.73 -8.85 -0.08
CA SER A 47 6.20 -8.84 -1.47
C SER A 47 7.41 -7.92 -1.62
N ARG A 48 7.57 -6.96 -0.71
CA ARG A 48 8.68 -6.00 -0.69
C ARG A 48 9.77 -6.41 0.29
N GLU A 49 9.42 -7.05 1.40
CA GLU A 49 10.38 -7.43 2.42
C GLU A 49 10.51 -8.96 2.50
N PRO A 50 11.54 -9.58 1.89
CA PRO A 50 11.72 -11.03 1.92
C PRO A 50 11.96 -11.59 3.33
N SER A 51 12.63 -10.84 4.21
CA SER A 51 12.87 -11.32 5.58
C SER A 51 11.53 -11.55 6.26
N LEU A 52 10.68 -10.52 6.24
CA LEU A 52 9.35 -10.53 6.82
C LEU A 52 8.43 -11.51 6.08
N LYS A 53 8.75 -11.87 4.83
CA LYS A 53 7.94 -12.81 4.05
C LYS A 53 7.97 -14.20 4.69
N ASN A 54 9.00 -14.50 5.46
CA ASN A 54 9.16 -15.79 6.12
C ASN A 54 8.56 -15.80 7.53
N SER A 55 8.12 -14.65 8.04
CA SER A 55 7.49 -14.49 9.34
C SER A 55 5.99 -14.85 9.21
N ASN A 56 5.19 -14.79 10.28
CA ASN A 56 3.76 -15.13 10.24
C ASN A 56 2.91 -13.85 10.20
N PRO A 57 1.71 -13.85 9.58
CA PRO A 57 0.87 -12.66 9.51
C PRO A 57 0.51 -12.07 10.87
N ASP A 58 0.27 -12.89 11.89
CA ASP A 58 -0.07 -12.44 13.25
C ASP A 58 1.19 -12.15 14.09
N GLU A 59 2.38 -12.22 13.47
CA GLU A 59 3.67 -11.95 14.09
C GLU A 59 4.40 -10.80 13.39
N ILE A 60 3.81 -10.21 12.34
CA ILE A 60 4.40 -9.11 11.58
C ILE A 60 3.76 -7.79 11.99
N GLU A 61 4.48 -7.02 12.81
CA GLU A 61 4.06 -5.71 13.27
C GLU A 61 4.26 -4.74 12.09
N ILE A 62 3.25 -3.95 11.69
CA ILE A 62 3.39 -3.03 10.55
C ILE A 62 3.64 -1.61 11.08
N ASP A 63 4.74 -0.99 10.66
CA ASP A 63 5.12 0.37 11.03
C ASP A 63 5.36 1.14 9.73
N PHE A 64 4.91 2.39 9.62
CA PHE A 64 5.02 3.21 8.43
C PHE A 64 6.29 4.06 8.41
N GLU A 65 7.05 4.03 9.48
CA GLU A 65 8.25 4.80 9.63
C GLU A 65 9.46 4.00 9.18
N THR A 66 9.47 2.70 9.47
CA THR A 66 10.57 1.82 9.11
C THR A 66 10.43 1.32 7.68
N LEU A 67 9.21 1.13 7.18
CA LEU A 67 8.96 0.64 5.84
C LEU A 67 9.34 1.68 4.80
N LYS A 68 9.66 1.21 3.60
CA LYS A 68 10.04 2.09 2.51
C LYS A 68 8.82 2.78 1.95
N PRO A 69 8.97 3.99 1.40
CA PRO A 69 7.86 4.72 0.81
C PRO A 69 7.21 3.92 -0.32
N SER A 70 8.02 3.21 -1.09
CA SER A 70 7.54 2.39 -2.19
C SER A 70 6.57 1.32 -1.68
N THR A 71 6.86 0.70 -0.54
CA THR A 71 6.04 -0.33 0.07
C THR A 71 4.67 0.25 0.39
N LEU A 72 4.63 1.43 1.00
CA LEU A 72 3.38 2.07 1.40
C LEU A 72 2.53 2.46 0.18
N ARG A 73 3.14 2.83 -0.95
CA ARG A 73 2.38 3.19 -2.15
C ARG A 73 1.49 2.02 -2.59
N GLU A 74 1.92 0.78 -2.36
CA GLU A 74 1.15 -0.41 -2.72
C GLU A 74 -0.04 -0.58 -1.76
N LEU A 75 0.21 -0.40 -0.46
CA LEU A 75 -0.81 -0.52 0.57
C LEU A 75 -1.89 0.52 0.30
N GLU A 76 -1.48 1.75 -0.01
CA GLU A 76 -2.32 2.89 -0.33
C GLU A 76 -3.20 2.53 -1.52
N ARG A 77 -2.61 1.88 -2.54
CA ARG A 77 -3.32 1.46 -3.73
C ARG A 77 -4.44 0.51 -3.35
N TYR A 78 -4.13 -0.51 -2.53
CA TYR A 78 -5.08 -1.51 -2.09
C TYR A 78 -6.23 -0.91 -1.26
N VAL A 79 -5.96 -0.17 -0.18
CA VAL A 79 -7.02 0.40 0.64
C VAL A 79 -7.89 1.33 -0.18
N THR A 80 -7.28 2.16 -1.03
CA THR A 80 -8.03 3.10 -1.87
C THR A 80 -8.87 2.36 -2.93
N SER A 81 -8.63 1.08 -3.18
CA SER A 81 -9.40 0.30 -4.14
C SER A 81 -10.59 -0.36 -3.41
N CYS A 82 -10.37 -0.98 -2.23
CA CYS A 82 -11.43 -1.62 -1.45
C CYS A 82 -12.35 -0.63 -0.73
N LEU A 83 -11.79 0.49 -0.29
CA LEU A 83 -12.47 1.54 0.45
C LEU A 83 -12.83 2.76 -0.38
N ARG A 84 -11.90 3.20 -1.24
CA ARG A 84 -12.05 4.36 -2.13
C ARG A 84 -12.70 5.50 -1.32
N LYS A 85 -12.05 5.91 -0.22
CA LYS A 85 -12.51 6.91 0.72
C LYS A 85 -11.73 8.22 0.74
N LYS A 86 -11.37 8.77 -0.43
CA LYS A 86 -10.66 10.06 -0.49
C LYS A 86 -11.71 11.17 -0.61
N ARG A 87 -11.30 12.41 -0.35
CA ARG A 87 -12.12 13.61 -0.44
C ARG A 87 -11.20 14.78 -0.80
N LYS A 88 -11.79 15.94 -1.15
CA LYS A 88 -11.09 17.16 -1.52
C LYS A 88 -9.98 16.96 -2.55
N PRO A 89 -10.30 16.91 -3.86
CA PRO A 89 -9.33 16.75 -4.90
C PRO A 89 -8.51 18.05 -4.91
N GLN A 90 -7.28 18.01 -4.40
CA GLN A 90 -6.41 19.17 -4.35
C GLN A 90 -5.86 19.41 -5.74
N GLY A 1 -20.11 6.32 -7.57
CA GLY A 1 -20.94 5.87 -8.71
C GLY A 1 -20.24 6.24 -10.01
N SER A 2 -21.01 6.61 -11.04
CA SER A 2 -20.46 7.01 -12.33
C SER A 2 -19.70 8.33 -12.11
N SER A 3 -18.40 8.34 -12.42
CA SER A 3 -17.49 9.47 -12.29
C SER A 3 -16.11 8.98 -12.71
N GLY A 4 -15.23 9.86 -13.17
CA GLY A 4 -13.90 9.52 -13.59
C GLY A 4 -13.57 10.20 -14.91
N SER A 5 -12.62 9.61 -15.63
CA SER A 5 -12.11 10.05 -16.91
C SER A 5 -11.70 8.78 -17.68
N SER A 6 -10.94 8.94 -18.76
CA SER A 6 -10.40 7.88 -19.60
C SER A 6 -8.86 7.88 -19.40
N GLY A 7 -8.07 7.40 -20.36
CA GLY A 7 -6.62 7.37 -20.20
C GLY A 7 -6.22 6.28 -19.22
N GLU A 8 -5.01 6.38 -18.69
CA GLU A 8 -4.42 5.43 -17.73
C GLU A 8 -3.86 6.24 -16.56
N SER A 9 -3.49 5.58 -15.45
CA SER A 9 -2.97 6.24 -14.26
C SER A 9 -1.83 5.47 -13.63
N GLU A 10 -0.65 6.08 -13.58
CA GLU A 10 0.54 5.51 -12.97
C GLU A 10 0.71 6.09 -11.56
N GLU A 11 0.09 7.24 -11.27
CA GLU A 11 0.13 7.97 -10.00
C GLU A 11 -0.38 7.17 -8.79
N GLU A 12 -0.98 6.02 -9.02
CA GLU A 12 -1.54 5.12 -8.03
C GLU A 12 -0.61 3.95 -7.68
N ASP A 13 0.50 3.77 -8.39
CA ASP A 13 1.46 2.69 -8.16
C ASP A 13 2.87 3.23 -8.38
N LYS A 14 3.33 4.03 -7.42
CA LYS A 14 4.64 4.68 -7.43
C LYS A 14 5.41 4.32 -6.17
N CYS A 15 6.53 5.00 -5.93
CA CYS A 15 7.38 4.80 -4.76
C CYS A 15 7.73 6.15 -4.12
N LYS A 16 6.85 7.14 -4.29
CA LYS A 16 6.97 8.51 -3.78
C LYS A 16 7.29 8.53 -2.28
N PRO A 17 7.93 9.60 -1.79
CA PRO A 17 8.25 9.72 -0.37
C PRO A 17 6.93 9.87 0.36
N MET A 18 6.66 9.00 1.33
CA MET A 18 5.41 9.02 2.07
C MET A 18 5.52 10.01 3.24
N SER A 19 4.68 11.02 3.26
CA SER A 19 4.70 12.02 4.32
C SER A 19 4.23 11.39 5.63
N TYR A 20 4.54 12.00 6.77
CA TYR A 20 4.10 11.48 8.06
C TYR A 20 2.58 11.44 8.11
N GLU A 21 1.93 12.41 7.46
CA GLU A 21 0.48 12.51 7.41
C GLU A 21 -0.10 11.54 6.38
N GLU A 22 0.60 11.29 5.27
CA GLU A 22 0.15 10.34 4.25
C GLU A 22 0.11 8.97 4.93
N LYS A 23 1.17 8.65 5.67
CA LYS A 23 1.31 7.42 6.44
C LYS A 23 0.16 7.29 7.45
N ARG A 24 -0.18 8.38 8.13
CA ARG A 24 -1.27 8.35 9.11
C ARG A 24 -2.59 8.10 8.41
N GLN A 25 -2.90 8.77 7.30
CA GLN A 25 -4.14 8.57 6.58
C GLN A 25 -4.29 7.11 6.17
N LEU A 26 -3.23 6.50 5.63
CA LEU A 26 -3.22 5.11 5.21
C LEU A 26 -3.66 4.21 6.37
N SER A 27 -3.21 4.52 7.59
CA SER A 27 -3.55 3.77 8.79
C SER A 27 -5.06 3.80 9.03
N LEU A 28 -5.72 4.95 8.87
CA LEU A 28 -7.15 5.08 9.08
C LEU A 28 -7.88 4.16 8.11
N ASP A 29 -7.55 4.27 6.82
CA ASP A 29 -8.16 3.49 5.76
C ASP A 29 -7.95 1.99 5.95
N ILE A 30 -6.80 1.61 6.50
CA ILE A 30 -6.45 0.23 6.82
C ILE A 30 -7.39 -0.25 7.93
N ASN A 31 -7.76 0.63 8.88
CA ASN A 31 -8.66 0.28 9.98
C ASN A 31 -10.11 0.18 9.55
N LYS A 32 -10.50 0.64 8.35
CA LYS A 32 -11.89 0.55 7.88
C LYS A 32 -12.16 -0.78 7.16
N LEU A 33 -11.15 -1.61 6.92
CA LEU A 33 -11.30 -2.88 6.22
C LEU A 33 -11.91 -3.95 7.14
N PRO A 34 -12.57 -4.98 6.58
CA PRO A 34 -13.15 -6.05 7.37
C PRO A 34 -12.00 -6.93 7.87
N GLY A 35 -12.16 -7.55 9.04
CA GLY A 35 -11.16 -8.41 9.66
C GLY A 35 -10.62 -9.47 8.71
N GLU A 36 -11.50 -10.14 7.95
CA GLU A 36 -11.08 -11.17 7.01
C GLU A 36 -10.06 -10.64 6.00
N LYS A 37 -10.37 -9.52 5.35
CA LYS A 37 -9.46 -8.99 4.34
C LYS A 37 -8.25 -8.32 4.99
N LEU A 38 -8.28 -7.97 6.28
CA LEU A 38 -7.15 -7.33 6.93
C LEU A 38 -5.90 -8.19 6.83
N GLY A 39 -6.00 -9.52 6.95
CA GLY A 39 -4.83 -10.38 6.84
C GLY A 39 -4.23 -10.39 5.43
N ARG A 40 -4.85 -9.73 4.45
CA ARG A 40 -4.29 -9.65 3.11
C ARG A 40 -3.34 -8.44 3.06
N VAL A 41 -3.54 -7.45 3.91
CA VAL A 41 -2.74 -6.24 4.00
C VAL A 41 -1.30 -6.63 4.33
N VAL A 42 -1.08 -7.38 5.41
CA VAL A 42 0.25 -7.80 5.87
C VAL A 42 1.06 -8.48 4.75
N HIS A 43 0.39 -9.23 3.87
CA HIS A 43 1.02 -9.93 2.78
C HIS A 43 1.56 -8.99 1.71
N ILE A 44 0.97 -7.79 1.53
CA ILE A 44 1.43 -6.83 0.53
C ILE A 44 2.86 -6.42 0.91
N ILE A 45 3.13 -6.21 2.20
CA ILE A 45 4.47 -5.82 2.67
C ILE A 45 5.47 -6.96 2.44
N GLN A 46 5.07 -8.23 2.61
CA GLN A 46 5.95 -9.38 2.41
C GLN A 46 6.52 -9.44 0.98
N SER A 47 5.95 -8.67 0.05
CA SER A 47 6.43 -8.59 -1.31
C SER A 47 7.71 -7.75 -1.29
N ARG A 48 7.68 -6.59 -0.62
CA ARG A 48 8.80 -5.65 -0.50
C ARG A 48 9.89 -6.15 0.43
N GLU A 49 9.49 -6.81 1.51
CA GLU A 49 10.37 -7.36 2.53
C GLU A 49 10.59 -8.84 2.21
N PRO A 50 11.64 -9.21 1.47
CA PRO A 50 11.87 -10.61 1.13
C PRO A 50 12.10 -11.45 2.38
N SER A 51 12.72 -10.90 3.43
CA SER A 51 12.99 -11.61 4.66
C SER A 51 11.70 -11.88 5.43
N LEU A 52 10.93 -10.83 5.70
CA LEU A 52 9.66 -10.93 6.44
C LEU A 52 8.65 -11.84 5.75
N LYS A 53 8.86 -12.20 4.48
CA LYS A 53 7.99 -13.13 3.75
C LYS A 53 8.01 -14.49 4.47
N ASN A 54 9.08 -14.80 5.21
CA ASN A 54 9.22 -16.06 5.92
C ASN A 54 8.61 -16.01 7.33
N SER A 55 8.23 -14.84 7.85
CA SER A 55 7.63 -14.70 9.18
C SER A 55 6.11 -14.87 9.13
N ASN A 56 5.49 -15.02 10.30
CA ASN A 56 4.03 -15.18 10.44
C ASN A 56 3.40 -13.79 10.43
N PRO A 57 2.14 -13.62 10.00
CA PRO A 57 1.49 -12.31 9.97
C PRO A 57 1.40 -11.64 11.34
N ASP A 58 1.09 -12.39 12.40
CA ASP A 58 0.96 -11.81 13.75
C ASP A 58 2.32 -11.52 14.40
N GLU A 59 3.41 -12.03 13.82
CA GLU A 59 4.79 -11.85 14.30
C GLU A 59 5.45 -10.65 13.64
N ILE A 60 4.80 -10.03 12.66
CA ILE A 60 5.32 -8.87 11.96
C ILE A 60 4.63 -7.64 12.57
N GLU A 61 5.35 -6.52 12.63
CA GLU A 61 4.85 -5.26 13.17
C GLU A 61 4.74 -4.23 12.06
N ILE A 62 3.60 -3.55 11.97
CA ILE A 62 3.32 -2.53 10.97
C ILE A 62 3.77 -1.19 11.55
N ASP A 63 4.91 -0.70 11.08
CA ASP A 63 5.49 0.58 11.49
C ASP A 63 5.77 1.32 10.20
N PHE A 64 5.39 2.59 10.11
CA PHE A 64 5.55 3.36 8.88
C PHE A 64 6.88 4.08 8.79
N GLU A 65 7.70 3.93 9.81
CA GLU A 65 9.01 4.54 9.93
C GLU A 65 10.12 3.56 9.53
N THR A 66 9.84 2.26 9.62
CA THR A 66 10.76 1.19 9.26
C THR A 66 10.47 0.67 7.85
N LEU A 67 9.22 0.76 7.38
CA LEU A 67 8.85 0.30 6.04
C LEU A 67 9.24 1.29 4.96
N LYS A 68 9.68 0.77 3.82
CA LYS A 68 10.10 1.53 2.65
C LYS A 68 8.90 2.33 2.10
N PRO A 69 9.13 3.47 1.41
CA PRO A 69 8.06 4.28 0.85
C PRO A 69 7.23 3.51 -0.19
N SER A 70 7.88 2.63 -0.96
CA SER A 70 7.22 1.83 -1.97
C SER A 70 6.15 0.91 -1.38
N THR A 71 6.42 0.36 -0.20
CA THR A 71 5.52 -0.54 0.50
C THR A 71 4.15 0.10 0.68
N LEU A 72 4.15 1.25 1.33
CA LEU A 72 2.95 1.99 1.63
C LEU A 72 2.14 2.38 0.40
N ARG A 73 2.78 2.64 -0.74
CA ARG A 73 2.06 2.99 -1.96
C ARG A 73 1.18 1.81 -2.39
N GLU A 74 1.65 0.58 -2.19
CA GLU A 74 0.87 -0.61 -2.56
C GLU A 74 -0.29 -0.78 -1.59
N LEU A 75 -0.07 -0.47 -0.31
CA LEU A 75 -1.10 -0.57 0.72
C LEU A 75 -2.20 0.45 0.43
N GLU A 76 -1.82 1.70 0.16
CA GLU A 76 -2.71 2.81 -0.15
C GLU A 76 -3.56 2.49 -1.38
N ARG A 77 -2.96 1.93 -2.43
CA ARG A 77 -3.71 1.58 -3.62
C ARG A 77 -4.84 0.63 -3.26
N TYR A 78 -4.50 -0.45 -2.56
CA TYR A 78 -5.44 -1.48 -2.15
C TYR A 78 -6.58 -0.94 -1.28
N VAL A 79 -6.29 -0.23 -0.18
CA VAL A 79 -7.37 0.28 0.68
C VAL A 79 -8.28 1.20 -0.09
N THR A 80 -7.74 2.10 -0.91
CA THR A 80 -8.58 3.01 -1.64
C THR A 80 -9.42 2.24 -2.66
N SER A 81 -8.94 1.16 -3.26
CA SER A 81 -9.74 0.40 -4.22
C SER A 81 -10.94 -0.25 -3.52
N CYS A 82 -10.80 -0.59 -2.23
CA CYS A 82 -11.88 -1.18 -1.44
C CYS A 82 -12.89 -0.11 -0.98
N LEU A 83 -12.53 1.18 -1.08
CA LEU A 83 -13.36 2.31 -0.69
C LEU A 83 -14.04 2.93 -1.92
N ARG A 84 -13.24 3.22 -2.94
CA ARG A 84 -13.62 3.80 -4.22
C ARG A 84 -14.52 2.80 -4.96
N LYS A 85 -15.32 3.29 -5.91
CA LYS A 85 -16.26 2.51 -6.74
C LYS A 85 -17.33 1.70 -5.97
N LYS A 86 -17.25 1.54 -4.65
CA LYS A 86 -18.23 0.80 -3.85
C LYS A 86 -19.62 1.35 -4.12
N ARG A 87 -20.61 0.47 -4.19
CA ARG A 87 -22.00 0.83 -4.43
C ARG A 87 -22.80 0.27 -3.27
N LYS A 88 -22.99 1.10 -2.24
CA LYS A 88 -23.75 0.80 -1.03
C LYS A 88 -24.67 2.01 -0.91
N PRO A 89 -25.84 1.99 -1.54
CA PRO A 89 -26.77 3.11 -1.45
C PRO A 89 -27.33 3.21 -0.03
N GLN A 90 -27.87 4.37 0.29
CA GLN A 90 -28.48 4.71 1.55
C GLN A 90 -29.77 5.39 1.14
N GLY A 1 -6.72 25.33 -20.22
CA GLY A 1 -6.64 25.22 -18.76
C GLY A 1 -5.50 24.27 -18.43
N SER A 2 -5.82 23.13 -17.82
CA SER A 2 -4.88 22.09 -17.46
C SER A 2 -4.18 21.54 -18.70
N SER A 3 -3.09 20.81 -18.50
CA SER A 3 -2.28 20.19 -19.54
C SER A 3 -1.60 18.98 -18.89
N GLY A 4 -1.10 18.07 -19.71
CA GLY A 4 -0.43 16.85 -19.25
C GLY A 4 -0.62 15.77 -20.29
N SER A 5 0.19 14.72 -20.24
CA SER A 5 0.12 13.63 -21.21
C SER A 5 0.42 12.27 -20.58
N SER A 6 0.46 11.24 -21.41
CA SER A 6 0.75 9.88 -21.03
C SER A 6 1.46 9.22 -22.22
N GLY A 7 2.16 8.13 -21.93
CA GLY A 7 2.93 7.30 -22.84
C GLY A 7 3.59 6.23 -21.98
N GLU A 8 4.39 5.35 -22.55
CA GLU A 8 5.05 4.28 -21.80
C GLU A 8 6.57 4.45 -21.87
N SER A 9 7.24 4.38 -20.73
CA SER A 9 8.70 4.47 -20.55
C SER A 9 9.01 4.28 -19.06
N GLU A 10 10.28 4.12 -18.71
CA GLU A 10 10.68 3.95 -17.32
C GLU A 10 10.34 5.20 -16.50
N GLU A 11 10.21 6.36 -17.16
CA GLU A 11 9.89 7.62 -16.53
C GLU A 11 8.48 7.60 -15.92
N GLU A 12 7.63 6.67 -16.36
CA GLU A 12 6.26 6.50 -15.91
C GLU A 12 6.11 5.37 -14.89
N ASP A 13 7.16 4.60 -14.58
CA ASP A 13 7.11 3.48 -13.64
C ASP A 13 7.99 3.76 -12.42
N LYS A 14 7.62 4.79 -11.64
CA LYS A 14 8.36 5.20 -10.45
C LYS A 14 7.46 5.44 -9.24
N CYS A 15 8.05 5.62 -8.06
CA CYS A 15 7.37 5.86 -6.80
C CYS A 15 7.51 7.34 -6.43
N LYS A 16 7.03 7.70 -5.22
CA LYS A 16 7.06 9.05 -4.66
C LYS A 16 7.27 9.00 -3.14
N PRO A 17 7.56 10.10 -2.44
CA PRO A 17 7.74 10.08 -0.99
C PRO A 17 6.34 9.97 -0.33
N MET A 18 6.33 9.60 0.95
CA MET A 18 5.13 9.43 1.77
C MET A 18 5.39 10.14 3.09
N SER A 19 4.60 11.16 3.37
CA SER A 19 4.71 11.96 4.58
C SER A 19 4.08 11.22 5.77
N TYR A 20 4.24 11.78 6.97
CA TYR A 20 3.67 11.23 8.19
C TYR A 20 2.15 11.15 8.06
N GLU A 21 1.53 12.20 7.50
CA GLU A 21 0.09 12.27 7.30
C GLU A 21 -0.39 11.14 6.37
N GLU A 22 0.40 10.76 5.37
CA GLU A 22 0.05 9.68 4.44
C GLU A 22 0.11 8.36 5.19
N LYS A 23 1.23 8.10 5.85
CA LYS A 23 1.48 6.89 6.63
C LYS A 23 0.36 6.69 7.66
N ARG A 24 0.03 7.76 8.38
CA ARG A 24 -1.00 7.76 9.41
C ARG A 24 -2.36 7.52 8.76
N GLN A 25 -2.80 8.34 7.80
CA GLN A 25 -4.09 8.19 7.16
C GLN A 25 -4.27 6.78 6.62
N LEU A 26 -3.25 6.26 5.93
CA LEU A 26 -3.27 4.92 5.37
C LEU A 26 -3.53 3.88 6.47
N SER A 27 -3.10 4.12 7.71
CA SER A 27 -3.33 3.21 8.83
C SER A 27 -4.82 3.24 9.18
N LEU A 28 -5.44 4.42 9.26
CA LEU A 28 -6.85 4.54 9.57
C LEU A 28 -7.64 3.81 8.49
N ASP A 29 -7.27 4.00 7.23
CA ASP A 29 -7.89 3.37 6.07
C ASP A 29 -7.73 1.85 6.17
N ILE A 30 -6.54 1.37 6.59
CA ILE A 30 -6.25 -0.04 6.77
C ILE A 30 -7.24 -0.59 7.81
N ASN A 31 -7.49 0.16 8.89
CA ASN A 31 -8.41 -0.27 9.95
C ASN A 31 -9.87 -0.32 9.46
N LYS A 32 -10.22 0.29 8.32
CA LYS A 32 -11.59 0.22 7.79
C LYS A 32 -11.83 -1.13 7.12
N LEU A 33 -10.79 -1.95 6.93
CA LEU A 33 -10.92 -3.27 6.32
C LEU A 33 -11.37 -4.24 7.41
N PRO A 34 -12.25 -5.20 7.10
CA PRO A 34 -12.70 -6.19 8.06
C PRO A 34 -11.55 -7.13 8.38
N GLY A 35 -11.56 -7.76 9.56
CA GLY A 35 -10.52 -8.69 9.98
C GLY A 35 -10.28 -9.79 8.95
N GLU A 36 -11.34 -10.30 8.32
CA GLU A 36 -11.25 -11.34 7.31
C GLU A 36 -10.31 -10.93 6.15
N LYS A 37 -10.33 -9.65 5.78
CA LYS A 37 -9.51 -9.10 4.70
C LYS A 37 -8.23 -8.44 5.21
N LEU A 38 -8.18 -8.04 6.48
CA LEU A 38 -7.03 -7.38 7.09
C LEU A 38 -5.76 -8.21 6.93
N GLY A 39 -5.82 -9.54 7.08
CA GLY A 39 -4.65 -10.39 6.94
C GLY A 39 -3.94 -10.24 5.59
N ARG A 40 -4.69 -9.91 4.52
CA ARG A 40 -4.11 -9.73 3.19
C ARG A 40 -3.25 -8.48 3.14
N VAL A 41 -3.47 -7.50 4.02
CA VAL A 41 -2.72 -6.25 4.09
C VAL A 41 -1.27 -6.60 4.37
N VAL A 42 -0.99 -7.38 5.41
CA VAL A 42 0.37 -7.76 5.78
C VAL A 42 1.11 -8.43 4.61
N HIS A 43 0.41 -9.27 3.84
CA HIS A 43 0.99 -9.98 2.71
C HIS A 43 1.50 -9.01 1.63
N ILE A 44 0.99 -7.78 1.57
CA ILE A 44 1.43 -6.78 0.60
C ILE A 44 2.89 -6.44 0.92
N ILE A 45 3.17 -6.16 2.20
CA ILE A 45 4.50 -5.80 2.65
C ILE A 45 5.47 -6.95 2.43
N GLN A 46 5.07 -8.20 2.63
CA GLN A 46 5.96 -9.34 2.42
C GLN A 46 6.52 -9.38 0.98
N SER A 47 5.83 -8.78 0.00
CA SER A 47 6.31 -8.74 -1.39
C SER A 47 7.48 -7.76 -1.52
N ARG A 48 7.61 -6.80 -0.59
CA ARG A 48 8.67 -5.80 -0.54
C ARG A 48 9.74 -6.14 0.49
N GLU A 49 9.35 -6.83 1.56
CA GLU A 49 10.21 -7.23 2.66
C GLU A 49 10.30 -8.77 2.70
N PRO A 50 11.15 -9.42 1.88
CA PRO A 50 11.29 -10.87 1.89
C PRO A 50 11.73 -11.38 3.27
N SER A 51 12.49 -10.58 4.03
CA SER A 51 12.95 -10.90 5.37
C SER A 51 11.80 -10.99 6.38
N LEU A 52 10.61 -10.48 6.03
CA LEU A 52 9.40 -10.52 6.85
C LEU A 52 8.40 -11.52 6.26
N LYS A 53 8.71 -12.10 5.10
CA LYS A 53 7.85 -13.06 4.42
C LYS A 53 7.71 -14.39 5.15
N ASN A 54 8.70 -14.77 5.96
CA ASN A 54 8.62 -16.05 6.67
C ASN A 54 7.89 -15.94 7.99
N SER A 55 7.61 -14.72 8.47
CA SER A 55 6.90 -14.50 9.71
C SER A 55 5.39 -14.59 9.41
N ASN A 56 4.59 -15.01 10.39
CA ASN A 56 3.14 -15.10 10.21
C ASN A 56 2.61 -13.67 10.10
N PRO A 57 1.49 -13.37 9.40
CA PRO A 57 1.01 -12.00 9.30
C PRO A 57 0.61 -11.46 10.68
N ASP A 58 0.11 -12.34 11.55
CA ASP A 58 -0.29 -11.96 12.90
C ASP A 58 0.91 -11.80 13.82
N GLU A 59 2.13 -12.04 13.33
CA GLU A 59 3.37 -11.93 14.07
C GLU A 59 4.23 -10.76 13.57
N ILE A 60 3.84 -10.10 12.48
CA ILE A 60 4.56 -8.97 11.91
C ILE A 60 4.08 -7.70 12.62
N GLU A 61 4.96 -6.69 12.66
CA GLU A 61 4.80 -5.39 13.25
C GLU A 61 4.83 -4.34 12.14
N ILE A 62 3.73 -3.62 11.95
CA ILE A 62 3.60 -2.59 10.93
C ILE A 62 4.24 -1.30 11.48
N ASP A 63 5.45 -0.98 11.02
CA ASP A 63 6.20 0.21 11.42
C ASP A 63 6.39 1.06 10.17
N PHE A 64 5.71 2.21 10.07
CA PHE A 64 5.81 3.07 8.89
C PHE A 64 7.14 3.83 8.84
N GLU A 65 7.89 3.65 9.92
CA GLU A 65 9.17 4.20 10.24
C GLU A 65 10.28 3.41 9.54
N THR A 66 10.15 2.09 9.43
CA THR A 66 11.15 1.24 8.78
C THR A 66 10.76 0.98 7.32
N LEU A 67 9.46 1.01 7.01
CA LEU A 67 8.99 0.72 5.66
C LEU A 67 9.31 1.86 4.70
N LYS A 68 9.66 1.49 3.47
CA LYS A 68 10.01 2.45 2.42
C LYS A 68 8.75 3.14 1.90
N PRO A 69 8.86 4.33 1.30
CA PRO A 69 7.72 5.07 0.76
C PRO A 69 7.02 4.29 -0.37
N SER A 70 7.72 3.37 -1.02
CA SER A 70 7.19 2.54 -2.08
C SER A 70 6.28 1.45 -1.51
N THR A 71 6.63 0.87 -0.35
CA THR A 71 5.83 -0.18 0.27
C THR A 71 4.45 0.38 0.65
N LEU A 72 4.41 1.64 1.09
CA LEU A 72 3.15 2.27 1.48
C LEU A 72 2.27 2.54 0.24
N ARG A 73 2.88 2.82 -0.92
CA ARG A 73 2.16 3.10 -2.16
C ARG A 73 1.29 1.90 -2.55
N GLU A 74 1.83 0.70 -2.36
CA GLU A 74 1.14 -0.54 -2.70
C GLU A 74 -0.09 -0.72 -1.80
N LEU A 75 0.03 -0.30 -0.53
CA LEU A 75 -1.04 -0.39 0.47
C LEU A 75 -2.11 0.65 0.14
N GLU A 76 -1.72 1.89 -0.18
CA GLU A 76 -2.61 2.98 -0.55
C GLU A 76 -3.47 2.53 -1.72
N ARG A 77 -2.85 1.97 -2.76
CA ARG A 77 -3.56 1.49 -3.94
C ARG A 77 -4.61 0.46 -3.52
N TYR A 78 -4.27 -0.43 -2.59
CA TYR A 78 -5.17 -1.45 -2.10
C TYR A 78 -6.36 -0.81 -1.35
N VAL A 79 -6.14 0.01 -0.30
CA VAL A 79 -7.25 0.63 0.44
C VAL A 79 -8.14 1.43 -0.50
N THR A 80 -7.58 2.28 -1.35
CA THR A 80 -8.33 3.08 -2.30
C THR A 80 -9.13 2.21 -3.27
N SER A 81 -8.72 0.97 -3.52
CA SER A 81 -9.46 0.08 -4.41
C SER A 81 -10.59 -0.62 -3.66
N CYS A 82 -10.56 -0.65 -2.32
CA CYS A 82 -11.58 -1.25 -1.48
C CYS A 82 -12.62 -0.20 -1.06
N LEU A 83 -12.15 0.93 -0.55
CA LEU A 83 -12.95 2.05 -0.05
C LEU A 83 -13.54 2.90 -1.17
N ARG A 84 -12.69 3.44 -2.03
CA ARG A 84 -13.06 4.31 -3.16
C ARG A 84 -13.42 3.51 -4.41
N LYS A 85 -12.83 2.32 -4.57
CA LYS A 85 -13.02 1.41 -5.70
C LYS A 85 -12.72 2.10 -7.02
N LYS A 86 -11.65 2.91 -7.14
CA LYS A 86 -11.33 3.59 -8.40
C LYS A 86 -11.22 2.59 -9.57
N ARG A 87 -10.84 1.32 -9.32
CA ARG A 87 -10.74 0.29 -10.36
C ARG A 87 -12.04 0.22 -11.17
N LYS A 88 -13.19 0.39 -10.50
CA LYS A 88 -14.52 0.38 -11.05
C LYS A 88 -15.42 1.08 -10.02
N PRO A 89 -15.58 2.41 -10.12
CA PRO A 89 -16.42 3.18 -9.21
C PRO A 89 -17.90 2.85 -9.44
N GLN A 90 -18.83 3.49 -8.71
CA GLN A 90 -20.27 3.24 -8.83
C GLN A 90 -21.06 4.45 -9.29
#